data_4FXY
#
_entry.id   4FXY
#
_cell.length_a   88.000
_cell.length_b   131.400
_cell.length_c   144.800
_cell.angle_alpha   90.00
_cell.angle_beta   90.00
_cell.angle_gamma   90.00
#
_symmetry.space_group_name_H-M   'P 21 21 21'
#
loop_
_entity.id
_entity.type
_entity.pdbx_description
1 polymer 'Neurolysin, mitochondrial'
2 non-polymer 1-{(2S)-1-[(3R)-3-(2-chlorophenyl)-2-(2-fluorophenyl)pyrazolidin-1-yl]-1-oxopropan-2-yl}-3-[(1R,3S,5R,7R)-tricyclo[3.3.1.1~3,7~]dec-2-yl]urea
3 non-polymer 'ZINC ION'
4 water water
#
_entity_poly.entity_id   1
_entity_poly.type   'polypeptide(L)'
_entity_poly.pdbx_seq_one_letter_code
;DRWIRPRDLQMVMTLGKELASPLQAMSSYTAAGRNVLRWDLSPEQIKTRTEQLIAQTKQVYDTVGTIALKEVTYENCLQV
LADIEVTYIVERTMLDFPQHVSSDREVRAASTEADKKLSRFDIEMSMREDVFQRIVHLQETCDLEKIKPEARRYLEKSIK
MGKRNGLHLSEAIRNEIKSMKKRMSELCIDFNKNLNEDDTSLVFSKAELGALPDDFIDSLEKTDEDKYKVTLKYPHYFPV
MKKCCVPETRRKMEMAFHTRCKQENTAILQQLLPLRAQVAKLLGYNTHADFVLELNTAKSTSRVAAFLDDLSQKLKPLGE
AEREFILSLKKKECEERGFEYDGKINAWDLHYYMTQTEELKYSVDQESLKEYFPIEVVTEGLLSIYQELLGLSFEQVPDA
HVWNKSVSLYTVKDKATGEVLGQFYLDLYPREGKYNHAACFGLQPGCLLPDGSRMMSVAALVVNFSQPVAGRPSLLRHDE
VRTYFHEFGHVMHQICAQTDFARFSGTNVETDFVEVPSQMLENWVWDVDSLRKLSKHYKDGHPITDELLEKLVASRLVNT
GLLTLRQIVLSKVDQSLHTNATLDAASEYAKYCTEILGVAATPGTNMPATFGHLAGGYDGQYYGYLWSEVFSMDMFHSCF
KKEGIMNPEVGMKYRNLILKPGGSLDGMDMLQNFLQREPNQKAFLMSRGLNGS
;
_entity_poly.pdbx_strand_id   P,Q
#
# COMPACT_ATOMS: atom_id res chain seq x y z
N SER A 27 -27.30 -5.28 57.66
CA SER A 27 -27.70 -5.93 56.41
C SER A 27 -27.21 -5.15 55.20
N SER A 28 -26.42 -5.82 54.36
CA SER A 28 -26.01 -5.28 53.07
C SER A 28 -26.99 -5.72 52.00
N TYR A 29 -28.19 -6.08 52.42
CA TYR A 29 -29.20 -6.61 51.50
C TYR A 29 -30.52 -5.84 51.59
N THR A 30 -30.47 -4.67 52.24
CA THR A 30 -31.55 -3.69 52.17
C THR A 30 -30.98 -2.33 51.82
N ALA A 31 -31.85 -1.37 51.58
CA ALA A 31 -31.43 0.00 51.36
C ALA A 31 -31.95 0.87 52.50
N ALA A 32 -32.72 0.24 53.39
CA ALA A 32 -33.34 0.93 54.51
C ALA A 32 -32.35 1.33 55.59
N GLY A 33 -32.35 2.61 55.93
CA GLY A 33 -31.47 3.16 56.94
C GLY A 33 -30.12 3.57 56.40
N ARG A 34 -29.83 3.16 55.17
CA ARG A 34 -28.49 3.30 54.61
C ARG A 34 -28.27 4.61 53.84
N ASN A 35 -29.35 5.30 53.48
CA ASN A 35 -29.23 6.69 53.04
C ASN A 35 -30.02 7.56 53.99
N VAL A 36 -29.32 8.39 54.74
CA VAL A 36 -29.97 9.38 55.60
C VAL A 36 -29.40 10.76 55.34
N LEU A 37 -29.01 10.98 54.09
CA LEU A 37 -28.51 12.28 53.65
C LEU A 37 -29.66 13.28 53.58
N ARG A 38 -29.46 14.45 54.18
CA ARG A 38 -30.51 15.46 54.29
C ARG A 38 -30.36 16.55 53.22
N TRP A 39 -31.40 16.78 52.44
CA TRP A 39 -31.36 17.75 51.35
C TRP A 39 -32.24 18.97 51.60
N ASP A 40 -32.71 19.14 52.84
CA ASP A 40 -33.60 20.24 53.18
C ASP A 40 -33.03 21.10 54.30
N LEU A 41 -31.71 21.16 54.38
CA LEU A 41 -31.02 21.93 55.41
C LEU A 41 -31.13 23.43 55.17
N SER A 42 -31.43 24.17 56.22
CA SER A 42 -31.47 25.62 56.16
C SER A 42 -30.05 26.18 56.15
N PRO A 43 -29.88 27.42 55.66
CA PRO A 43 -28.59 28.13 55.72
C PRO A 43 -28.01 28.16 57.13
N GLU A 44 -28.89 28.20 58.13
CA GLU A 44 -28.46 28.14 59.52
C GLU A 44 -27.96 26.75 59.89
N GLN A 45 -28.67 25.72 59.42
CA GLN A 45 -28.29 24.33 59.68
C GLN A 45 -26.96 23.98 59.03
N ILE A 46 -26.74 24.50 57.82
CA ILE A 46 -25.49 24.26 57.10
C ILE A 46 -24.33 24.96 57.82
N LYS A 47 -24.59 26.16 58.33
CA LYS A 47 -23.60 26.96 59.04
C LYS A 47 -23.09 26.24 60.29
N THR A 48 -24.02 25.66 61.04
CA THR A 48 -23.70 25.03 62.32
C THR A 48 -23.19 23.60 62.18
N ARG A 49 -23.64 22.89 61.15
CA ARG A 49 -23.13 21.55 60.88
C ARG A 49 -21.68 21.65 60.41
N THR A 50 -21.36 22.76 59.76
CA THR A 50 -20.01 23.02 59.28
C THR A 50 -19.07 23.34 60.44
N GLU A 51 -19.57 24.11 61.40
CA GLU A 51 -18.80 24.46 62.60
C GLU A 51 -18.55 23.23 63.47
N GLN A 52 -19.54 22.36 63.56
CA GLN A 52 -19.46 21.18 64.42
C GLN A 52 -18.58 20.08 63.83
N LEU A 53 -18.54 19.99 62.50
CA LEU A 53 -17.74 18.97 61.83
C LEU A 53 -16.26 19.31 61.88
N ILE A 54 -15.97 20.59 61.70
CA ILE A 54 -14.59 21.08 61.78
C ILE A 54 -14.02 20.87 63.17
N ALA A 55 -14.82 21.20 64.18
CA ALA A 55 -14.41 21.09 65.58
C ALA A 55 -14.18 19.64 65.99
N GLN A 56 -14.99 18.74 65.44
CA GLN A 56 -14.97 17.33 65.81
C GLN A 56 -13.87 16.56 65.08
N THR A 57 -13.63 16.92 63.82
CA THR A 57 -12.58 16.28 63.03
C THR A 57 -11.22 16.73 63.55
N LYS A 58 -11.15 17.99 63.97
CA LYS A 58 -9.90 18.56 64.50
C LYS A 58 -9.48 17.84 65.78
N GLN A 59 -10.47 17.48 66.61
CA GLN A 59 -10.22 16.78 67.86
C GLN A 59 -9.52 15.44 67.65
N VAL A 60 -9.91 14.74 66.60
CA VAL A 60 -9.32 13.43 66.28
C VAL A 60 -7.86 13.58 65.86
N TYR A 61 -7.60 14.52 64.97
CA TYR A 61 -6.23 14.88 64.60
C TYR A 61 -5.43 15.26 65.83
N ASP A 62 -6.03 16.08 66.68
CA ASP A 62 -5.40 16.56 67.90
C ASP A 62 -5.09 15.41 68.86
N THR A 63 -6.01 14.46 68.96
CA THR A 63 -5.85 13.30 69.82
C THR A 63 -4.69 12.43 69.35
N VAL A 64 -4.62 12.20 68.05
CA VAL A 64 -3.57 11.37 67.46
C VAL A 64 -2.19 12.00 67.60
N GLY A 65 -2.11 13.29 67.32
CA GLY A 65 -0.84 14.00 67.29
C GLY A 65 -0.17 14.18 68.64
N THR A 66 -0.84 13.80 69.72
CA THR A 66 -0.24 13.86 71.05
C THR A 66 -0.16 12.47 71.68
N ILE A 67 -0.12 11.45 70.83
CA ILE A 67 0.09 10.08 71.29
C ILE A 67 1.59 9.82 71.33
N ALA A 68 2.08 9.37 72.47
CA ALA A 68 3.50 9.05 72.60
C ALA A 68 3.88 7.97 71.60
N LEU A 69 5.05 8.13 70.98
CA LEU A 69 5.52 7.19 69.96
C LEU A 69 5.66 5.79 70.54
N LYS A 70 5.89 5.69 71.84
CA LYS A 70 5.97 4.41 72.53
C LYS A 70 4.60 3.72 72.51
N GLU A 71 3.56 4.52 72.38
CA GLU A 71 2.19 4.06 72.64
C GLU A 71 1.30 3.87 71.40
N VAL A 72 1.82 4.19 70.22
CA VAL A 72 1.00 4.16 69.02
C VAL A 72 0.63 2.73 68.59
N THR A 73 -0.51 2.59 67.93
CA THR A 73 -0.94 1.31 67.38
C THR A 73 -1.50 1.52 65.99
N TYR A 74 -1.82 0.41 65.32
CA TYR A 74 -2.63 0.45 64.11
C TYR A 74 -3.99 1.01 64.48
N GLU A 75 -4.48 0.61 65.65
CA GLU A 75 -5.82 0.96 66.12
C GLU A 75 -6.01 2.44 66.44
N ASN A 76 -5.07 3.02 67.18
CA ASN A 76 -5.24 4.38 67.68
C ASN A 76 -4.59 5.46 66.82
N CYS A 77 -4.03 5.06 65.69
CA CYS A 77 -3.49 6.01 64.73
C CYS A 77 -4.19 5.86 63.38
N LEU A 78 -3.97 4.72 62.73
CA LEU A 78 -4.41 4.51 61.36
C LEU A 78 -5.92 4.26 61.23
N GLN A 79 -6.50 3.63 62.24
CA GLN A 79 -7.92 3.25 62.17
C GLN A 79 -8.82 4.41 62.58
N VAL A 80 -8.40 5.19 63.58
CA VAL A 80 -9.15 6.36 64.01
C VAL A 80 -9.08 7.44 62.93
N LEU A 81 -8.02 7.41 62.13
CA LEU A 81 -7.85 8.35 61.04
C LEU A 81 -8.80 8.00 59.90
N ALA A 82 -8.93 6.70 59.63
CA ALA A 82 -9.81 6.22 58.57
C ALA A 82 -11.27 6.39 58.93
N ASP A 83 -11.59 6.19 60.20
CA ASP A 83 -12.96 6.29 60.68
C ASP A 83 -13.49 7.71 60.63
N ILE A 84 -12.62 8.69 60.92
CA ILE A 84 -13.02 10.08 60.87
C ILE A 84 -13.04 10.59 59.43
N GLU A 85 -12.30 9.90 58.55
CA GLU A 85 -12.25 10.26 57.13
C GLU A 85 -13.57 9.91 56.44
N VAL A 86 -14.15 8.78 56.82
CA VAL A 86 -15.46 8.39 56.28
C VAL A 86 -16.53 9.32 56.81
N THR A 87 -16.49 9.56 58.13
CA THR A 87 -17.43 10.45 58.80
C THR A 87 -17.38 11.86 58.22
N TYR A 88 -16.17 12.31 57.91
CA TYR A 88 -15.96 13.63 57.34
C TYR A 88 -16.61 13.73 55.96
N ILE A 89 -16.30 12.76 55.11
CA ILE A 89 -16.74 12.76 53.72
C ILE A 89 -18.27 12.80 53.56
N VAL A 90 -18.98 11.99 54.33
CA VAL A 90 -20.43 11.89 54.20
C VAL A 90 -21.15 13.14 54.71
N GLU A 91 -20.69 13.67 55.84
CA GLU A 91 -21.27 14.87 56.43
C GLU A 91 -20.97 16.09 55.56
N ARG A 92 -19.81 16.06 54.90
CA ARG A 92 -19.39 17.16 54.03
C ARG A 92 -20.32 17.28 52.84
N THR A 93 -20.79 16.13 52.35
CA THR A 93 -21.66 16.08 51.17
C THR A 93 -22.98 16.82 51.40
N MET A 94 -23.47 16.82 52.64
CA MET A 94 -24.70 17.54 52.95
C MET A 94 -24.45 19.04 52.97
N LEU A 95 -23.17 19.42 52.96
CA LEU A 95 -22.77 20.81 53.15
C LEU A 95 -22.26 21.48 51.87
N ASP A 96 -21.62 20.72 50.99
CA ASP A 96 -20.95 21.29 49.83
C ASP A 96 -21.63 20.93 48.51
N PHE A 97 -22.71 20.17 48.58
CA PHE A 97 -23.44 19.74 47.39
C PHE A 97 -24.70 20.58 47.06
N PRO A 98 -25.44 21.06 48.09
CA PRO A 98 -26.50 22.04 47.83
C PRO A 98 -26.12 23.21 46.92
N GLN A 99 -24.85 23.62 46.92
CA GLN A 99 -24.42 24.76 46.12
C GLN A 99 -24.52 24.52 44.61
N HIS A 100 -24.83 23.28 44.22
CA HIS A 100 -24.78 22.89 42.82
C HIS A 100 -26.13 22.49 42.23
N VAL A 101 -27.14 22.29 43.09
CA VAL A 101 -28.39 21.69 42.65
C VAL A 101 -29.63 22.31 43.32
N SER A 102 -29.42 23.00 44.43
CA SER A 102 -30.54 23.57 45.18
C SER A 102 -31.26 24.67 44.41
N SER A 103 -32.52 24.89 44.76
CA SER A 103 -33.33 25.92 44.11
C SER A 103 -33.42 27.18 44.97
N ASP A 104 -32.99 27.08 46.22
CA ASP A 104 -32.97 28.23 47.12
C ASP A 104 -31.58 28.87 47.11
N ARG A 105 -31.53 30.15 46.74
CA ARG A 105 -30.27 30.86 46.61
C ARG A 105 -29.55 31.03 47.95
N GLU A 106 -30.33 31.25 49.01
CA GLU A 106 -29.77 31.37 50.34
C GLU A 106 -29.14 30.07 50.82
N VAL A 107 -29.60 28.96 50.25
CA VAL A 107 -29.06 27.65 50.59
C VAL A 107 -27.80 27.35 49.77
N ARG A 108 -27.81 27.75 48.49
CA ARG A 108 -26.63 27.59 47.64
C ARG A 108 -25.47 28.44 48.13
N ALA A 109 -25.80 29.53 48.82
CA ALA A 109 -24.79 30.47 49.31
C ALA A 109 -24.17 30.01 50.63
N ALA A 110 -24.97 29.36 51.46
CA ALA A 110 -24.47 28.79 52.71
C ALA A 110 -23.57 27.61 52.37
N SER A 111 -23.92 26.91 51.30
CA SER A 111 -23.17 25.74 50.85
C SER A 111 -21.84 26.12 50.21
N THR A 112 -21.81 27.27 49.53
CA THR A 112 -20.58 27.76 48.92
C THR A 112 -19.64 28.23 50.02
N GLU A 113 -20.20 28.84 51.06
CA GLU A 113 -19.42 29.35 52.17
C GLU A 113 -18.93 28.21 53.07
N ALA A 114 -19.74 27.16 53.19
CA ALA A 114 -19.34 25.99 53.95
C ALA A 114 -18.14 25.34 53.29
N ASP A 115 -18.22 25.22 51.96
CA ASP A 115 -17.17 24.59 51.18
C ASP A 115 -15.87 25.39 51.25
N LYS A 116 -15.97 26.71 51.23
CA LYS A 116 -14.80 27.57 51.37
C LYS A 116 -14.19 27.42 52.76
N LYS A 117 -15.07 27.37 53.76
CA LYS A 117 -14.65 27.26 55.16
C LYS A 117 -14.09 25.86 55.46
N LEU A 118 -14.56 24.85 54.72
CA LEU A 118 -14.09 23.49 54.90
C LEU A 118 -12.80 23.22 54.15
N SER A 119 -12.56 23.98 53.09
CA SER A 119 -11.32 23.87 52.32
C SER A 119 -10.20 24.63 53.03
N ARG A 120 -10.57 25.70 53.75
CA ARG A 120 -9.65 26.39 54.63
C ARG A 120 -9.17 25.40 55.69
N PHE A 121 -10.10 24.56 56.13
CA PHE A 121 -9.82 23.57 57.16
C PHE A 121 -8.94 22.43 56.65
N ASP A 122 -9.03 22.13 55.35
CA ASP A 122 -8.25 21.04 54.77
C ASP A 122 -6.79 21.42 54.54
N ILE A 123 -6.57 22.66 54.12
CA ILE A 123 -5.21 23.19 54.00
C ILE A 123 -4.53 23.12 55.37
N GLU A 124 -5.29 23.48 56.40
CA GLU A 124 -4.80 23.43 57.77
C GLU A 124 -4.45 22.00 58.19
N MET A 125 -5.31 21.06 57.84
CA MET A 125 -5.09 19.66 58.19
C MET A 125 -3.97 19.03 57.37
N SER A 126 -3.73 19.56 56.17
CA SER A 126 -2.70 19.04 55.29
C SER A 126 -1.29 19.29 55.85
N MET A 127 -1.18 20.18 56.82
CA MET A 127 0.11 20.52 57.40
C MET A 127 0.27 20.03 58.83
N ARG A 128 -0.54 19.02 59.20
CA ARG A 128 -0.46 18.44 60.54
C ARG A 128 0.70 17.45 60.64
N GLU A 129 1.86 17.95 61.04
CA GLU A 129 3.09 17.15 61.15
C GLU A 129 3.09 16.23 62.37
N ASP A 130 2.28 16.57 63.37
CA ASP A 130 2.15 15.75 64.56
C ASP A 130 1.53 14.40 64.21
N VAL A 131 0.49 14.44 63.37
CA VAL A 131 -0.22 13.24 62.96
C VAL A 131 0.63 12.46 61.95
N PHE A 132 1.41 13.19 61.16
CA PHE A 132 2.28 12.58 60.15
C PHE A 132 3.40 11.79 60.82
N GLN A 133 3.93 12.35 61.90
CA GLN A 133 5.03 11.73 62.63
C GLN A 133 4.60 10.42 63.30
N ARG A 134 3.33 10.31 63.63
CA ARG A 134 2.82 9.14 64.34
C ARG A 134 2.77 7.91 63.45
N ILE A 135 2.47 8.11 62.17
CA ILE A 135 2.27 7.00 61.25
C ILE A 135 3.53 6.61 60.49
N VAL A 136 4.51 7.51 60.45
CA VAL A 136 5.84 7.15 59.97
C VAL A 136 6.43 6.17 60.96
N HIS A 137 6.21 6.45 62.24
CA HIS A 137 6.67 5.61 63.33
C HIS A 137 6.03 4.23 63.28
N LEU A 138 4.74 4.21 62.95
CA LEU A 138 3.99 2.95 62.86
C LEU A 138 4.52 2.08 61.72
N GLN A 139 4.89 2.71 60.61
CA GLN A 139 5.44 2.01 59.46
C GLN A 139 6.83 1.47 59.81
N GLU A 140 7.51 2.18 60.70
CA GLU A 140 8.85 1.81 61.13
C GLU A 140 8.87 0.57 62.02
N THR A 141 7.82 0.40 62.82
CA THR A 141 7.79 -0.64 63.84
C THR A 141 6.96 -1.86 63.45
N CYS A 142 5.65 -1.68 63.37
CA CYS A 142 4.71 -2.79 63.16
C CYS A 142 4.99 -3.60 61.89
N ASP A 143 4.61 -4.87 61.91
CA ASP A 143 4.83 -5.76 60.79
C ASP A 143 3.83 -5.48 59.67
N LEU A 144 4.36 -5.12 58.50
CA LEU A 144 3.52 -4.76 57.35
C LEU A 144 2.77 -5.93 56.74
N GLU A 145 3.14 -7.15 57.13
CA GLU A 145 2.63 -8.35 56.47
C GLU A 145 1.60 -9.08 57.32
N LYS A 146 1.19 -8.44 58.42
CA LYS A 146 0.15 -8.97 59.29
C LYS A 146 -1.10 -8.11 59.26
N ILE A 147 -1.15 -7.20 58.27
CA ILE A 147 -2.35 -6.42 58.00
C ILE A 147 -2.77 -6.62 56.54
N LYS A 148 -3.94 -6.09 56.20
CA LYS A 148 -4.50 -6.25 54.86
C LYS A 148 -3.73 -5.39 53.86
N PRO A 149 -3.64 -5.86 52.60
CA PRO A 149 -2.93 -5.14 51.53
C PRO A 149 -3.44 -3.71 51.33
N GLU A 150 -4.74 -3.50 51.52
CA GLU A 150 -5.31 -2.17 51.36
C GLU A 150 -5.03 -1.30 52.58
N ALA A 151 -4.83 -1.95 53.73
CA ALA A 151 -4.46 -1.24 54.95
C ALA A 151 -3.00 -0.83 54.87
N ARG A 152 -2.21 -1.63 54.15
CA ARG A 152 -0.81 -1.31 53.89
C ARG A 152 -0.77 -0.13 52.95
N ARG A 153 -1.75 -0.08 52.06
CA ARG A 153 -1.85 0.97 51.05
C ARG A 153 -2.29 2.30 51.67
N TYR A 154 -3.18 2.22 52.65
CA TYR A 154 -3.65 3.41 53.35
C TYR A 154 -2.48 4.01 54.13
N LEU A 155 -1.60 3.14 54.63
CA LEU A 155 -0.41 3.56 55.36
C LEU A 155 0.56 4.27 54.43
N GLU A 156 1.02 3.55 53.41
CA GLU A 156 2.05 4.04 52.50
C GLU A 156 1.67 5.29 51.73
N LYS A 157 0.39 5.46 51.44
CA LYS A 157 -0.04 6.61 50.64
C LYS A 157 -0.42 7.82 51.50
N SER A 158 -0.70 7.60 52.78
CA SER A 158 -0.90 8.71 53.70
C SER A 158 0.45 9.34 54.03
N ILE A 159 1.49 8.50 54.03
CA ILE A 159 2.85 8.96 54.30
C ILE A 159 3.44 9.63 53.06
N LYS A 160 3.12 9.09 51.88
CA LYS A 160 3.54 9.70 50.63
C LYS A 160 2.83 11.04 50.47
N MET A 161 1.63 11.12 51.04
CA MET A 161 0.84 12.35 51.03
C MET A 161 1.55 13.46 51.79
N GLY A 162 2.02 13.14 52.99
CA GLY A 162 2.67 14.10 53.87
C GLY A 162 4.05 14.50 53.42
N LYS A 163 4.71 13.66 52.62
CA LYS A 163 6.01 14.00 52.08
C LYS A 163 5.88 14.83 50.80
N ARG A 164 4.69 14.81 50.22
CA ARG A 164 4.38 15.64 49.06
C ARG A 164 3.84 16.98 49.52
N ASN A 165 3.75 17.14 50.85
CA ASN A 165 3.48 18.44 51.45
C ASN A 165 4.69 18.93 52.22
N GLY A 166 5.69 18.07 52.34
CA GLY A 166 6.95 18.43 52.96
C GLY A 166 6.98 18.33 54.48
N LEU A 167 6.08 17.54 55.05
CA LEU A 167 5.97 17.40 56.51
C LEU A 167 7.20 16.75 57.14
N HIS A 168 8.04 16.12 56.31
CA HIS A 168 9.25 15.48 56.79
C HIS A 168 10.42 16.47 56.77
N LEU A 169 10.15 17.65 56.22
CA LEU A 169 11.18 18.67 56.07
C LEU A 169 11.15 19.66 57.23
N SER A 170 12.10 20.60 57.23
CA SER A 170 12.23 21.55 58.33
C SER A 170 11.04 22.50 58.43
N GLU A 171 10.93 23.16 59.57
CA GLU A 171 9.81 24.03 59.88
C GLU A 171 9.95 25.38 59.17
N ALA A 172 11.02 25.52 58.38
CA ALA A 172 11.38 26.82 57.80
C ALA A 172 11.05 26.94 56.30
N ILE A 173 11.20 25.84 55.56
CA ILE A 173 10.80 25.84 54.17
C ILE A 173 9.34 25.45 54.09
N ARG A 174 8.90 24.71 55.11
CA ARG A 174 7.49 24.37 55.24
C ARG A 174 6.66 25.64 55.42
N ASN A 175 7.11 26.53 56.29
CA ASN A 175 6.46 27.82 56.47
C ASN A 175 6.50 28.65 55.19
N GLU A 176 7.53 28.42 54.38
CA GLU A 176 7.66 29.12 53.12
C GLU A 176 6.88 28.44 52.00
N ILE A 177 6.83 27.11 52.01
CA ILE A 177 6.04 26.35 51.06
C ILE A 177 4.56 26.68 51.27
N LYS A 178 4.19 26.82 52.54
CA LYS A 178 2.83 27.20 52.92
C LYS A 178 2.46 28.55 52.34
N SER A 179 3.39 29.50 52.45
CA SER A 179 3.19 30.84 51.93
C SER A 179 3.14 30.86 50.40
N MET A 180 4.00 30.06 49.77
CA MET A 180 4.07 29.99 48.32
C MET A 180 2.79 29.40 47.74
N LYS A 181 2.18 28.45 48.44
CA LYS A 181 0.96 27.80 47.97
C LYS A 181 -0.27 28.68 48.16
N LYS A 182 -0.23 29.58 49.13
CA LYS A 182 -1.34 30.49 49.37
C LYS A 182 -1.38 31.56 48.28
N ARG A 183 -0.25 31.74 47.60
CA ARG A 183 -0.17 32.70 46.53
C ARG A 183 -0.60 32.09 45.20
N MET A 184 -0.28 30.81 45.03
CA MET A 184 -0.75 30.08 43.86
C MET A 184 -2.27 30.03 43.89
N SER A 185 -2.82 29.96 45.10
CA SER A 185 -4.26 29.95 45.30
C SER A 185 -4.86 31.28 44.85
N GLU A 186 -4.24 32.38 45.29
CA GLU A 186 -4.67 33.71 44.90
C GLU A 186 -4.60 33.91 43.38
N LEU A 187 -3.47 33.49 42.80
CA LEU A 187 -3.26 33.63 41.36
C LEU A 187 -4.28 32.83 40.54
N CYS A 188 -4.55 31.61 40.97
CA CYS A 188 -5.52 30.74 40.29
C CYS A 188 -6.95 31.29 40.39
N ILE A 189 -7.27 31.88 41.55
CA ILE A 189 -8.58 32.49 41.74
C ILE A 189 -8.74 33.67 40.79
N ASP A 190 -7.74 34.55 40.78
CA ASP A 190 -7.77 35.76 39.97
C ASP A 190 -7.71 35.47 38.47
N PHE A 191 -7.09 34.36 38.11
CA PHE A 191 -6.96 33.98 36.70
C PHE A 191 -8.33 33.72 36.08
N ASN A 192 -9.18 33.02 36.82
CA ASN A 192 -10.52 32.69 36.35
C ASN A 192 -11.55 33.79 36.64
N LYS A 193 -11.35 34.49 37.75
CA LYS A 193 -12.19 35.63 38.10
C LYS A 193 -12.06 36.72 37.04
N ASN A 194 -10.85 36.88 36.51
CA ASN A 194 -10.61 37.80 35.41
C ASN A 194 -11.42 37.44 34.18
N LEU A 195 -11.35 36.16 33.80
CA LEU A 195 -12.04 35.65 32.62
C LEU A 195 -13.56 35.65 32.77
N ASN A 196 -14.04 35.52 34.00
CA ASN A 196 -15.48 35.48 34.25
C ASN A 196 -16.12 36.85 34.38
N GLU A 197 -15.32 37.85 34.75
CA GLU A 197 -15.82 39.21 34.88
C GLU A 197 -15.68 39.97 33.56
N ASP A 198 -15.23 39.26 32.53
CA ASP A 198 -15.05 39.87 31.21
C ASP A 198 -16.39 40.02 30.48
N ASP A 199 -16.63 41.22 29.95
CA ASP A 199 -17.86 41.51 29.22
C ASP A 199 -17.53 42.19 27.88
N THR A 200 -16.62 41.57 27.14
CA THR A 200 -16.20 42.11 25.85
C THR A 200 -17.20 41.73 24.77
N SER A 201 -17.69 42.73 24.04
CA SER A 201 -18.66 42.49 22.98
C SER A 201 -18.27 43.19 21.69
N LEU A 202 -18.65 42.59 20.57
CA LEU A 202 -18.58 43.25 19.27
C LEU A 202 -20.01 43.48 18.81
N VAL A 203 -20.21 44.46 17.93
CA VAL A 203 -21.52 44.70 17.36
C VAL A 203 -21.51 44.42 15.86
N PHE A 204 -22.60 43.85 15.36
CA PHE A 204 -22.67 43.47 13.96
C PHE A 204 -24.06 43.74 13.37
N SER A 205 -24.13 43.71 12.04
CA SER A 205 -25.40 43.84 11.35
C SER A 205 -25.90 42.48 10.92
N LYS A 206 -27.13 42.42 10.40
CA LYS A 206 -27.73 41.16 10.00
C LYS A 206 -26.98 40.54 8.82
N ALA A 207 -26.29 41.38 8.07
CA ALA A 207 -25.51 40.91 6.93
C ALA A 207 -24.10 40.52 7.35
N GLU A 208 -23.62 41.13 8.42
CA GLU A 208 -22.32 40.77 8.99
C GLU A 208 -22.45 39.51 9.84
N LEU A 209 -23.69 39.08 10.04
CA LEU A 209 -23.97 37.81 10.71
C LEU A 209 -24.71 36.89 9.75
N GLY A 210 -24.08 36.63 8.61
CA GLY A 210 -24.67 35.80 7.58
C GLY A 210 -24.76 34.34 7.98
N ALA A 211 -25.79 33.66 7.48
CA ALA A 211 -25.97 32.21 7.67
C ALA A 211 -26.22 31.77 9.12
N LEU A 212 -26.36 32.73 10.03
CA LEU A 212 -26.75 32.42 11.40
C LEU A 212 -28.27 32.46 11.51
N PRO A 213 -28.86 31.47 12.19
CA PRO A 213 -30.32 31.28 12.22
C PRO A 213 -31.06 32.46 12.85
N ASP A 214 -32.35 32.56 12.56
CA ASP A 214 -33.19 33.58 13.18
C ASP A 214 -33.32 33.30 14.68
N ASP A 215 -33.17 32.04 15.05
CA ASP A 215 -33.18 31.64 16.45
C ASP A 215 -32.06 32.34 17.22
N PHE A 216 -30.86 32.34 16.64
CA PHE A 216 -29.69 32.92 17.28
C PHE A 216 -29.74 34.44 17.30
N ILE A 217 -30.25 35.02 16.22
CA ILE A 217 -30.24 36.47 16.06
C ILE A 217 -31.35 37.17 16.85
N ASP A 218 -32.50 36.50 17.00
CA ASP A 218 -33.56 37.01 17.85
C ASP A 218 -33.11 37.00 19.32
N SER A 219 -32.18 36.11 19.63
CA SER A 219 -31.69 35.95 21.00
C SER A 219 -30.70 37.06 21.38
N LEU A 220 -30.22 37.79 20.39
CA LEU A 220 -29.20 38.81 20.62
C LEU A 220 -29.81 40.16 21.00
N GLU A 221 -29.10 40.90 21.86
CA GLU A 221 -29.52 42.24 22.23
C GLU A 221 -29.28 43.20 21.07
N LYS A 222 -29.99 44.32 21.07
CA LYS A 222 -29.80 45.35 20.06
C LYS A 222 -29.29 46.62 20.75
N THR A 223 -28.53 47.43 20.03
CA THR A 223 -27.88 48.59 20.63
C THR A 223 -28.50 49.92 20.22
N ASP A 224 -27.84 51.02 20.58
CA ASP A 224 -28.35 52.37 20.32
C ASP A 224 -28.12 52.81 18.87
N GLU A 225 -27.18 52.16 18.18
CA GLU A 225 -27.01 52.38 16.75
C GLU A 225 -27.61 51.20 15.99
N ASP A 226 -28.51 50.51 16.68
CA ASP A 226 -29.32 49.42 16.12
C ASP A 226 -28.52 48.31 15.43
N LYS A 227 -27.46 47.85 16.10
CA LYS A 227 -26.73 46.67 15.66
C LYS A 227 -26.97 45.53 16.64
N TYR A 228 -26.42 44.36 16.32
CA TYR A 228 -26.61 43.20 17.20
C TYR A 228 -25.38 42.99 18.07
N LYS A 229 -25.59 42.92 19.38
CA LYS A 229 -24.50 42.71 20.31
C LYS A 229 -24.18 41.22 20.46
N VAL A 230 -22.94 40.85 20.14
CA VAL A 230 -22.48 39.48 20.34
C VAL A 230 -21.41 39.45 21.42
N THR A 231 -21.70 38.79 22.54
CA THR A 231 -20.70 38.69 23.61
C THR A 231 -19.66 37.64 23.26
N LEU A 232 -18.67 37.49 24.15
CA LEU A 232 -17.55 36.60 23.89
C LEU A 232 -17.67 35.32 24.71
N LYS A 233 -18.86 35.10 25.28
CA LYS A 233 -19.11 33.90 26.08
C LYS A 233 -19.39 32.71 25.14
N TYR A 234 -19.28 31.50 25.69
CA TYR A 234 -19.34 30.29 24.88
C TYR A 234 -20.60 30.08 24.02
N PRO A 235 -21.81 30.35 24.56
CA PRO A 235 -22.98 30.19 23.69
C PRO A 235 -23.18 31.30 22.64
N HIS A 236 -22.29 32.30 22.62
CA HIS A 236 -22.33 33.32 21.59
C HIS A 236 -21.21 33.12 20.58
N TYR A 237 -20.02 32.82 21.09
CA TYR A 237 -18.82 32.68 20.28
C TYR A 237 -18.89 31.51 19.29
N PHE A 238 -19.30 30.35 19.79
CA PHE A 238 -19.21 29.12 19.01
C PHE A 238 -20.19 28.95 17.85
N PRO A 239 -21.46 29.36 18.02
CA PRO A 239 -22.32 29.40 16.83
C PRO A 239 -21.72 30.24 15.71
N VAL A 240 -21.24 31.43 16.05
CA VAL A 240 -20.67 32.35 15.06
C VAL A 240 -19.47 31.75 14.30
N MET A 241 -18.56 31.09 15.03
CA MET A 241 -17.37 30.53 14.41
C MET A 241 -17.68 29.28 13.57
N LYS A 242 -18.84 28.68 13.80
CA LYS A 242 -19.22 27.45 13.12
C LYS A 242 -20.19 27.70 11.95
N LYS A 243 -20.87 28.83 11.96
CA LYS A 243 -21.98 29.03 11.05
C LYS A 243 -21.91 30.29 10.17
N CYS A 244 -21.21 31.32 10.65
CA CYS A 244 -21.20 32.61 9.94
C CYS A 244 -20.40 32.58 8.63
N CYS A 245 -21.05 32.97 7.54
CA CYS A 245 -20.43 32.90 6.22
C CYS A 245 -19.51 34.09 5.92
N VAL A 246 -19.51 35.09 6.80
CA VAL A 246 -18.60 36.23 6.67
C VAL A 246 -17.30 35.94 7.41
N PRO A 247 -16.21 35.75 6.67
CA PRO A 247 -14.91 35.40 7.28
C PRO A 247 -14.31 36.54 8.09
N GLU A 248 -14.74 37.76 7.83
CA GLU A 248 -14.23 38.93 8.55
C GLU A 248 -14.88 39.06 9.93
N THR A 249 -16.11 38.57 10.03
CA THR A 249 -16.79 38.50 11.32
C THR A 249 -16.11 37.45 12.18
N ARG A 250 -15.69 36.37 11.53
CA ARG A 250 -15.00 35.29 12.23
C ARG A 250 -13.59 35.72 12.66
N ARG A 251 -12.93 36.52 11.83
CA ARG A 251 -11.59 37.00 12.14
C ARG A 251 -11.65 37.95 13.34
N LYS A 252 -12.70 38.75 13.43
CA LYS A 252 -12.87 39.69 14.53
C LYS A 252 -13.20 39.00 15.85
N MET A 253 -14.04 37.97 15.80
CA MET A 253 -14.47 37.27 17.01
C MET A 253 -13.36 36.39 17.57
N GLU A 254 -12.50 35.87 16.71
CA GLU A 254 -11.41 35.01 17.14
C GLU A 254 -10.29 35.84 17.76
N MET A 255 -10.08 37.03 17.21
CA MET A 255 -9.08 37.94 17.74
C MET A 255 -9.49 38.43 19.14
N ALA A 256 -10.78 38.71 19.30
CA ALA A 256 -11.30 39.18 20.57
C ALA A 256 -11.32 38.04 21.59
N PHE A 257 -11.59 36.83 21.12
CA PHE A 257 -11.69 35.66 21.99
C PHE A 257 -10.33 35.30 22.59
N HIS A 258 -9.31 35.31 21.75
CA HIS A 258 -7.96 34.94 22.19
C HIS A 258 -7.08 36.14 22.53
N THR A 259 -7.72 37.25 22.90
CA THR A 259 -7.03 38.37 23.52
C THR A 259 -7.75 38.77 24.79
N ARG A 260 -8.65 37.90 25.25
CA ARG A 260 -9.36 38.11 26.51
C ARG A 260 -8.41 38.04 27.69
N CYS A 261 -8.39 39.11 28.47
CA CYS A 261 -7.50 39.22 29.63
C CYS A 261 -6.06 38.94 29.23
N LYS A 262 -5.69 39.38 28.02
CA LYS A 262 -4.43 39.01 27.40
C LYS A 262 -3.19 39.37 28.22
N GLN A 263 -3.13 40.62 28.70
CA GLN A 263 -1.89 41.10 29.29
C GLN A 263 -1.85 40.92 30.81
N GLU A 264 -3.01 40.77 31.44
CA GLU A 264 -3.07 40.59 32.89
C GLU A 264 -3.03 39.12 33.31
N ASN A 265 -3.49 38.24 32.43
CA ASN A 265 -3.39 36.80 32.70
C ASN A 265 -2.06 36.23 32.23
N THR A 266 -1.36 36.99 31.38
CA THR A 266 0.00 36.65 31.00
C THR A 266 0.91 36.92 32.20
N ALA A 267 0.62 38.01 32.91
CA ALA A 267 1.41 38.41 34.06
C ALA A 267 1.21 37.45 35.23
N ILE A 268 0.06 36.79 35.27
CA ILE A 268 -0.23 35.80 36.29
C ILE A 268 0.50 34.49 36.00
N LEU A 269 0.50 34.08 34.73
CA LEU A 269 1.21 32.87 34.33
C LEU A 269 2.73 33.04 34.51
N GLN A 270 3.21 34.28 34.39
CA GLN A 270 4.63 34.56 34.54
C GLN A 270 5.07 34.47 36.01
N GLN A 271 4.10 34.38 36.91
CA GLN A 271 4.37 34.19 38.34
C GLN A 271 4.05 32.74 38.74
N LEU A 272 2.90 32.27 38.27
CA LEU A 272 2.31 31.01 38.69
C LEU A 272 3.10 29.77 38.22
N LEU A 273 3.56 29.80 36.98
CA LEU A 273 4.28 28.65 36.41
C LEU A 273 5.70 28.48 36.98
N PRO A 274 6.45 29.59 37.16
CA PRO A 274 7.72 29.42 37.86
C PRO A 274 7.53 29.05 39.34
N LEU A 275 6.40 29.44 39.93
CA LEU A 275 6.11 29.11 41.32
C LEU A 275 5.89 27.61 41.48
N ARG A 276 5.27 26.99 40.48
CA ARG A 276 5.04 25.55 40.50
C ARG A 276 6.35 24.78 40.34
N ALA A 277 7.29 25.37 39.61
CA ALA A 277 8.60 24.76 39.40
C ALA A 277 9.40 24.80 40.69
N GLN A 278 9.17 25.84 41.48
CA GLN A 278 9.96 26.08 42.68
C GLN A 278 9.48 25.24 43.87
N VAL A 279 8.17 25.15 44.03
CA VAL A 279 7.58 24.33 45.10
C VAL A 279 7.93 22.86 44.89
N ALA A 280 7.88 22.43 43.63
CA ALA A 280 8.16 21.03 43.29
C ALA A 280 9.61 20.65 43.54
N LYS A 281 10.54 21.57 43.26
CA LYS A 281 11.96 21.30 43.49
C LYS A 281 12.29 21.26 44.98
N LEU A 282 11.54 22.02 45.77
CA LEU A 282 11.68 21.98 47.22
C LEU A 282 11.18 20.64 47.74
N LEU A 283 10.19 20.08 47.06
CA LEU A 283 9.62 18.80 47.46
C LEU A 283 10.37 17.62 46.85
N GLY A 284 11.39 17.92 46.04
CA GLY A 284 12.23 16.90 45.46
C GLY A 284 11.85 16.44 44.06
N TYR A 285 11.14 17.28 43.32
CA TYR A 285 10.75 16.94 41.96
C TYR A 285 11.36 17.90 40.94
N ASN A 286 11.75 17.35 39.79
CA ASN A 286 12.42 18.12 38.74
C ASN A 286 11.53 19.21 38.15
N THR A 287 10.31 18.85 37.79
CA THR A 287 9.33 19.79 37.27
C THR A 287 8.02 19.61 38.01
N HIS A 288 7.07 20.50 37.76
CA HIS A 288 5.75 20.37 38.36
C HIS A 288 5.00 19.20 37.70
N ALA A 289 5.31 18.96 36.44
CA ALA A 289 4.69 17.86 35.70
C ALA A 289 5.10 16.50 36.29
N ASP A 290 6.34 16.40 36.74
CA ASP A 290 6.82 15.19 37.40
C ASP A 290 6.12 15.01 38.75
N PHE A 291 5.85 16.11 39.43
CA PHE A 291 5.18 16.08 40.72
C PHE A 291 3.76 15.54 40.59
N VAL A 292 3.11 15.97 39.52
CA VAL A 292 1.74 15.58 39.26
C VAL A 292 1.66 14.11 38.80
N LEU A 293 2.54 13.76 37.88
CA LEU A 293 2.52 12.45 37.21
C LEU A 293 2.85 11.25 38.11
N GLU A 294 3.40 11.51 39.29
CA GLU A 294 3.79 10.43 40.19
C GLU A 294 2.56 9.65 40.68
N LEU A 295 1.44 10.36 40.82
CA LEU A 295 0.18 9.74 41.24
C LEU A 295 -0.63 9.28 40.04
N ASN A 296 -0.05 9.39 38.84
CA ASN A 296 -0.71 8.95 37.62
C ASN A 296 -0.16 7.63 37.08
N THR A 297 -0.85 7.06 36.11
CA THR A 297 -0.43 5.80 35.51
C THR A 297 0.58 6.01 34.37
N ALA A 298 0.83 7.27 34.04
CA ALA A 298 1.81 7.60 33.02
C ALA A 298 3.17 7.91 33.65
N LYS A 299 3.21 7.90 34.97
CA LYS A 299 4.46 7.91 35.74
C LYS A 299 5.36 9.14 35.54
N SER A 300 5.85 9.32 34.32
CA SER A 300 6.89 10.31 34.04
C SER A 300 6.51 11.29 32.93
N THR A 301 7.31 12.35 32.78
CA THR A 301 7.07 13.35 31.74
C THR A 301 7.50 12.83 30.37
N SER A 302 8.52 11.98 30.36
CA SER A 302 9.04 11.43 29.12
C SER A 302 8.09 10.37 28.55
N ARG A 303 7.38 9.69 29.45
CA ARG A 303 6.36 8.73 29.03
C ARG A 303 5.20 9.47 28.36
N VAL A 304 4.80 10.58 28.94
CA VAL A 304 3.75 11.40 28.37
C VAL A 304 4.21 12.05 27.06
N ALA A 305 5.44 12.56 27.07
CA ALA A 305 6.00 13.24 25.91
C ALA A 305 6.08 12.34 24.68
N ALA A 306 6.61 11.13 24.86
CA ALA A 306 6.72 10.19 23.75
C ALA A 306 5.33 9.75 23.29
N PHE A 307 4.42 9.59 24.25
CA PHE A 307 3.04 9.22 23.94
C PHE A 307 2.38 10.27 23.05
N LEU A 308 2.56 11.53 23.38
CA LEU A 308 1.99 12.64 22.61
C LEU A 308 2.70 12.85 21.29
N ASP A 309 4.02 12.67 21.28
CA ASP A 309 4.83 12.88 20.08
C ASP A 309 4.65 11.78 19.04
N ASP A 310 4.58 10.52 19.50
CA ASP A 310 4.47 9.39 18.59
C ASP A 310 3.02 9.15 18.16
N LEU A 311 2.14 10.06 18.55
CA LEU A 311 0.74 9.98 18.16
C LEU A 311 0.43 11.02 17.08
N SER A 312 1.24 12.09 17.06
CA SER A 312 1.12 13.11 16.03
C SER A 312 1.82 12.65 14.76
N GLN A 313 2.86 11.84 14.91
CA GLN A 313 3.51 11.22 13.76
C GLN A 313 2.57 10.20 13.14
N LYS A 314 1.74 9.59 13.99
CA LYS A 314 0.72 8.66 13.55
C LYS A 314 -0.41 9.39 12.81
N LEU A 315 -0.84 10.51 13.37
CA LEU A 315 -1.99 11.25 12.86
C LEU A 315 -1.65 12.20 11.73
N LYS A 316 -0.38 12.29 11.37
CA LYS A 316 0.09 13.32 10.44
C LYS A 316 -0.52 13.31 9.02
N PRO A 317 -0.50 12.16 8.31
CA PRO A 317 -1.05 12.21 6.95
C PRO A 317 -2.57 12.31 6.94
N LEU A 318 -3.21 11.90 8.03
CA LEU A 318 -4.66 12.04 8.15
C LEU A 318 -5.02 13.51 8.30
N GLY A 319 -4.17 14.26 8.99
CA GLY A 319 -4.34 15.70 9.14
C GLY A 319 -3.89 16.42 7.89
N GLU A 320 -2.96 15.83 7.16
CA GLU A 320 -2.53 16.35 5.87
C GLU A 320 -3.66 16.22 4.86
N ALA A 321 -4.41 15.13 4.99
CA ALA A 321 -5.57 14.88 4.12
C ALA A 321 -6.72 15.82 4.43
N GLU A 322 -6.95 16.09 5.72
CA GLU A 322 -8.06 16.93 6.15
C GLU A 322 -7.82 18.41 5.87
N ARG A 323 -6.57 18.85 5.99
CA ARG A 323 -6.21 20.22 5.65
C ARG A 323 -6.38 20.42 4.16
N GLU A 324 -6.06 19.38 3.40
CA GLU A 324 -6.13 19.43 1.94
C GLU A 324 -7.57 19.57 1.47
N PHE A 325 -8.48 18.88 2.17
CA PHE A 325 -9.88 18.86 1.80
C PHE A 325 -10.61 20.14 2.23
N ILE A 326 -10.30 20.61 3.42
CA ILE A 326 -10.90 21.84 3.96
C ILE A 326 -10.49 23.04 3.11
N LEU A 327 -9.24 23.03 2.67
CA LEU A 327 -8.71 24.12 1.84
C LEU A 327 -9.46 24.20 0.52
N SER A 328 -9.77 23.05 -0.07
CA SER A 328 -10.48 23.01 -1.34
C SER A 328 -11.95 23.42 -1.18
N LEU A 329 -12.48 23.28 0.04
CA LEU A 329 -13.81 23.78 0.35
C LEU A 329 -13.80 25.30 0.35
N LYS A 330 -12.68 25.86 0.79
CA LYS A 330 -12.53 27.30 0.92
C LYS A 330 -12.29 27.97 -0.44
N LYS A 331 -11.59 27.26 -1.32
CA LYS A 331 -11.35 27.76 -2.67
C LYS A 331 -12.69 27.78 -3.41
N LYS A 332 -13.48 26.73 -3.20
CA LYS A 332 -14.83 26.65 -3.75
C LYS A 332 -15.70 27.77 -3.24
N GLU A 333 -15.74 27.93 -1.92
CA GLU A 333 -16.62 28.90 -1.27
C GLU A 333 -16.29 30.35 -1.62
N CYS A 334 -15.00 30.69 -1.59
CA CYS A 334 -14.58 32.06 -1.89
C CYS A 334 -14.84 32.42 -3.34
N GLU A 335 -14.83 31.42 -4.21
CA GLU A 335 -15.11 31.62 -5.62
C GLU A 335 -16.57 31.97 -5.81
N GLU A 336 -17.44 31.19 -5.17
CA GLU A 336 -18.88 31.36 -5.27
C GLU A 336 -19.33 32.67 -4.62
N ARG A 337 -18.94 32.87 -3.36
CA ARG A 337 -19.48 33.99 -2.57
C ARG A 337 -18.89 35.35 -2.95
N GLY A 338 -17.82 35.32 -3.74
CA GLY A 338 -17.18 36.53 -4.21
C GLY A 338 -16.10 37.02 -3.26
N PHE A 339 -15.37 36.07 -2.67
CA PHE A 339 -14.34 36.39 -1.68
C PHE A 339 -12.93 36.21 -2.23
N GLU A 340 -11.97 36.85 -1.58
CA GLU A 340 -10.57 36.61 -1.88
C GLU A 340 -10.11 35.34 -1.18
N TYR A 341 -9.09 34.70 -1.74
CA TYR A 341 -8.64 33.42 -1.23
C TYR A 341 -7.15 33.45 -0.87
N ASP A 342 -6.86 33.48 0.43
CA ASP A 342 -5.48 33.61 0.89
C ASP A 342 -4.66 32.31 0.74
N GLY A 343 -5.34 31.17 0.68
CA GLY A 343 -4.67 29.90 0.49
C GLY A 343 -4.19 29.25 1.79
N LYS A 344 -4.61 29.79 2.93
CA LYS A 344 -4.32 29.14 4.20
C LYS A 344 -5.63 28.81 4.89
N ILE A 345 -5.58 27.86 5.83
CA ILE A 345 -6.63 27.73 6.82
C ILE A 345 -6.18 28.58 8.01
N ASN A 346 -6.88 29.69 8.25
CA ASN A 346 -6.57 30.50 9.41
C ASN A 346 -7.25 29.93 10.64
N ALA A 347 -7.00 30.53 11.80
CA ALA A 347 -7.58 30.04 13.04
C ALA A 347 -9.08 30.33 13.11
N TRP A 348 -9.53 31.32 12.35
CA TRP A 348 -10.94 31.70 12.34
C TRP A 348 -11.69 31.03 11.20
N ASP A 349 -11.05 30.04 10.58
CA ASP A 349 -11.60 29.36 9.41
C ASP A 349 -11.89 27.88 9.67
N LEU A 350 -11.42 27.38 10.81
CA LEU A 350 -11.36 25.94 11.05
C LEU A 350 -12.69 25.30 11.49
N HIS A 351 -13.34 25.91 12.48
CA HIS A 351 -14.62 25.38 12.96
C HIS A 351 -15.70 25.51 11.90
N TYR A 352 -15.52 26.47 10.99
CA TYR A 352 -16.46 26.68 9.90
C TYR A 352 -16.46 25.49 8.94
N TYR A 353 -15.30 25.21 8.35
CA TYR A 353 -15.18 24.18 7.32
C TYR A 353 -15.13 22.75 7.88
N MET A 354 -15.01 22.62 9.19
CA MET A 354 -15.17 21.32 9.83
C MET A 354 -16.65 21.00 9.94
N THR A 355 -17.45 22.04 10.17
CA THR A 355 -18.89 21.90 10.26
C THR A 355 -19.48 21.68 8.86
N GLN A 356 -18.79 22.17 7.85
CA GLN A 356 -19.16 21.91 6.46
C GLN A 356 -18.86 20.45 6.13
N THR A 357 -17.68 20.00 6.51
CA THR A 357 -17.25 18.62 6.32
C THR A 357 -18.28 17.66 6.94
N GLU A 358 -18.81 18.04 8.11
CA GLU A 358 -19.82 17.24 8.79
C GLU A 358 -21.15 17.21 8.03
N GLU A 359 -21.38 18.22 7.20
CA GLU A 359 -22.66 18.36 6.51
C GLU A 359 -22.54 18.16 5.00
N LEU A 360 -21.45 17.52 4.58
CA LEU A 360 -21.12 17.40 3.16
C LEU A 360 -20.71 15.97 2.87
N LYS A 361 -19.95 15.39 3.79
CA LYS A 361 -19.43 14.04 3.65
C LYS A 361 -20.40 13.02 4.22
N TYR A 362 -21.09 13.41 5.27
CA TYR A 362 -21.72 12.46 6.17
C TYR A 362 -23.19 12.76 6.44
N SER A 363 -23.57 14.01 6.21
CA SER A 363 -24.95 14.39 5.95
C SER A 363 -25.99 13.94 6.98
N VAL A 364 -25.59 13.80 8.25
CA VAL A 364 -26.57 13.47 9.28
C VAL A 364 -27.27 14.72 9.76
N ASP A 365 -28.57 14.80 9.50
CA ASP A 365 -29.39 15.84 10.10
C ASP A 365 -29.45 15.51 11.58
N GLN A 366 -28.80 16.33 12.41
CA GLN A 366 -28.71 16.06 13.85
C GLN A 366 -29.93 16.54 14.60
N GLU A 367 -31.03 16.76 13.87
CA GLU A 367 -32.25 17.29 14.45
C GLU A 367 -33.44 16.42 14.08
N SER A 368 -33.41 15.82 12.89
CA SER A 368 -34.39 14.82 12.54
C SER A 368 -33.98 13.50 13.17
N LEU A 369 -32.74 13.45 13.63
CA LEU A 369 -32.21 12.33 14.38
C LEU A 369 -32.61 12.46 15.84
N LYS A 370 -32.73 13.70 16.32
CA LYS A 370 -33.07 13.96 17.71
C LYS A 370 -34.56 13.68 17.99
N GLU A 371 -35.33 13.54 16.91
CA GLU A 371 -36.74 13.19 17.02
C GLU A 371 -36.90 11.71 17.36
N TYR A 372 -35.82 10.95 17.18
CA TYR A 372 -35.82 9.52 17.43
C TYR A 372 -35.39 9.18 18.85
N PHE A 373 -34.90 10.17 19.59
CA PHE A 373 -34.46 9.94 20.96
C PHE A 373 -35.27 10.71 22.01
N PRO A 374 -36.46 10.20 22.36
CA PRO A 374 -37.20 10.80 23.47
C PRO A 374 -36.66 10.25 24.78
N ILE A 375 -36.83 11.00 25.85
CA ILE A 375 -36.04 10.81 27.07
C ILE A 375 -36.56 9.72 28.02
N GLU A 376 -37.84 9.34 27.90
CA GLU A 376 -38.34 8.17 28.62
C GLU A 376 -37.63 6.96 28.07
N VAL A 377 -37.50 6.93 26.76
CA VAL A 377 -36.98 5.79 26.01
C VAL A 377 -35.47 5.62 26.16
N VAL A 378 -34.74 6.74 26.13
CA VAL A 378 -33.30 6.69 26.28
C VAL A 378 -32.94 6.24 27.70
N THR A 379 -33.69 6.74 28.67
CA THR A 379 -33.48 6.37 30.07
C THR A 379 -33.72 4.89 30.28
N GLU A 380 -34.85 4.40 29.80
CA GLU A 380 -35.28 3.02 30.04
C GLU A 380 -34.36 1.99 29.41
N GLY A 381 -33.81 2.32 28.24
CA GLY A 381 -32.97 1.40 27.48
C GLY A 381 -31.49 1.55 27.79
N LEU A 382 -31.13 2.59 28.54
CA LEU A 382 -29.78 2.71 29.06
C LEU A 382 -29.71 1.93 30.36
N LEU A 383 -30.80 1.98 31.12
CA LEU A 383 -30.94 1.18 32.33
C LEU A 383 -31.05 -0.29 31.99
N SER A 384 -31.55 -0.59 30.79
CA SER A 384 -31.70 -1.97 30.34
C SER A 384 -30.35 -2.58 29.99
N ILE A 385 -29.54 -1.83 29.27
CA ILE A 385 -28.23 -2.29 28.82
C ILE A 385 -27.28 -2.63 29.99
N TYR A 386 -27.19 -1.72 30.95
CA TYR A 386 -26.25 -1.89 32.06
C TYR A 386 -26.68 -2.97 33.04
N GLN A 387 -27.99 -3.14 33.20
CA GLN A 387 -28.53 -4.21 34.05
C GLN A 387 -28.18 -5.57 33.47
N GLU A 388 -28.31 -5.67 32.15
CA GLU A 388 -28.03 -6.91 31.43
C GLU A 388 -26.53 -7.18 31.34
N LEU A 389 -25.75 -6.13 31.16
CA LEU A 389 -24.30 -6.25 30.98
C LEU A 389 -23.59 -6.59 32.29
N LEU A 390 -23.89 -5.84 33.34
CA LEU A 390 -23.15 -5.94 34.60
C LEU A 390 -23.81 -6.84 35.64
N GLY A 391 -25.02 -7.32 35.35
CA GLY A 391 -25.74 -8.21 36.24
C GLY A 391 -26.40 -7.49 37.41
N LEU A 392 -27.07 -6.39 37.10
CA LEU A 392 -27.65 -5.53 38.13
C LEU A 392 -29.18 -5.42 38.01
N SER A 393 -29.81 -4.92 39.06
CA SER A 393 -31.25 -4.68 39.06
C SER A 393 -31.56 -3.31 39.67
N PHE A 394 -32.00 -2.39 38.83
CA PHE A 394 -32.34 -1.04 39.28
C PHE A 394 -33.81 -0.99 39.67
N GLU A 395 -34.15 -0.16 40.65
CA GLU A 395 -35.53 -0.04 41.10
C GLU A 395 -35.78 1.35 41.69
N GLN A 396 -36.71 2.08 41.10
CA GLN A 396 -36.98 3.46 41.51
C GLN A 396 -37.57 3.53 42.91
N VAL A 397 -37.07 4.47 43.71
CA VAL A 397 -37.59 4.72 45.05
C VAL A 397 -38.81 5.64 45.00
N PRO A 398 -39.95 5.18 45.54
CA PRO A 398 -41.24 5.89 45.51
C PRO A 398 -41.23 7.27 46.21
N ASP A 399 -41.53 7.29 47.50
CA ASP A 399 -41.67 8.53 48.25
C ASP A 399 -40.30 9.08 48.64
N ALA A 400 -39.52 9.49 47.64
CA ALA A 400 -38.10 9.77 47.81
C ALA A 400 -37.75 11.20 48.24
N HIS A 401 -36.86 11.29 49.23
CA HIS A 401 -36.26 12.56 49.62
C HIS A 401 -35.33 13.02 48.51
N VAL A 402 -35.55 14.23 48.01
CA VAL A 402 -34.78 14.78 46.89
C VAL A 402 -34.56 16.28 47.08
N TRP A 403 -33.55 16.81 46.39
CA TRP A 403 -33.26 18.24 46.46
C TRP A 403 -34.10 19.02 45.46
N ASN A 404 -34.81 18.29 44.60
CA ASN A 404 -35.67 18.90 43.60
C ASN A 404 -36.79 17.95 43.17
N LYS A 405 -37.90 18.53 42.72
CA LYS A 405 -39.07 17.76 42.37
C LYS A 405 -38.82 16.85 41.16
N SER A 406 -37.96 17.31 40.25
CA SER A 406 -37.71 16.61 38.99
C SER A 406 -36.69 15.47 39.10
N VAL A 407 -36.19 15.23 40.31
CA VAL A 407 -35.11 14.27 40.52
C VAL A 407 -35.61 12.89 40.96
N SER A 408 -35.13 11.85 40.30
CA SER A 408 -35.51 10.48 40.63
C SER A 408 -34.45 9.79 41.49
N LEU A 409 -34.81 8.65 42.08
CA LEU A 409 -33.89 7.88 42.91
C LEU A 409 -34.05 6.39 42.63
N TYR A 410 -32.96 5.74 42.28
CA TYR A 410 -32.97 4.30 41.99
C TYR A 410 -32.09 3.54 42.97
N THR A 411 -32.56 2.38 43.43
CA THR A 411 -31.74 1.50 44.26
C THR A 411 -31.11 0.40 43.41
N VAL A 412 -29.82 0.17 43.61
CA VAL A 412 -29.06 -0.73 42.75
C VAL A 412 -28.75 -2.07 43.44
N LYS A 413 -29.19 -3.16 42.82
CA LYS A 413 -28.96 -4.49 43.37
C LYS A 413 -28.11 -5.35 42.45
N ASP A 414 -27.46 -6.36 43.04
CA ASP A 414 -26.82 -7.40 42.25
C ASP A 414 -27.84 -8.51 41.99
N LYS A 415 -27.94 -8.93 40.74
CA LYS A 415 -28.97 -9.88 40.32
C LYS A 415 -28.87 -11.25 41.01
N ALA A 416 -27.65 -11.74 41.16
CA ALA A 416 -27.44 -13.07 41.75
C ALA A 416 -27.76 -13.10 43.24
N THR A 417 -27.12 -12.21 43.99
CA THR A 417 -27.18 -12.25 45.46
C THR A 417 -28.31 -11.38 46.04
N GLY A 418 -28.57 -10.25 45.42
CA GLY A 418 -29.53 -9.29 45.94
C GLY A 418 -28.84 -8.31 46.86
N GLU A 419 -27.52 -8.23 46.75
CA GLU A 419 -26.75 -7.26 47.51
C GLU A 419 -27.11 -5.85 47.01
N VAL A 420 -27.51 -5.00 47.93
CA VAL A 420 -27.71 -3.60 47.61
C VAL A 420 -26.35 -2.91 47.58
N LEU A 421 -25.90 -2.57 46.37
CA LEU A 421 -24.62 -1.90 46.20
C LEU A 421 -24.73 -0.40 46.46
N GLY A 422 -25.79 0.22 45.97
CA GLY A 422 -25.92 1.65 46.12
C GLY A 422 -27.18 2.27 45.53
N GLN A 423 -27.11 3.57 45.28
CA GLN A 423 -28.23 4.33 44.74
C GLN A 423 -27.70 5.43 43.84
N PHE A 424 -28.44 5.74 42.79
CA PHE A 424 -28.12 6.92 42.01
C PHE A 424 -29.35 7.81 41.82
N TYR A 425 -29.12 9.12 41.88
CA TYR A 425 -30.16 10.07 41.52
C TYR A 425 -29.94 10.45 40.06
N LEU A 426 -31.01 10.81 39.38
CA LEU A 426 -30.90 11.33 38.01
C LEU A 426 -31.40 12.77 37.99
N ASP A 427 -30.49 13.72 37.83
CA ASP A 427 -30.85 15.13 37.71
C ASP A 427 -30.64 15.55 36.26
N LEU A 428 -31.74 15.63 35.50
CA LEU A 428 -31.67 15.69 34.04
C LEU A 428 -31.90 17.05 33.38
N TYR A 429 -32.71 17.90 33.99
CA TYR A 429 -33.16 19.12 33.32
C TYR A 429 -32.60 20.39 33.95
N PRO A 430 -32.37 21.42 33.12
CA PRO A 430 -31.76 22.65 33.60
C PRO A 430 -32.74 23.57 34.34
N ARG A 431 -32.28 24.14 35.44
CA ARG A 431 -33.01 25.16 36.15
C ARG A 431 -32.00 26.18 36.65
N GLU A 432 -32.48 27.24 37.28
CA GLU A 432 -31.61 28.27 37.81
C GLU A 432 -30.87 27.80 39.06
N GLY A 433 -29.55 28.01 39.06
CA GLY A 433 -28.72 27.67 40.20
C GLY A 433 -27.99 26.35 40.01
N LYS A 434 -28.32 25.66 38.93
CA LYS A 434 -27.86 24.28 38.72
C LYS A 434 -26.54 24.20 37.96
N TYR A 435 -25.78 23.15 38.25
CA TYR A 435 -24.53 22.85 37.55
C TYR A 435 -24.80 22.69 36.06
N ASN A 436 -24.18 23.55 35.25
CA ASN A 436 -24.44 23.57 33.81
C ASN A 436 -23.42 22.78 32.97
N HIS A 437 -22.77 21.81 33.60
CA HIS A 437 -21.95 20.83 32.90
C HIS A 437 -22.47 19.45 33.25
N ALA A 438 -22.01 18.43 32.54
CA ALA A 438 -22.38 17.06 32.88
C ALA A 438 -21.42 16.53 33.95
N ALA A 439 -21.95 15.80 34.92
CA ALA A 439 -21.12 15.32 36.01
C ALA A 439 -21.74 14.15 36.75
N CYS A 440 -20.87 13.32 37.34
CA CYS A 440 -21.29 12.35 38.32
C CYS A 440 -20.72 12.76 39.66
N PHE A 441 -21.60 13.10 40.61
CA PHE A 441 -21.16 13.42 41.96
C PHE A 441 -21.26 12.17 42.82
N GLY A 442 -20.18 11.82 43.49
CA GLY A 442 -20.23 10.77 44.50
C GLY A 442 -20.72 11.41 45.79
N LEU A 443 -21.75 10.84 46.39
CA LEU A 443 -22.32 11.45 47.60
C LEU A 443 -22.03 10.58 48.82
N GLN A 444 -21.96 9.27 48.61
CA GLN A 444 -21.55 8.33 49.65
C GLN A 444 -20.58 7.31 49.08
N PRO A 445 -19.47 7.06 49.79
CA PRO A 445 -18.51 6.04 49.38
C PRO A 445 -18.95 4.64 49.78
N GLY A 446 -18.63 3.65 48.95
CA GLY A 446 -18.95 2.27 49.26
C GLY A 446 -17.83 1.62 50.05
N CYS A 447 -17.54 2.17 51.22
CA CYS A 447 -16.45 1.67 52.05
C CYS A 447 -16.98 1.00 53.31
N LEU A 448 -16.06 0.61 54.19
CA LEU A 448 -16.43 0.07 55.49
C LEU A 448 -16.75 1.21 56.45
N LEU A 449 -17.65 0.93 57.39
CA LEU A 449 -17.95 1.87 58.47
C LEU A 449 -17.20 1.42 59.73
N PRO A 450 -16.97 2.35 60.68
CA PRO A 450 -16.25 2.05 61.92
C PRO A 450 -16.81 0.87 62.70
N ASP A 451 -18.12 0.63 62.64
CA ASP A 451 -18.75 -0.44 63.40
C ASP A 451 -18.67 -1.78 62.68
N GLY A 452 -17.74 -1.90 61.74
CA GLY A 452 -17.54 -3.13 61.00
C GLY A 452 -18.37 -3.22 59.73
N SER A 453 -19.40 -2.39 59.65
CA SER A 453 -20.40 -2.48 58.60
C SER A 453 -19.99 -1.86 57.27
N ARG A 454 -20.83 -2.05 56.25
CA ARG A 454 -20.58 -1.54 54.92
C ARG A 454 -21.53 -0.40 54.57
N MET A 455 -20.99 0.65 53.95
CA MET A 455 -21.81 1.79 53.56
C MET A 455 -22.35 1.59 52.16
N MET A 456 -23.58 2.03 51.95
CA MET A 456 -24.19 1.97 50.63
C MET A 456 -23.63 3.11 49.78
N SER A 457 -23.29 2.81 48.53
CA SER A 457 -22.76 3.82 47.63
C SER A 457 -23.90 4.75 47.20
N VAL A 458 -23.62 6.05 47.07
CA VAL A 458 -24.62 6.98 46.55
C VAL A 458 -24.02 7.93 45.54
N ALA A 459 -24.55 7.92 44.32
CA ALA A 459 -24.07 8.79 43.26
C ALA A 459 -25.20 9.70 42.78
N ALA A 460 -24.82 10.78 42.09
CA ALA A 460 -25.80 11.66 41.48
C ALA A 460 -25.38 11.97 40.05
N LEU A 461 -26.25 11.66 39.09
CA LEU A 461 -26.00 12.01 37.71
C LEU A 461 -26.63 13.37 37.45
N VAL A 462 -25.79 14.37 37.21
CA VAL A 462 -26.28 15.74 37.05
C VAL A 462 -25.95 16.30 35.67
N VAL A 463 -26.96 16.39 34.82
CA VAL A 463 -26.79 16.89 33.46
C VAL A 463 -27.87 17.91 33.12
N ASN A 464 -27.74 18.54 31.95
CA ASN A 464 -28.71 19.53 31.50
C ASN A 464 -29.21 19.25 30.09
N PHE A 465 -29.96 18.17 29.93
CA PHE A 465 -30.60 17.85 28.65
C PHE A 465 -31.77 18.80 28.44
N SER A 466 -32.14 19.03 27.18
CA SER A 466 -33.10 20.09 26.84
C SER A 466 -34.45 20.02 27.57
N GLN A 467 -34.78 21.14 28.23
CA GLN A 467 -35.96 21.27 29.08
C GLN A 467 -37.27 20.95 28.36
N PRO A 468 -38.08 20.05 28.95
CA PRO A 468 -39.37 19.63 28.38
C PRO A 468 -40.33 20.81 28.28
N VAL A 469 -40.90 21.01 27.09
CA VAL A 469 -41.88 22.06 26.89
C VAL A 469 -43.22 21.43 26.48
N ALA A 470 -44.31 22.00 26.98
CA ALA A 470 -45.64 21.38 26.90
C ALA A 470 -46.10 20.94 25.51
N GLY A 471 -45.39 21.37 24.47
CA GLY A 471 -45.64 20.88 23.12
C GLY A 471 -45.35 19.40 23.06
N ARG A 472 -44.10 19.06 22.75
CA ARG A 472 -43.69 17.67 22.60
C ARG A 472 -43.04 17.12 23.86
N PRO A 473 -42.72 15.81 23.84
CA PRO A 473 -41.69 15.23 24.69
C PRO A 473 -40.38 16.01 24.61
N SER A 474 -39.64 16.02 25.70
CA SER A 474 -38.26 16.47 25.67
C SER A 474 -37.51 15.50 24.77
N LEU A 475 -36.62 16.01 23.93
CA LEU A 475 -35.93 15.16 22.95
C LEU A 475 -34.42 15.38 22.97
N LEU A 476 -33.67 14.30 22.70
CA LEU A 476 -32.21 14.32 22.83
C LEU A 476 -31.46 14.18 21.51
N ARG A 477 -30.46 15.03 21.30
CA ARG A 477 -29.54 14.87 20.19
C ARG A 477 -28.63 13.68 20.50
N HIS A 478 -27.96 13.16 19.48
CA HIS A 478 -27.09 11.99 19.68
C HIS A 478 -25.89 12.30 20.56
N ASP A 479 -25.44 13.55 20.56
CA ASP A 479 -24.34 13.96 21.41
C ASP A 479 -24.79 14.16 22.85
N GLU A 480 -26.10 14.10 23.07
CA GLU A 480 -26.67 14.15 24.41
C GLU A 480 -26.81 12.72 24.94
N VAL A 481 -27.02 11.77 24.04
CA VAL A 481 -27.07 10.36 24.40
C VAL A 481 -25.66 9.89 24.75
N ARG A 482 -24.68 10.51 24.09
CA ARG A 482 -23.28 10.18 24.31
C ARG A 482 -22.83 10.67 25.68
N THR A 483 -23.45 11.76 26.13
CA THR A 483 -23.14 12.36 27.43
C THR A 483 -23.85 11.61 28.55
N TYR A 484 -25.07 11.18 28.29
CA TYR A 484 -25.84 10.37 29.22
C TYR A 484 -25.07 9.09 29.51
N PHE A 485 -24.53 8.48 28.46
CA PHE A 485 -23.82 7.22 28.55
C PHE A 485 -22.44 7.39 29.22
N HIS A 486 -21.79 8.49 28.92
CA HIS A 486 -20.49 8.80 29.50
C HIS A 486 -20.61 8.96 31.01
N GLU A 487 -21.64 9.71 31.42
CA GLU A 487 -21.82 10.07 32.82
C GLU A 487 -22.41 8.94 33.66
N PHE A 488 -22.93 7.90 33.02
CA PHE A 488 -23.55 6.80 33.74
C PHE A 488 -22.54 5.71 34.06
N GLY A 489 -21.43 5.69 33.33
CA GLY A 489 -20.33 4.78 33.59
C GLY A 489 -19.51 5.26 34.76
N HIS A 490 -19.59 6.55 35.04
CA HIS A 490 -19.01 7.09 36.26
C HIS A 490 -19.86 6.63 37.43
N VAL A 491 -21.17 6.67 37.24
CA VAL A 491 -22.13 6.25 38.25
C VAL A 491 -21.95 4.77 38.60
N MET A 492 -21.73 3.95 37.57
CA MET A 492 -21.50 2.52 37.78
C MET A 492 -20.13 2.25 38.39
N HIS A 493 -19.16 3.12 38.10
CA HIS A 493 -17.84 3.01 38.69
C HIS A 493 -17.94 3.32 40.18
N GLN A 494 -18.74 4.32 40.51
CA GLN A 494 -18.94 4.75 41.89
C GLN A 494 -19.66 3.69 42.72
N ILE A 495 -20.70 3.10 42.13
CA ILE A 495 -21.58 2.18 42.84
C ILE A 495 -21.02 0.75 42.94
N CYS A 496 -20.45 0.25 41.86
CA CYS A 496 -19.89 -1.11 41.84
C CYS A 496 -18.60 -1.22 42.65
N ALA A 497 -18.00 -0.08 42.99
CA ALA A 497 -16.75 -0.08 43.75
C ALA A 497 -16.98 -0.45 45.21
N GLN A 498 -16.14 -1.37 45.72
CA GLN A 498 -16.21 -1.79 47.10
C GLN A 498 -14.82 -1.90 47.72
N THR A 499 -14.50 -0.96 48.61
CA THR A 499 -13.19 -0.93 49.24
C THR A 499 -13.30 -0.90 50.77
N ASP A 500 -12.16 -1.06 51.44
CA ASP A 500 -12.12 -1.04 52.90
C ASP A 500 -11.98 0.38 53.45
N PHE A 501 -11.25 1.22 52.73
CA PHE A 501 -11.04 2.60 53.15
C PHE A 501 -11.73 3.59 52.20
N ALA A 502 -12.19 4.70 52.75
CA ALA A 502 -12.92 5.70 51.98
C ALA A 502 -12.06 6.39 50.93
N ARG A 503 -10.75 6.41 51.14
CA ARG A 503 -9.84 7.10 50.24
C ARG A 503 -9.72 6.38 48.89
N PHE A 504 -10.02 5.08 48.90
CA PHE A 504 -9.92 4.27 47.69
C PHE A 504 -11.28 3.93 47.12
N SER A 505 -12.33 4.42 47.77
CA SER A 505 -13.71 4.11 47.38
C SER A 505 -14.20 4.89 46.17
N GLY A 506 -14.98 4.21 45.33
CA GLY A 506 -15.61 4.84 44.19
C GLY A 506 -14.65 5.23 43.08
N THR A 507 -14.81 6.46 42.59
CA THR A 507 -14.07 6.94 41.44
C THR A 507 -12.68 7.46 41.80
N ASN A 508 -12.28 7.25 43.05
CA ASN A 508 -10.99 7.74 43.53
C ASN A 508 -9.79 6.95 43.00
N VAL A 509 -9.68 6.86 41.68
CA VAL A 509 -8.51 6.28 41.04
C VAL A 509 -7.63 7.38 40.49
N GLU A 510 -6.62 7.02 39.70
CA GLU A 510 -5.74 8.00 39.09
C GLU A 510 -6.50 8.91 38.12
N THR A 511 -6.00 10.11 37.92
CA THR A 511 -6.72 11.10 37.13
C THR A 511 -6.60 10.88 35.63
N ASP A 512 -5.63 10.07 35.23
CA ASP A 512 -5.52 9.66 33.83
C ASP A 512 -6.20 8.31 33.65
N PHE A 513 -7.00 7.93 34.64
CA PHE A 513 -7.71 6.66 34.62
C PHE A 513 -9.21 6.82 34.94
N VAL A 514 -9.57 7.95 35.55
CA VAL A 514 -10.96 8.22 35.94
C VAL A 514 -11.93 8.19 34.76
N GLU A 515 -11.41 8.48 33.57
CA GLU A 515 -12.26 8.64 32.40
C GLU A 515 -12.27 7.41 31.49
N VAL A 516 -11.65 6.33 31.95
CA VAL A 516 -11.74 5.05 31.25
C VAL A 516 -13.11 4.37 31.36
N PRO A 517 -13.66 4.26 32.60
CA PRO A 517 -14.99 3.63 32.69
C PRO A 517 -16.09 4.48 32.06
N SER A 518 -15.80 5.76 31.83
CA SER A 518 -16.77 6.66 31.20
C SER A 518 -16.71 6.60 29.68
N GLN A 519 -15.50 6.66 29.15
CA GLN A 519 -15.30 6.69 27.71
C GLN A 519 -15.60 5.34 27.04
N MET A 520 -15.45 4.27 27.81
CA MET A 520 -15.59 2.93 27.25
C MET A 520 -17.04 2.64 26.87
N LEU A 521 -17.95 3.25 27.62
CA LEU A 521 -19.37 2.98 27.43
C LEU A 521 -20.00 3.98 26.45
N GLU A 522 -19.21 4.94 26.00
CA GLU A 522 -19.63 5.81 24.91
C GLU A 522 -19.62 4.98 23.63
N ASN A 523 -18.83 3.91 23.62
CA ASN A 523 -18.73 3.02 22.47
C ASN A 523 -20.05 2.34 22.13
N TRP A 524 -20.95 2.28 23.10
CA TRP A 524 -22.24 1.61 22.91
C TRP A 524 -23.20 2.42 22.04
N VAL A 525 -23.07 3.74 22.06
CA VAL A 525 -23.96 4.59 21.27
C VAL A 525 -23.48 4.69 19.83
N TRP A 526 -22.39 4.01 19.53
CA TRP A 526 -21.90 3.88 18.16
C TRP A 526 -22.06 2.44 17.68
N ASP A 527 -22.94 1.70 18.34
CA ASP A 527 -23.27 0.34 17.95
C ASP A 527 -24.67 0.28 17.38
N VAL A 528 -24.83 -0.47 16.29
CA VAL A 528 -26.10 -0.53 15.56
C VAL A 528 -27.25 -1.13 16.40
N ASP A 529 -27.03 -2.35 16.90
CA ASP A 529 -28.04 -3.07 17.70
C ASP A 529 -28.43 -2.28 18.94
N SER A 530 -27.43 -1.65 19.57
CA SER A 530 -27.63 -0.94 20.83
C SER A 530 -28.41 0.36 20.64
N LEU A 531 -28.22 1.01 19.48
CA LEU A 531 -28.91 2.26 19.19
C LEU A 531 -30.41 2.03 19.01
N ARG A 532 -30.76 0.81 18.64
CA ARG A 532 -32.15 0.41 18.45
C ARG A 532 -32.86 0.26 19.79
N LYS A 533 -32.08 0.00 20.84
CA LYS A 533 -32.61 -0.13 22.19
C LYS A 533 -32.92 1.25 22.78
N LEU A 534 -32.44 2.29 22.11
CA LEU A 534 -32.57 3.66 22.60
C LEU A 534 -33.49 4.49 21.71
N SER A 535 -33.55 4.13 20.43
CA SER A 535 -34.27 4.95 19.46
C SER A 535 -35.70 4.47 19.22
N LYS A 536 -36.64 5.40 19.34
CA LYS A 536 -38.05 5.10 19.12
C LYS A 536 -38.76 6.41 18.82
N HIS A 537 -39.20 6.59 17.59
CA HIS A 537 -39.83 7.84 17.18
C HIS A 537 -41.04 8.19 18.06
N TYR A 538 -41.06 9.42 18.54
CA TYR A 538 -42.03 9.85 19.55
C TYR A 538 -43.45 10.04 19.00
N LYS A 539 -43.66 9.67 17.74
CA LYS A 539 -44.97 9.88 17.12
C LYS A 539 -45.71 8.58 16.79
N ASP A 540 -44.98 7.56 16.37
CA ASP A 540 -45.53 6.22 16.31
C ASP A 540 -44.67 5.30 17.18
N GLY A 541 -43.40 5.19 16.84
CA GLY A 541 -42.51 4.28 17.52
C GLY A 541 -41.84 3.41 16.48
N HIS A 542 -41.70 3.97 15.28
CA HIS A 542 -40.94 3.30 14.24
C HIS A 542 -39.48 3.69 14.42
N PRO A 543 -38.58 2.73 14.28
CA PRO A 543 -37.15 2.96 14.51
C PRO A 543 -36.53 3.95 13.51
N ILE A 544 -35.28 4.31 13.76
CA ILE A 544 -34.46 4.97 12.77
C ILE A 544 -34.30 3.96 11.63
N THR A 545 -34.28 4.43 10.40
CA THR A 545 -34.09 3.51 9.28
C THR A 545 -32.64 3.03 9.21
N ASP A 546 -32.36 2.17 8.24
CA ASP A 546 -31.04 1.56 8.11
C ASP A 546 -30.03 2.51 7.48
N GLU A 547 -30.50 3.39 6.60
CA GLU A 547 -29.62 4.34 5.89
C GLU A 547 -29.16 5.42 6.86
N LEU A 548 -30.05 5.79 7.77
CA LEU A 548 -29.77 6.84 8.75
C LEU A 548 -28.90 6.31 9.89
N LEU A 549 -29.11 5.06 10.27
CA LEU A 549 -28.31 4.43 11.32
C LEU A 549 -26.87 4.25 10.84
N GLU A 550 -26.71 4.09 9.53
CA GLU A 550 -25.41 3.84 8.94
C GLU A 550 -24.68 5.14 8.64
N LYS A 551 -25.44 6.18 8.31
CA LYS A 551 -24.88 7.52 8.18
C LYS A 551 -24.34 7.95 9.54
N LEU A 552 -25.02 7.52 10.59
CA LEU A 552 -24.66 7.86 11.96
C LEU A 552 -23.29 7.30 12.34
N VAL A 553 -23.18 5.97 12.40
CA VAL A 553 -21.97 5.33 12.89
C VAL A 553 -20.78 5.44 11.93
N ALA A 554 -21.00 6.00 10.74
CA ALA A 554 -19.91 6.29 9.82
C ALA A 554 -19.33 7.66 10.15
N SER A 555 -20.09 8.43 10.92
CA SER A 555 -19.69 9.79 11.28
C SER A 555 -18.94 9.83 12.61
N ARG A 556 -18.46 8.68 13.06
CA ARG A 556 -17.71 8.61 14.31
C ARG A 556 -16.37 9.29 14.13
N LEU A 557 -15.84 9.22 12.91
CA LEU A 557 -14.51 9.75 12.63
C LEU A 557 -14.54 10.86 11.57
N VAL A 558 -15.52 11.75 11.66
CA VAL A 558 -15.47 12.97 10.88
C VAL A 558 -14.45 13.85 11.58
N ASN A 559 -13.55 14.47 10.81
CA ASN A 559 -12.60 15.43 11.37
C ASN A 559 -11.75 14.92 12.54
N THR A 560 -11.55 13.61 12.63
CA THR A 560 -10.81 13.00 13.73
C THR A 560 -9.38 13.53 13.85
N GLY A 561 -8.66 13.52 12.73
CA GLY A 561 -7.28 13.96 12.71
C GLY A 561 -7.07 15.34 13.29
N LEU A 562 -7.76 16.33 12.71
CA LEU A 562 -7.61 17.71 13.15
C LEU A 562 -8.25 18.00 14.51
N LEU A 563 -9.13 17.10 14.97
CA LEU A 563 -9.72 17.24 16.30
C LEU A 563 -8.83 16.59 17.35
N THR A 564 -8.09 15.57 16.94
CA THR A 564 -7.21 14.84 17.85
C THR A 564 -5.83 15.50 17.90
N LEU A 565 -5.43 16.12 16.80
CA LEU A 565 -4.17 16.85 16.75
C LEU A 565 -4.26 18.13 17.57
N ARG A 566 -5.48 18.62 17.77
CA ARG A 566 -5.70 19.84 18.54
C ARG A 566 -5.79 19.56 20.03
N GLN A 567 -6.05 18.30 20.38
CA GLN A 567 -6.03 17.90 21.78
C GLN A 567 -4.59 17.66 22.21
N ILE A 568 -3.77 17.27 21.25
CA ILE A 568 -2.35 17.05 21.49
C ILE A 568 -1.61 18.39 21.62
N VAL A 569 -2.05 19.38 20.84
CA VAL A 569 -1.51 20.73 20.94
C VAL A 569 -1.69 21.27 22.35
N LEU A 570 -2.90 21.13 22.88
CA LEU A 570 -3.22 21.59 24.22
C LEU A 570 -2.52 20.74 25.27
N SER A 571 -2.28 19.47 24.96
CA SER A 571 -1.55 18.59 25.86
C SER A 571 -0.06 18.90 25.87
N LYS A 572 0.49 19.21 24.69
CA LYS A 572 1.90 19.59 24.60
C LYS A 572 2.11 20.94 25.25
N VAL A 573 1.09 21.79 25.21
CA VAL A 573 1.14 23.11 25.85
C VAL A 573 1.11 23.00 27.37
N ASP A 574 0.18 22.19 27.89
CA ASP A 574 0.05 21.98 29.34
C ASP A 574 1.30 21.30 29.90
N GLN A 575 1.87 20.41 29.11
CA GLN A 575 3.09 19.70 29.51
C GLN A 575 4.33 20.60 29.47
N SER A 576 4.34 21.56 28.56
CA SER A 576 5.50 22.41 28.34
C SER A 576 5.62 23.48 29.43
N LEU A 577 4.50 24.10 29.80
CA LEU A 577 4.52 25.16 30.81
C LEU A 577 4.80 24.62 32.20
N HIS A 578 4.69 23.29 32.36
CA HIS A 578 5.00 22.66 33.64
C HIS A 578 6.24 21.78 33.56
N THR A 579 7.08 22.08 32.57
CA THR A 579 8.38 21.43 32.41
C THR A 579 9.48 22.47 32.30
N ASN A 580 9.25 23.46 31.44
CA ASN A 580 10.15 24.60 31.30
C ASN A 580 9.36 25.90 31.47
N ALA A 581 9.38 26.43 32.69
CA ALA A 581 8.56 27.59 33.04
C ALA A 581 9.17 28.92 32.59
N THR A 582 10.24 28.85 31.78
CA THR A 582 10.92 30.05 31.33
C THR A 582 10.53 30.40 29.89
N LEU A 583 9.56 29.67 29.36
CA LEU A 583 9.11 29.87 27.98
C LEU A 583 7.87 30.74 27.90
N ASP A 584 7.78 31.54 26.84
CA ASP A 584 6.56 32.27 26.54
C ASP A 584 5.45 31.25 26.28
N ALA A 585 4.33 31.38 26.97
CA ALA A 585 3.22 30.44 26.81
C ALA A 585 2.60 30.57 25.42
N ALA A 586 2.53 31.80 24.92
CA ALA A 586 1.94 32.07 23.63
C ALA A 586 2.84 31.61 22.48
N SER A 587 4.15 31.61 22.70
CA SER A 587 5.09 31.23 21.66
C SER A 587 5.25 29.71 21.59
N GLU A 588 4.87 29.02 22.67
CA GLU A 588 4.83 27.57 22.67
C GLU A 588 3.56 27.10 21.97
N TYR A 589 2.46 27.77 22.27
CA TYR A 589 1.18 27.47 21.64
C TYR A 589 1.26 27.70 20.13
N ALA A 590 1.96 28.76 19.74
CA ALA A 590 2.19 29.04 18.32
C ALA A 590 3.02 27.93 17.70
N LYS A 591 4.05 27.50 18.41
CA LYS A 591 4.97 26.48 17.91
C LYS A 591 4.29 25.13 17.65
N TYR A 592 3.38 24.75 18.54
CA TYR A 592 2.68 23.47 18.41
C TYR A 592 1.55 23.54 17.38
N CYS A 593 0.92 24.71 17.27
CA CYS A 593 -0.17 24.90 16.32
C CYS A 593 0.27 24.72 14.87
N THR A 594 1.53 25.04 14.59
CA THR A 594 2.07 24.94 13.24
C THR A 594 2.79 23.63 13.00
N GLU A 595 3.39 23.06 14.05
CA GLU A 595 4.15 21.83 13.91
C GLU A 595 3.27 20.58 14.02
N ILE A 596 2.19 20.68 14.78
CA ILE A 596 1.31 19.53 14.99
C ILE A 596 -0.02 19.67 14.25
N LEU A 597 -0.66 20.83 14.41
CA LEU A 597 -1.99 21.04 13.86
C LEU A 597 -1.97 21.45 12.39
N GLY A 598 -0.98 22.26 12.01
CA GLY A 598 -0.89 22.75 10.65
C GLY A 598 -1.76 23.98 10.44
N VAL A 599 -2.41 24.43 11.51
CA VAL A 599 -3.21 25.64 11.47
C VAL A 599 -2.62 26.67 12.43
N ALA A 600 -2.12 27.76 11.88
CA ALA A 600 -1.29 28.71 12.64
C ALA A 600 -2.07 29.51 13.70
N ALA A 601 -1.43 29.71 14.85
CA ALA A 601 -1.96 30.62 15.86
C ALA A 601 -1.91 32.05 15.31
N THR A 602 -2.94 32.83 15.60
CA THR A 602 -3.07 34.17 15.04
C THR A 602 -2.13 35.18 15.72
N PRO A 603 -1.38 35.95 14.91
CA PRO A 603 -0.51 37.01 15.42
C PRO A 603 -1.27 38.01 16.29
N GLY A 604 -0.81 38.18 17.53
CA GLY A 604 -1.43 39.13 18.45
C GLY A 604 -2.28 38.47 19.53
N THR A 605 -2.47 37.16 19.43
CA THR A 605 -3.33 36.42 20.36
C THR A 605 -2.56 35.78 21.50
N ASN A 606 -3.28 35.46 22.58
CA ASN A 606 -2.71 34.68 23.67
C ASN A 606 -3.71 33.67 24.21
N MET A 607 -3.77 32.52 23.54
CA MET A 607 -4.67 31.44 23.93
C MET A 607 -4.45 30.91 25.36
N PRO A 608 -3.19 30.66 25.76
CA PRO A 608 -2.98 30.20 27.14
C PRO A 608 -3.45 31.18 28.22
N ALA A 609 -3.66 32.45 27.86
CA ALA A 609 -4.16 33.43 28.80
C ALA A 609 -5.67 33.30 28.99
N THR A 610 -6.27 32.42 28.19
CA THR A 610 -7.69 32.13 28.29
C THR A 610 -7.91 30.67 28.70
N PHE A 611 -6.82 29.91 28.69
CA PHE A 611 -6.84 28.49 29.05
C PHE A 611 -7.15 28.31 30.54
N GLY A 612 -8.41 28.06 30.86
CA GLY A 612 -8.84 27.97 32.25
C GLY A 612 -8.41 26.69 32.97
N HIS A 613 -7.92 25.72 32.21
CA HIS A 613 -7.50 24.45 32.79
C HIS A 613 -6.21 24.59 33.59
N LEU A 614 -5.38 25.56 33.18
CA LEU A 614 -4.10 25.81 33.83
C LEU A 614 -4.27 26.36 35.24
N ALA A 615 -5.42 27.01 35.47
CA ALA A 615 -5.74 27.54 36.80
C ALA A 615 -6.94 26.83 37.38
N GLY A 616 -7.44 25.83 36.66
CA GLY A 616 -8.36 24.86 37.22
C GLY A 616 -7.51 23.88 38.00
N GLY A 617 -8.12 22.80 38.48
CA GLY A 617 -7.37 21.86 39.30
C GLY A 617 -6.52 20.84 38.55
N TYR A 618 -6.57 20.86 37.23
CA TYR A 618 -5.93 19.80 36.46
C TYR A 618 -4.81 20.29 35.52
N ASP A 619 -3.94 21.11 36.06
CA ASP A 619 -2.70 21.49 35.40
C ASP A 619 -1.79 20.26 35.33
N GLY A 620 -1.03 20.15 34.25
CA GLY A 620 -0.11 19.03 34.06
C GLY A 620 -0.82 17.70 33.78
N GLN A 621 -2.11 17.78 33.46
CA GLN A 621 -2.96 16.59 33.43
C GLN A 621 -3.83 16.48 32.17
N TYR A 622 -3.61 17.36 31.20
CA TYR A 622 -4.49 17.43 30.03
C TYR A 622 -4.31 16.23 29.10
N TYR A 623 -3.15 15.59 29.17
CA TYR A 623 -2.85 14.40 28.38
C TYR A 623 -3.81 13.26 28.69
N GLY A 624 -4.36 13.27 29.91
CA GLY A 624 -5.06 12.12 30.44
C GLY A 624 -6.43 11.78 29.88
N TYR A 625 -6.88 12.52 28.87
CA TYR A 625 -8.16 12.21 28.25
C TYR A 625 -7.93 11.45 26.94
N LEU A 626 -6.74 11.61 26.36
CA LEU A 626 -6.29 10.81 25.23
C LEU A 626 -5.61 9.57 25.76
N TRP A 627 -5.03 9.68 26.95
CA TRP A 627 -4.42 8.55 27.63
C TRP A 627 -5.49 7.51 27.93
N SER A 628 -6.62 8.00 28.46
CA SER A 628 -7.71 7.13 28.88
C SER A 628 -8.51 6.52 27.72
N GLU A 629 -8.48 7.18 26.56
CA GLU A 629 -9.23 6.67 25.41
C GLU A 629 -8.57 5.41 24.84
N VAL A 630 -7.24 5.39 24.85
CA VAL A 630 -6.46 4.26 24.35
C VAL A 630 -6.81 2.99 25.13
N PHE A 631 -6.91 3.12 26.44
CA PHE A 631 -7.20 1.98 27.31
C PHE A 631 -8.61 1.45 27.12
N SER A 632 -9.56 2.35 26.90
CA SER A 632 -10.96 1.97 26.73
C SER A 632 -11.20 1.41 25.32
N MET A 633 -10.38 1.86 24.37
CA MET A 633 -10.46 1.33 23.01
C MET A 633 -9.91 -0.08 22.95
N ASP A 634 -8.90 -0.35 23.79
CA ASP A 634 -8.31 -1.67 23.86
C ASP A 634 -9.28 -2.65 24.50
N MET A 635 -9.87 -2.23 25.62
CA MET A 635 -10.80 -3.09 26.36
C MET A 635 -12.11 -3.34 25.59
N PHE A 636 -12.43 -2.47 24.64
CA PHE A 636 -13.66 -2.62 23.86
C PHE A 636 -13.45 -3.52 22.65
N HIS A 637 -12.42 -3.23 21.87
CA HIS A 637 -12.12 -3.96 20.63
C HIS A 637 -11.58 -5.37 20.89
N SER A 638 -10.67 -5.50 21.85
CA SER A 638 -9.98 -6.75 22.09
C SER A 638 -10.73 -7.70 23.03
N CYS A 639 -11.75 -7.17 23.71
CA CYS A 639 -12.43 -7.95 24.74
C CYS A 639 -13.95 -7.96 24.61
N PHE A 640 -14.54 -6.84 24.24
CA PHE A 640 -15.99 -6.73 24.14
C PHE A 640 -16.48 -6.96 22.72
N LYS A 641 -15.85 -6.29 21.76
CA LYS A 641 -16.23 -6.46 20.37
C LYS A 641 -15.96 -7.90 19.94
N LYS A 642 -14.92 -8.48 20.50
CA LYS A 642 -14.52 -9.85 20.21
C LYS A 642 -15.55 -10.84 20.77
N GLU A 643 -15.72 -10.80 22.08
CA GLU A 643 -16.55 -11.78 22.78
C GLU A 643 -18.06 -11.48 22.85
N GLY A 644 -18.50 -10.46 22.12
CA GLY A 644 -19.88 -10.04 22.21
C GLY A 644 -20.04 -8.91 23.21
N ILE A 645 -20.56 -7.78 22.75
CA ILE A 645 -20.56 -6.56 23.57
C ILE A 645 -21.68 -6.52 24.61
N MET A 646 -22.57 -7.52 24.59
CA MET A 646 -23.60 -7.61 25.60
C MET A 646 -23.42 -8.88 26.42
N ASN A 647 -22.27 -9.52 26.22
CA ASN A 647 -21.92 -10.75 26.94
C ASN A 647 -21.70 -10.49 28.43
N PRO A 648 -22.47 -11.17 29.29
CA PRO A 648 -22.45 -10.97 30.74
C PRO A 648 -21.35 -11.77 31.43
N GLU A 649 -20.31 -12.12 30.69
CA GLU A 649 -19.14 -12.78 31.28
C GLU A 649 -17.94 -11.86 31.12
N VAL A 650 -17.93 -11.11 30.02
CA VAL A 650 -16.97 -10.03 29.87
C VAL A 650 -17.48 -8.89 30.74
N GLY A 651 -18.80 -8.80 30.84
CA GLY A 651 -19.47 -7.74 31.57
C GLY A 651 -19.28 -7.82 33.07
N MET A 652 -19.17 -9.04 33.59
CA MET A 652 -18.94 -9.25 35.02
C MET A 652 -17.46 -9.14 35.34
N LYS A 653 -16.61 -9.53 34.38
CA LYS A 653 -15.17 -9.39 34.53
C LYS A 653 -14.76 -7.93 34.45
N TYR A 654 -15.54 -7.13 33.73
CA TYR A 654 -15.33 -5.69 33.67
C TYR A 654 -15.80 -5.05 34.97
N ARG A 655 -16.87 -5.60 35.53
CA ARG A 655 -17.42 -5.09 36.78
C ARG A 655 -16.48 -5.39 37.96
N ASN A 656 -15.82 -6.54 37.91
CA ASN A 656 -15.03 -7.04 39.04
C ASN A 656 -13.56 -6.61 39.06
N LEU A 657 -12.95 -6.43 37.89
CA LEU A 657 -11.51 -6.18 37.82
C LEU A 657 -11.18 -4.75 37.38
N ILE A 658 -12.21 -3.94 37.14
CA ILE A 658 -12.02 -2.54 36.79
C ILE A 658 -12.77 -1.63 37.76
N LEU A 659 -14.04 -1.93 37.97
CA LEU A 659 -14.92 -1.07 38.75
C LEU A 659 -14.90 -1.36 40.25
N LYS A 660 -14.97 -2.63 40.61
CA LYS A 660 -15.09 -3.04 42.01
C LYS A 660 -13.92 -2.66 42.94
N PRO A 661 -12.66 -2.90 42.52
CA PRO A 661 -11.57 -2.60 43.46
C PRO A 661 -11.34 -1.10 43.71
N GLY A 662 -11.98 -0.25 42.92
CA GLY A 662 -11.86 1.19 43.10
C GLY A 662 -10.44 1.67 42.91
N GLY A 663 -9.95 2.46 43.86
CA GLY A 663 -8.58 2.95 43.82
C GLY A 663 -7.70 2.18 44.77
N SER A 664 -8.14 0.99 45.16
CA SER A 664 -7.38 0.15 46.09
C SER A 664 -6.35 -0.71 45.36
N LEU A 665 -6.37 -0.67 44.03
CA LEU A 665 -5.34 -1.27 43.20
C LEU A 665 -4.86 -0.23 42.20
N ASP A 666 -3.70 -0.46 41.59
CA ASP A 666 -3.21 0.47 40.57
C ASP A 666 -3.95 0.29 39.24
N GLY A 667 -3.99 1.36 38.46
CA GLY A 667 -4.75 1.35 37.21
C GLY A 667 -4.26 0.38 36.15
N MET A 668 -2.94 0.23 36.06
CA MET A 668 -2.35 -0.65 35.05
C MET A 668 -2.35 -2.11 35.50
N ASP A 669 -2.59 -2.32 36.79
CA ASP A 669 -2.74 -3.68 37.31
C ASP A 669 -4.15 -4.18 37.05
N MET A 670 -5.12 -3.32 37.34
CA MET A 670 -6.53 -3.61 37.05
C MET A 670 -6.70 -3.85 35.55
N LEU A 671 -5.91 -3.12 34.76
CA LEU A 671 -5.92 -3.26 33.32
C LEU A 671 -5.43 -4.64 32.89
N GLN A 672 -4.28 -5.05 33.44
CA GLN A 672 -3.65 -6.30 33.05
C GLN A 672 -4.32 -7.54 33.65
N ASN A 673 -5.16 -7.35 34.66
CA ASN A 673 -5.95 -8.45 35.20
C ASN A 673 -7.13 -8.75 34.29
N PHE A 674 -7.34 -7.87 33.32
CA PHE A 674 -8.52 -7.94 32.46
C PHE A 674 -8.15 -8.32 31.02
N LEU A 675 -7.20 -7.59 30.45
CA LEU A 675 -6.70 -7.87 29.11
C LEU A 675 -5.78 -9.08 29.14
N GLN A 676 -5.29 -9.39 30.34
CA GLN A 676 -4.32 -10.46 30.58
C GLN A 676 -2.99 -10.17 29.89
N ARG A 677 -2.73 -8.89 29.64
CA ARG A 677 -1.51 -8.43 29.00
C ARG A 677 -1.37 -6.92 29.11
N GLU A 678 -0.18 -6.39 28.84
CA GLU A 678 0.01 -4.95 28.78
C GLU A 678 -0.77 -4.41 27.59
N PRO A 679 -1.49 -3.30 27.80
CA PRO A 679 -2.30 -2.70 26.73
C PRO A 679 -1.44 -2.06 25.65
N ASN A 680 -2.01 -1.88 24.46
CA ASN A 680 -1.33 -1.19 23.38
C ASN A 680 -2.25 -0.20 22.68
N GLN A 681 -1.67 0.59 21.77
CA GLN A 681 -2.40 1.65 21.08
C GLN A 681 -3.04 1.15 19.79
N LYS A 682 -2.99 -0.16 19.56
CA LYS A 682 -3.42 -0.74 18.29
C LYS A 682 -4.92 -0.55 18.01
N ALA A 683 -5.75 -0.80 19.00
CA ALA A 683 -7.19 -0.61 18.85
C ALA A 683 -7.53 0.87 18.80
N PHE A 684 -6.65 1.71 19.33
CA PHE A 684 -6.84 3.14 19.30
C PHE A 684 -6.54 3.71 17.92
N LEU A 685 -5.49 3.17 17.28
CA LEU A 685 -5.12 3.58 15.94
C LEU A 685 -6.12 3.03 14.94
N MET A 686 -6.75 1.91 15.29
CA MET A 686 -7.72 1.27 14.41
C MET A 686 -9.10 1.88 14.66
N SER A 687 -9.24 2.57 15.79
CA SER A 687 -10.42 3.38 16.03
C SER A 687 -10.44 4.51 15.01
N ARG A 688 -9.43 5.37 15.06
CA ARG A 688 -9.30 6.49 14.12
C ARG A 688 -9.12 6.03 12.68
N GLY A 689 -8.64 4.81 12.48
CA GLY A 689 -8.43 4.28 11.15
C GLY A 689 -7.04 4.56 10.61
N LEU A 690 -6.01 4.13 11.35
CA LEU A 690 -4.63 4.20 10.88
C LEU A 690 -3.97 2.84 11.06
N SER B 27 0.85 -36.35 -10.20
CA SER B 27 0.48 -37.01 -11.45
C SER B 27 0.98 -36.22 -12.67
N SER B 28 1.79 -36.88 -13.49
CA SER B 28 2.20 -36.33 -14.77
C SER B 28 1.25 -36.79 -15.86
N TYR B 29 0.04 -37.16 -15.45
CA TYR B 29 -0.95 -37.69 -16.38
C TYR B 29 -2.29 -36.94 -16.31
N THR B 30 -2.26 -35.78 -15.66
CA THR B 30 -3.36 -34.82 -15.74
C THR B 30 -2.79 -33.45 -16.09
N ALA B 31 -3.67 -32.49 -16.32
CA ALA B 31 -3.26 -31.11 -16.53
C ALA B 31 -3.80 -30.26 -15.39
N ALA B 32 -4.57 -30.90 -14.51
CA ALA B 32 -5.23 -30.22 -13.40
C ALA B 32 -4.24 -29.80 -12.30
N GLY B 33 -4.27 -28.52 -11.96
CA GLY B 33 -3.40 -27.98 -10.93
C GLY B 33 -2.05 -27.55 -11.48
N ARG B 34 -1.75 -27.96 -12.71
CA ARG B 34 -0.40 -27.78 -13.25
C ARG B 34 -0.19 -26.47 -14.01
N ASN B 35 -1.27 -25.79 -14.37
CA ASN B 35 -1.18 -24.40 -14.80
C ASN B 35 -1.99 -23.55 -13.86
N VAL B 36 -1.30 -22.70 -13.10
CA VAL B 36 -1.97 -21.73 -12.25
C VAL B 36 -1.41 -20.34 -12.50
N LEU B 37 -1.01 -20.11 -13.75
CA LEU B 37 -0.53 -18.81 -14.18
C LEU B 37 -1.70 -17.82 -14.25
N ARG B 38 -1.51 -16.65 -13.65
CA ARG B 38 -2.58 -15.66 -13.55
C ARG B 38 -2.43 -14.55 -14.60
N TRP B 39 -3.47 -14.35 -15.40
CA TRP B 39 -3.44 -13.37 -16.49
C TRP B 39 -4.34 -12.17 -16.23
N ASP B 40 -4.82 -12.00 -15.02
CA ASP B 40 -5.73 -10.91 -14.68
C ASP B 40 -5.17 -10.05 -13.56
N LEU B 41 -3.85 -9.98 -13.47
CA LEU B 41 -3.19 -9.20 -12.43
C LEU B 41 -3.32 -7.71 -12.67
N SER B 42 -3.64 -6.97 -11.60
CA SER B 42 -3.70 -5.51 -11.67
C SER B 42 -2.29 -4.93 -11.65
N PRO B 43 -2.13 -3.69 -12.14
CA PRO B 43 -0.86 -2.97 -12.06
C PRO B 43 -0.28 -2.93 -10.65
N GLU B 44 -1.17 -2.91 -9.66
CA GLU B 44 -0.75 -2.96 -8.27
C GLU B 44 -0.24 -4.36 -7.89
N GLN B 45 -0.93 -5.38 -8.37
CA GLN B 45 -0.53 -6.77 -8.11
C GLN B 45 0.81 -7.09 -8.76
N ILE B 46 1.03 -6.57 -9.96
CA ILE B 46 2.29 -6.79 -10.67
C ILE B 46 3.43 -6.08 -9.95
N LYS B 47 3.15 -4.88 -9.43
CA LYS B 47 4.13 -4.08 -8.71
C LYS B 47 4.64 -4.79 -7.46
N THR B 48 3.71 -5.40 -6.72
CA THR B 48 4.02 -6.01 -5.43
C THR B 48 4.56 -7.45 -5.56
N ARG B 49 4.12 -8.16 -6.60
CA ARG B 49 4.66 -9.48 -6.87
C ARG B 49 6.10 -9.37 -7.33
N THR B 50 6.42 -8.25 -7.97
CA THR B 50 7.77 -7.98 -8.43
C THR B 50 8.69 -7.64 -7.26
N GLU B 51 8.18 -6.87 -6.31
CA GLU B 51 8.92 -6.52 -5.10
C GLU B 51 9.19 -7.76 -4.24
N GLN B 52 8.20 -8.64 -4.16
CA GLN B 52 8.28 -9.82 -3.30
C GLN B 52 9.19 -10.90 -3.88
N LEU B 53 9.25 -10.99 -5.21
CA LEU B 53 10.06 -12.01 -5.88
C LEU B 53 11.54 -11.64 -5.82
N ILE B 54 11.83 -10.35 -5.98
CA ILE B 54 13.19 -9.85 -5.89
C ILE B 54 13.74 -10.05 -4.49
N ALA B 55 12.93 -9.73 -3.49
CA ALA B 55 13.33 -9.85 -2.08
C ALA B 55 13.58 -11.30 -1.68
N GLN B 56 12.79 -12.19 -2.24
CA GLN B 56 12.82 -13.61 -1.88
C GLN B 56 13.94 -14.36 -2.60
N THR B 57 14.18 -14.01 -3.85
CA THR B 57 15.24 -14.63 -4.63
C THR B 57 16.59 -14.15 -4.10
N LYS B 58 16.64 -12.90 -3.66
CA LYS B 58 17.87 -12.31 -3.13
C LYS B 58 18.29 -13.03 -1.84
N GLN B 59 17.30 -13.41 -1.04
CA GLN B 59 17.55 -14.10 0.22
C GLN B 59 18.27 -15.44 0.03
N VAL B 60 17.89 -16.15 -1.03
CA VAL B 60 18.51 -17.44 -1.35
C VAL B 60 19.98 -17.27 -1.75
N TYR B 61 20.23 -16.31 -2.64
CA TYR B 61 21.60 -15.94 -3.00
C TYR B 61 22.39 -15.56 -1.76
N ASP B 62 21.76 -14.74 -0.92
CA ASP B 62 22.38 -14.26 0.32
C ASP B 62 22.68 -15.41 1.28
N THR B 63 21.77 -16.37 1.36
CA THR B 63 21.95 -17.53 2.24
C THR B 63 23.13 -18.38 1.77
N VAL B 64 23.21 -18.61 0.45
CA VAL B 64 24.27 -19.43 -0.12
C VAL B 64 25.65 -18.78 0.04
N GLY B 65 25.72 -17.48 -0.26
CA GLY B 65 26.98 -16.76 -0.27
C GLY B 65 27.64 -16.57 1.09
N THR B 66 26.95 -16.96 2.17
CA THR B 66 27.55 -16.91 3.50
C THR B 66 27.64 -18.29 4.13
N ILE B 67 27.69 -19.31 3.28
CA ILE B 67 27.92 -20.67 3.74
C ILE B 67 29.42 -20.92 3.80
N ALA B 68 29.91 -21.37 4.93
CA ALA B 68 31.33 -21.67 5.07
C ALA B 68 31.74 -22.74 4.07
N LEU B 69 32.90 -22.54 3.46
CA LEU B 69 33.40 -23.48 2.46
C LEU B 69 33.55 -24.90 3.03
N LYS B 70 33.78 -24.99 4.34
CA LYS B 70 33.86 -26.27 5.03
C LYS B 70 32.51 -26.98 5.00
N GLU B 71 31.44 -26.19 4.84
CA GLU B 71 30.09 -26.67 5.09
C GLU B 71 29.21 -26.86 3.85
N VAL B 72 29.73 -26.53 2.68
CA VAL B 72 28.92 -26.57 1.45
C VAL B 72 28.58 -28.01 1.03
N THR B 73 27.45 -28.16 0.36
CA THR B 73 27.04 -29.44 -0.21
C THR B 73 26.49 -29.24 -1.61
N TYR B 74 26.19 -30.35 -2.27
CA TYR B 74 25.40 -30.31 -3.49
C TYR B 74 24.02 -29.77 -3.14
N GLU B 75 23.52 -30.20 -1.97
CA GLU B 75 22.17 -29.86 -1.52
C GLU B 75 21.97 -28.38 -1.20
N ASN B 76 22.89 -27.80 -0.43
CA ASN B 76 22.70 -26.44 0.06
C ASN B 76 23.34 -25.35 -0.79
N CYS B 77 23.93 -25.74 -1.92
CA CYS B 77 24.46 -24.78 -2.88
C CYS B 77 23.78 -24.93 -4.23
N LEU B 78 24.03 -26.06 -4.88
CA LEU B 78 23.59 -26.28 -6.25
C LEU B 78 22.09 -26.54 -6.39
N GLN B 79 21.50 -27.19 -5.40
CA GLN B 79 20.09 -27.58 -5.47
C GLN B 79 19.17 -26.43 -5.08
N VAL B 80 19.57 -25.66 -4.07
CA VAL B 80 18.80 -24.50 -3.65
C VAL B 80 18.85 -23.42 -4.73
N LEU B 81 19.93 -23.43 -5.51
CA LEU B 81 20.10 -22.47 -6.60
C LEU B 81 19.16 -22.84 -7.75
N ALA B 82 19.05 -24.14 -8.02
CA ALA B 82 18.20 -24.63 -9.09
C ALA B 82 16.73 -24.48 -8.74
N ASP B 83 16.41 -24.69 -7.47
CA ASP B 83 15.02 -24.62 -7.00
C ASP B 83 14.47 -23.19 -7.07
N ILE B 84 15.33 -22.21 -6.76
CA ILE B 84 14.91 -20.81 -6.81
C ILE B 84 14.89 -20.33 -8.26
N GLU B 85 15.65 -21.00 -9.13
CA GLU B 85 15.71 -20.62 -10.53
C GLU B 85 14.40 -20.98 -11.25
N VAL B 86 13.83 -22.13 -10.88
CA VAL B 86 12.54 -22.54 -11.42
C VAL B 86 11.45 -21.60 -10.91
N THR B 87 11.46 -21.37 -9.59
CA THR B 87 10.50 -20.51 -8.93
C THR B 87 10.56 -19.09 -9.51
N TYR B 88 11.77 -18.62 -9.80
CA TYR B 88 11.97 -17.29 -10.37
C TYR B 88 11.32 -17.20 -11.75
N ILE B 89 11.65 -18.17 -12.60
CA ILE B 89 11.22 -18.16 -13.99
C ILE B 89 9.70 -18.13 -14.16
N VAL B 90 8.99 -18.96 -13.39
CA VAL B 90 7.54 -19.08 -13.55
C VAL B 90 6.81 -17.84 -13.04
N GLU B 91 7.25 -17.32 -11.90
CA GLU B 91 6.65 -16.12 -11.32
C GLU B 91 6.95 -14.90 -12.18
N ARG B 92 8.10 -14.91 -12.83
CA ARG B 92 8.51 -13.80 -13.69
C ARG B 92 7.59 -13.70 -14.89
N THR B 93 7.15 -14.85 -15.39
CA THR B 93 6.30 -14.91 -16.57
C THR B 93 4.96 -14.19 -16.37
N MET B 94 4.45 -14.20 -15.13
CA MET B 94 3.21 -13.49 -14.82
C MET B 94 3.45 -11.99 -14.80
N LEU B 95 4.71 -11.59 -14.80
CA LEU B 95 5.09 -10.20 -14.60
C LEU B 95 5.60 -9.50 -15.87
N ASP B 96 6.27 -10.27 -16.74
CA ASP B 96 6.94 -9.68 -17.90
C ASP B 96 6.28 -10.05 -19.24
N PHE B 97 5.21 -10.83 -19.17
CA PHE B 97 4.50 -11.27 -20.37
C PHE B 97 3.24 -10.45 -20.71
N PRO B 98 2.49 -9.97 -19.69
CA PRO B 98 1.40 -9.01 -19.95
C PRO B 98 1.77 -7.83 -20.86
N GLN B 99 3.03 -7.40 -20.84
CA GLN B 99 3.46 -6.25 -21.64
C GLN B 99 3.37 -6.48 -23.15
N HIS B 100 3.09 -7.72 -23.54
CA HIS B 100 3.16 -8.11 -24.95
C HIS B 100 1.81 -8.53 -25.54
N VAL B 101 0.81 -8.74 -24.69
CA VAL B 101 -0.43 -9.35 -25.16
C VAL B 101 -1.68 -8.76 -24.51
N SER B 102 -1.50 -8.07 -23.38
CA SER B 102 -2.63 -7.51 -22.64
C SER B 102 -3.36 -6.42 -23.41
N SER B 103 -4.63 -6.22 -23.07
CA SER B 103 -5.43 -5.20 -23.72
C SER B 103 -5.55 -3.94 -22.87
N ASP B 104 -5.14 -4.04 -21.61
CA ASP B 104 -5.14 -2.89 -20.72
C ASP B 104 -3.76 -2.24 -20.71
N ARG B 105 -3.73 -0.96 -21.07
CA ARG B 105 -2.47 -0.23 -21.19
C ARG B 105 -1.77 -0.05 -19.84
N GLU B 106 -2.56 0.14 -18.78
CA GLU B 106 -2.02 0.29 -17.44
C GLU B 106 -1.37 -1.02 -16.96
N VAL B 107 -1.81 -2.13 -17.54
CA VAL B 107 -1.26 -3.44 -17.21
C VAL B 107 0.02 -3.72 -18.01
N ARG B 108 0.02 -3.31 -19.28
CA ARG B 108 1.20 -3.45 -20.13
C ARG B 108 2.35 -2.58 -19.63
N ALA B 109 2.00 -1.51 -18.93
CA ALA B 109 3.00 -0.55 -18.44
C ALA B 109 3.60 -1.01 -17.11
N ALA B 110 2.80 -1.68 -16.28
CA ALA B 110 3.30 -2.24 -15.04
C ALA B 110 4.22 -3.40 -15.37
N SER B 111 3.89 -4.11 -16.44
CA SER B 111 4.65 -5.27 -16.89
C SER B 111 5.99 -4.87 -17.52
N THR B 112 6.00 -3.71 -18.20
CA THR B 112 7.23 -3.21 -18.78
C THR B 112 8.16 -2.73 -17.68
N GLU B 113 7.57 -2.13 -16.64
CA GLU B 113 8.35 -1.62 -15.52
C GLU B 113 8.84 -2.74 -14.62
N ALA B 114 8.04 -3.80 -14.52
CA ALA B 114 8.44 -4.98 -13.75
C ALA B 114 9.65 -5.61 -14.41
N ASP B 115 9.60 -5.73 -15.73
CA ASP B 115 10.67 -6.34 -16.51
C ASP B 115 11.96 -5.53 -16.42
N LYS B 116 11.84 -4.20 -16.44
CA LYS B 116 12.99 -3.33 -16.28
C LYS B 116 13.58 -3.48 -14.89
N LYS B 117 12.69 -3.54 -13.89
CA LYS B 117 13.10 -3.65 -12.49
C LYS B 117 13.68 -5.03 -12.18
N LEU B 118 13.24 -6.04 -12.93
CA LEU B 118 13.73 -7.41 -12.75
C LEU B 118 15.03 -7.65 -13.50
N SER B 119 15.26 -6.89 -14.56
CA SER B 119 16.52 -6.98 -15.30
C SER B 119 17.61 -6.21 -14.58
N ARG B 120 17.22 -5.15 -13.87
CA ARG B 120 18.13 -4.45 -12.96
C ARG B 120 18.61 -5.43 -11.91
N PHE B 121 17.68 -6.29 -11.49
CA PHE B 121 17.97 -7.29 -10.46
C PHE B 121 18.88 -8.40 -10.96
N ASP B 122 18.80 -8.70 -12.26
CA ASP B 122 19.59 -9.78 -12.83
C ASP B 122 21.05 -9.38 -13.05
N ILE B 123 21.27 -8.14 -13.46
CA ILE B 123 22.62 -7.59 -13.57
C ILE B 123 23.27 -7.65 -12.20
N GLU B 124 22.50 -7.31 -11.16
CA GLU B 124 22.98 -7.36 -9.79
C GLU B 124 23.35 -8.78 -9.38
N MET B 125 22.50 -9.74 -9.73
CA MET B 125 22.74 -11.14 -9.39
C MET B 125 23.88 -11.74 -10.20
N SER B 126 24.11 -11.20 -11.39
CA SER B 126 25.17 -11.71 -12.27
C SER B 126 26.56 -11.44 -11.69
N MET B 127 26.65 -10.56 -10.71
CA MET B 127 27.94 -10.19 -10.12
C MET B 127 28.09 -10.71 -8.70
N ARG B 128 27.28 -11.70 -8.33
CA ARG B 128 27.36 -12.29 -7.01
C ARG B 128 28.54 -13.27 -6.89
N GLU B 129 29.69 -12.74 -6.47
CA GLU B 129 30.92 -13.53 -6.35
C GLU B 129 30.92 -14.45 -5.13
N ASP B 130 30.09 -14.13 -4.15
CA ASP B 130 29.97 -14.96 -2.96
C ASP B 130 29.36 -16.31 -3.32
N VAL B 131 28.33 -16.28 -4.15
CA VAL B 131 27.65 -17.48 -4.59
C VAL B 131 28.52 -18.25 -5.59
N PHE B 132 29.29 -17.52 -6.38
CA PHE B 132 30.18 -18.11 -7.37
C PHE B 132 31.30 -18.88 -6.69
N GLN B 133 31.81 -18.32 -5.60
CA GLN B 133 32.91 -18.94 -4.87
C GLN B 133 32.50 -20.25 -4.20
N ARG B 134 31.22 -20.38 -3.88
CA ARG B 134 30.73 -21.56 -3.18
C ARG B 134 30.70 -22.79 -4.08
N ILE B 135 30.41 -22.58 -5.36
CA ILE B 135 30.23 -23.70 -6.28
C ILE B 135 31.51 -24.07 -7.03
N VAL B 136 32.48 -23.15 -7.06
CA VAL B 136 33.82 -23.49 -7.53
C VAL B 136 34.41 -24.47 -6.53
N HIS B 137 34.17 -24.18 -5.26
CA HIS B 137 34.64 -25.03 -4.17
C HIS B 137 34.01 -26.42 -4.24
N LEU B 138 32.72 -26.46 -4.56
CA LEU B 138 32.00 -27.72 -4.68
C LEU B 138 32.55 -28.59 -5.81
N GLN B 139 32.92 -27.94 -6.91
CA GLN B 139 33.50 -28.64 -8.05
C GLN B 139 34.88 -29.16 -7.69
N GLU B 140 35.55 -28.44 -6.80
CA GLU B 140 36.89 -28.79 -6.36
C GLU B 140 36.91 -30.04 -5.48
N THR B 141 35.87 -30.22 -4.68
CA THR B 141 35.84 -31.27 -3.65
C THR B 141 35.03 -32.51 -4.06
N CYS B 142 33.71 -32.35 -4.16
CA CYS B 142 32.79 -33.47 -4.37
C CYS B 142 33.10 -34.26 -5.65
N ASP B 143 32.73 -35.54 -5.63
CA ASP B 143 32.97 -36.42 -6.76
C ASP B 143 31.98 -36.15 -7.89
N LEU B 144 32.51 -35.79 -9.05
CA LEU B 144 31.69 -35.42 -10.20
C LEU B 144 30.96 -36.61 -10.83
N GLU B 145 31.34 -37.82 -10.43
CA GLU B 145 30.85 -39.02 -11.10
C GLU B 145 29.82 -39.77 -10.26
N LYS B 146 29.41 -39.16 -9.14
CA LYS B 146 28.35 -39.71 -8.30
C LYS B 146 27.08 -38.83 -8.36
N ILE B 147 27.02 -37.94 -9.34
CA ILE B 147 25.82 -37.17 -9.63
C ILE B 147 25.41 -37.37 -11.08
N LYS B 148 24.25 -36.85 -11.43
CA LYS B 148 23.71 -37.02 -12.78
C LYS B 148 24.48 -36.15 -13.77
N PRO B 149 24.58 -36.61 -15.03
CA PRO B 149 25.30 -35.88 -16.09
C PRO B 149 24.77 -34.47 -16.30
N GLU B 150 23.47 -34.25 -16.11
CA GLU B 150 22.88 -32.94 -16.27
C GLU B 150 23.14 -32.07 -15.04
N ALA B 151 23.34 -32.72 -13.90
CA ALA B 151 23.69 -32.01 -12.68
C ALA B 151 25.15 -31.58 -12.74
N ARG B 152 25.95 -32.36 -13.46
CA ARG B 152 27.34 -32.03 -13.70
C ARG B 152 27.37 -30.84 -14.64
N ARG B 153 26.41 -30.79 -15.54
CA ARG B 153 26.30 -29.76 -16.55
C ARG B 153 25.82 -28.44 -15.93
N TYR B 154 24.92 -28.52 -14.96
CA TYR B 154 24.44 -27.33 -14.25
C TYR B 154 25.59 -26.72 -13.46
N LEU B 155 26.48 -27.59 -12.97
CA LEU B 155 27.65 -27.15 -12.22
C LEU B 155 28.63 -26.43 -13.14
N GLU B 156 29.11 -27.14 -14.15
CA GLU B 156 30.15 -26.64 -15.06
C GLU B 156 29.76 -25.38 -15.82
N LYS B 157 28.48 -25.22 -16.13
CA LYS B 157 28.04 -24.08 -16.92
C LYS B 157 27.62 -22.89 -16.06
N SER B 158 27.34 -23.11 -14.79
CA SER B 158 27.13 -22.00 -13.86
C SER B 158 28.46 -21.36 -13.52
N ILE B 159 29.51 -22.19 -13.51
CA ILE B 159 30.85 -21.71 -13.23
C ILE B 159 31.45 -21.02 -14.46
N LYS B 160 31.15 -21.56 -15.64
CA LYS B 160 31.58 -20.94 -16.89
C LYS B 160 30.85 -19.61 -17.05
N MET B 161 29.64 -19.55 -16.49
CA MET B 161 28.84 -18.33 -16.50
C MET B 161 29.52 -17.21 -15.73
N GLY B 162 29.98 -17.54 -14.52
CA GLY B 162 30.61 -16.57 -13.64
C GLY B 162 32.00 -16.14 -14.09
N LYS B 163 32.66 -16.98 -14.87
CA LYS B 163 33.98 -16.63 -15.41
C LYS B 163 33.85 -15.79 -16.69
N ARG B 164 32.67 -15.84 -17.28
CA ARG B 164 32.35 -15.00 -18.44
C ARG B 164 31.79 -13.66 -17.96
N ASN B 165 31.69 -13.51 -16.65
CA ASN B 165 31.38 -12.22 -16.04
C ASN B 165 32.58 -11.71 -15.27
N GLY B 166 33.59 -12.56 -15.13
CA GLY B 166 34.85 -12.18 -14.50
C GLY B 166 34.86 -12.29 -12.99
N LEU B 167 33.97 -13.10 -12.43
CA LEU B 167 33.84 -13.24 -10.97
C LEU B 167 35.08 -13.87 -10.33
N HIS B 168 35.93 -14.49 -11.14
CA HIS B 168 37.16 -15.11 -10.64
C HIS B 168 38.30 -14.11 -10.65
N LEU B 169 38.03 -12.93 -11.21
CA LEU B 169 39.04 -11.88 -11.35
C LEU B 169 38.99 -10.90 -10.18
N SER B 170 39.93 -9.96 -10.16
CA SER B 170 40.03 -9.01 -9.07
C SER B 170 38.82 -8.08 -8.97
N GLU B 171 38.69 -7.43 -7.82
CA GLU B 171 37.56 -6.56 -7.54
C GLU B 171 37.71 -5.21 -8.23
N ALA B 172 38.78 -5.05 -9.01
CA ALA B 172 39.11 -3.75 -9.59
C ALA B 172 38.81 -3.63 -11.08
N ILE B 173 38.98 -4.72 -11.83
CA ILE B 173 38.58 -4.72 -13.23
C ILE B 173 37.13 -5.14 -13.31
N ARG B 174 36.69 -5.88 -12.31
CA ARG B 174 35.29 -6.24 -12.19
C ARG B 174 34.45 -4.98 -12.03
N ASN B 175 34.87 -4.08 -11.15
CA ASN B 175 34.20 -2.80 -10.97
C ASN B 175 34.24 -1.97 -12.24
N GLU B 176 35.27 -2.19 -13.05
CA GLU B 176 35.42 -1.48 -14.31
C GLU B 176 34.66 -2.17 -15.45
N ILE B 177 34.64 -3.50 -15.43
CA ILE B 177 33.85 -4.26 -16.39
C ILE B 177 32.37 -3.94 -16.19
N LYS B 178 31.98 -3.83 -14.93
CA LYS B 178 30.62 -3.47 -14.56
C LYS B 178 30.23 -2.11 -15.13
N SER B 179 31.14 -1.15 -15.01
CA SER B 179 30.93 0.20 -15.54
C SER B 179 30.90 0.21 -17.06
N MET B 180 31.79 -0.57 -17.68
CA MET B 180 31.86 -0.65 -19.14
C MET B 180 30.59 -1.26 -19.74
N LYS B 181 29.99 -2.22 -19.03
CA LYS B 181 28.79 -2.88 -19.51
C LYS B 181 27.54 -2.00 -19.35
N LYS B 182 27.56 -1.10 -18.37
CA LYS B 182 26.43 -0.22 -18.14
C LYS B 182 26.39 0.86 -19.22
N ARG B 183 27.52 1.05 -19.89
CA ARG B 183 27.61 2.02 -20.96
C ARG B 183 27.21 1.40 -22.29
N MET B 184 27.53 0.13 -22.47
CA MET B 184 27.09 -0.62 -23.64
C MET B 184 25.57 -0.67 -23.62
N SER B 185 25.01 -0.75 -22.42
CA SER B 185 23.57 -0.79 -22.23
C SER B 185 22.95 0.53 -22.69
N GLU B 186 23.55 1.63 -22.25
CA GLU B 186 23.10 2.97 -22.64
C GLU B 186 23.21 3.19 -24.15
N LEU B 187 24.32 2.76 -24.73
CA LEU B 187 24.57 2.92 -26.16
C LEU B 187 23.56 2.11 -27.00
N CYS B 188 23.29 0.88 -26.58
CA CYS B 188 22.35 0.01 -27.26
C CYS B 188 20.92 0.54 -27.18
N ILE B 189 20.57 1.10 -26.02
CA ILE B 189 19.25 1.71 -25.83
C ILE B 189 19.08 2.88 -26.78
N ASP B 190 20.07 3.78 -26.78
CA ASP B 190 20.03 4.99 -27.59
C ASP B 190 20.11 4.72 -29.08
N PHE B 191 20.76 3.61 -29.46
CA PHE B 191 20.90 3.24 -30.86
C PHE B 191 19.54 2.97 -31.49
N ASN B 192 18.69 2.25 -30.75
CA ASN B 192 17.35 1.90 -31.24
C ASN B 192 16.33 2.98 -30.96
N LYS B 193 16.49 3.68 -29.84
CA LYS B 193 15.63 4.80 -29.51
C LYS B 193 15.76 5.90 -30.56
N ASN B 194 16.98 6.08 -31.08
CA ASN B 194 17.22 7.01 -32.18
C ASN B 194 16.42 6.64 -33.41
N LEU B 195 16.51 5.37 -33.79
CA LEU B 195 15.84 4.85 -34.98
C LEU B 195 14.31 4.83 -34.84
N ASN B 196 13.83 4.68 -33.61
CA ASN B 196 12.39 4.62 -33.37
C ASN B 196 11.73 6.00 -33.26
N GLU B 197 12.52 7.00 -32.88
CA GLU B 197 12.00 8.35 -32.75
C GLU B 197 12.14 9.11 -34.06
N ASP B 198 12.61 8.41 -35.09
CA ASP B 198 12.79 9.03 -36.40
C ASP B 198 11.45 9.17 -37.15
N ASP B 199 11.21 10.36 -37.69
CA ASP B 199 9.98 10.64 -38.43
C ASP B 199 10.30 11.33 -39.75
N THR B 200 11.22 10.73 -40.49
CA THR B 200 11.66 11.28 -41.78
C THR B 200 10.68 10.88 -42.87
N SER B 201 10.18 11.87 -43.60
CA SER B 201 9.22 11.61 -44.67
C SER B 201 9.62 12.32 -45.95
N LEU B 202 9.25 11.72 -47.08
CA LEU B 202 9.32 12.39 -48.38
C LEU B 202 7.89 12.59 -48.86
N VAL B 203 7.69 13.58 -49.73
CA VAL B 203 6.39 13.81 -50.31
C VAL B 203 6.42 13.53 -51.81
N PHE B 204 5.34 12.94 -52.32
CA PHE B 204 5.28 12.57 -53.72
C PHE B 204 3.90 12.82 -54.33
N SER B 205 3.84 12.80 -55.65
CA SER B 205 2.57 12.92 -56.37
C SER B 205 2.10 11.54 -56.80
N LYS B 206 0.88 11.48 -57.33
CA LYS B 206 0.30 10.21 -57.74
C LYS B 206 1.05 9.60 -58.92
N ALA B 207 1.76 10.45 -59.66
CA ALA B 207 2.55 10.00 -60.80
C ALA B 207 3.96 9.62 -60.36
N GLU B 208 4.41 10.24 -59.27
CA GLU B 208 5.71 9.89 -58.69
C GLU B 208 5.60 8.63 -57.86
N LEU B 209 4.36 8.17 -57.66
CA LEU B 209 4.09 6.91 -56.99
C LEU B 209 3.39 5.97 -57.97
N GLY B 210 4.03 5.72 -59.10
CA GLY B 210 3.44 4.88 -60.14
C GLY B 210 3.37 3.43 -59.75
N ALA B 211 2.36 2.74 -60.26
CA ALA B 211 2.20 1.29 -60.08
C ALA B 211 1.95 0.84 -58.63
N LEU B 212 1.80 1.80 -57.72
CA LEU B 212 1.39 1.48 -56.35
C LEU B 212 -0.14 1.49 -56.27
N PRO B 213 -0.72 0.49 -55.60
CA PRO B 213 -2.18 0.28 -55.58
C PRO B 213 -2.94 1.45 -54.94
N ASP B 214 -4.23 1.54 -55.26
CA ASP B 214 -5.10 2.55 -54.64
C ASP B 214 -5.23 2.27 -53.14
N ASP B 215 -5.06 1.00 -52.78
CA ASP B 215 -5.08 0.60 -51.37
C ASP B 215 -3.98 1.31 -50.59
N PHE B 216 -2.79 1.33 -51.16
CA PHE B 216 -1.62 1.91 -50.50
C PHE B 216 -1.69 3.44 -50.48
N ILE B 217 -2.19 4.02 -51.57
CA ILE B 217 -2.19 5.47 -51.73
C ILE B 217 -3.34 6.15 -50.94
N ASP B 218 -4.46 5.46 -50.80
CA ASP B 218 -5.55 5.95 -49.96
C ASP B 218 -5.12 5.95 -48.49
N SER B 219 -4.17 5.08 -48.17
CA SER B 219 -3.70 4.92 -46.79
C SER B 219 -2.73 6.02 -46.39
N LEU B 220 -2.25 6.78 -47.38
CA LEU B 220 -1.25 7.81 -47.14
C LEU B 220 -1.87 9.15 -46.76
N GLU B 221 -1.18 9.89 -45.90
CA GLU B 221 -1.60 11.24 -45.53
C GLU B 221 -1.38 12.19 -46.70
N LYS B 222 -2.11 13.30 -46.69
CA LYS B 222 -1.92 14.34 -47.69
C LYS B 222 -1.44 15.61 -47.00
N THR B 223 -0.68 16.44 -47.71
CA THR B 223 -0.05 17.61 -47.09
C THR B 223 -0.69 18.93 -47.51
N ASP B 224 -0.04 20.04 -47.13
CA ASP B 224 -0.57 21.37 -47.40
C ASP B 224 -0.33 21.83 -48.85
N GLU B 225 0.62 21.20 -49.52
CA GLU B 225 0.79 21.42 -50.96
C GLU B 225 0.22 20.24 -51.72
N ASP B 226 -0.67 19.52 -51.05
CA ASP B 226 -1.46 18.43 -51.62
C ASP B 226 -0.64 17.32 -52.30
N LYS B 227 0.42 16.89 -51.62
CA LYS B 227 1.17 15.72 -52.05
C LYS B 227 0.95 14.57 -51.08
N TYR B 228 1.50 13.41 -51.39
CA TYR B 228 1.33 12.24 -50.53
C TYR B 228 2.55 12.05 -49.64
N LYS B 229 2.32 11.96 -48.34
CA LYS B 229 3.41 11.77 -47.39
C LYS B 229 3.75 10.29 -47.24
N VAL B 230 4.99 9.92 -47.56
CA VAL B 230 5.46 8.56 -47.35
C VAL B 230 6.53 8.55 -46.26
N THR B 231 6.25 7.89 -45.14
CA THR B 231 7.22 7.80 -44.07
C THR B 231 8.29 6.77 -44.40
N LEU B 232 9.27 6.63 -43.52
CA LEU B 232 10.40 5.75 -43.76
C LEU B 232 10.29 4.46 -42.95
N LYS B 233 9.11 4.23 -42.38
CA LYS B 233 8.85 3.03 -41.60
C LYS B 233 8.61 1.83 -42.53
N TYR B 234 8.73 0.63 -41.99
CA TYR B 234 8.68 -0.60 -42.80
C TYR B 234 7.43 -0.81 -43.68
N PRO B 235 6.22 -0.54 -43.15
CA PRO B 235 5.05 -0.72 -44.03
C PRO B 235 4.87 0.37 -45.09
N HIS B 236 5.73 1.38 -45.10
CA HIS B 236 5.68 2.41 -46.12
C HIS B 236 6.82 2.24 -47.12
N TYR B 237 8.01 1.95 -46.60
CA TYR B 237 9.22 1.82 -47.40
C TYR B 237 9.19 0.65 -48.39
N PHE B 238 8.79 -0.52 -47.90
CA PHE B 238 8.89 -1.75 -48.67
C PHE B 238 7.92 -1.92 -49.85
N PRO B 239 6.64 -1.53 -49.69
CA PRO B 239 5.80 -1.50 -50.89
C PRO B 239 6.41 -0.65 -52.00
N VAL B 240 6.87 0.55 -51.66
CA VAL B 240 7.43 1.48 -52.64
C VAL B 240 8.64 0.90 -53.38
N MET B 241 9.55 0.25 -52.65
CA MET B 241 10.77 -0.30 -53.26
C MET B 241 10.48 -1.55 -54.10
N LYS B 242 9.32 -2.17 -53.88
CA LYS B 242 8.96 -3.40 -54.58
C LYS B 242 8.01 -3.17 -55.75
N LYS B 243 7.30 -2.03 -55.74
CA LYS B 243 6.19 -1.85 -56.67
C LYS B 243 6.27 -0.58 -57.53
N CYS B 244 6.95 0.45 -57.06
CA CYS B 244 6.94 1.75 -57.75
C CYS B 244 7.75 1.74 -59.05
N CYS B 245 7.11 2.12 -60.15
CA CYS B 245 7.74 2.06 -61.46
C CYS B 245 8.65 3.26 -61.75
N VAL B 246 8.63 4.27 -60.86
CA VAL B 246 9.52 5.42 -60.98
C VAL B 246 10.82 5.14 -60.23
N PRO B 247 11.93 4.97 -60.97
CA PRO B 247 13.20 4.63 -60.35
C PRO B 247 13.79 5.77 -59.52
N GLU B 248 13.35 7.00 -59.80
CA GLU B 248 13.84 8.17 -59.06
C GLU B 248 13.16 8.28 -57.70
N THR B 249 11.95 7.76 -57.60
CA THR B 249 11.25 7.69 -56.33
C THR B 249 11.94 6.63 -55.46
N ARG B 250 12.38 5.56 -56.10
CA ARG B 250 13.09 4.50 -55.40
C ARG B 250 14.47 4.95 -54.95
N ARG B 251 15.14 5.75 -55.78
CA ARG B 251 16.47 6.26 -55.45
C ARG B 251 16.39 7.19 -54.24
N LYS B 252 15.32 7.98 -54.16
CA LYS B 252 15.14 8.92 -53.07
C LYS B 252 14.80 8.23 -51.74
N MET B 253 13.97 7.19 -51.81
CA MET B 253 13.55 6.47 -50.62
C MET B 253 14.66 5.61 -50.03
N GLU B 254 15.54 5.11 -50.90
CA GLU B 254 16.63 4.26 -50.45
C GLU B 254 17.73 5.10 -49.82
N MET B 255 17.94 6.29 -50.37
CA MET B 255 18.91 7.23 -49.82
C MET B 255 18.48 7.69 -48.44
N ALA B 256 17.19 7.95 -48.28
CA ALA B 256 16.65 8.41 -47.01
C ALA B 256 16.63 7.27 -46.00
N PHE B 257 16.37 6.06 -46.47
CA PHE B 257 16.28 4.90 -45.60
C PHE B 257 17.65 4.55 -45.00
N HIS B 258 18.68 4.58 -45.82
CA HIS B 258 20.02 4.22 -45.39
C HIS B 258 20.89 5.43 -45.03
N THR B 259 20.23 6.53 -44.66
CA THR B 259 20.91 7.66 -44.02
C THR B 259 20.17 8.04 -42.76
N ARG B 260 19.28 7.15 -42.32
CA ARG B 260 18.54 7.35 -41.06
C ARG B 260 19.48 7.30 -39.87
N CYS B 261 19.48 8.37 -39.08
CA CYS B 261 20.35 8.49 -37.92
C CYS B 261 21.81 8.21 -38.31
N LYS B 262 22.18 8.68 -39.50
CA LYS B 262 23.46 8.32 -40.11
C LYS B 262 24.68 8.70 -39.28
N GLN B 263 24.73 9.94 -38.80
CA GLN B 263 25.96 10.44 -38.19
C GLN B 263 25.99 10.26 -36.67
N GLU B 264 24.81 10.09 -36.06
CA GLU B 264 24.75 9.91 -34.61
C GLU B 264 24.80 8.44 -34.19
N ASN B 265 24.34 7.55 -35.07
CA ASN B 265 24.47 6.12 -34.81
C ASN B 265 25.82 5.57 -35.27
N THR B 266 26.51 6.34 -36.10
CA THR B 266 27.88 6.01 -36.46
C THR B 266 28.77 6.29 -35.27
N ALA B 267 28.47 7.37 -34.56
CA ALA B 267 29.24 7.77 -33.40
C ALA B 267 29.04 6.82 -32.23
N ILE B 268 27.89 6.14 -32.22
CA ILE B 268 27.61 5.14 -31.19
C ILE B 268 28.36 3.84 -31.48
N LEU B 269 28.39 3.44 -32.74
CA LEU B 269 29.12 2.25 -33.15
C LEU B 269 30.62 2.43 -32.95
N GLN B 270 31.10 3.67 -33.07
CA GLN B 270 32.51 3.96 -32.90
C GLN B 270 32.93 3.87 -31.43
N GLN B 271 31.94 3.78 -30.54
CA GLN B 271 32.21 3.58 -29.11
C GLN B 271 31.90 2.14 -28.71
N LEU B 272 30.76 1.66 -29.20
CA LEU B 272 30.19 0.37 -28.79
C LEU B 272 31.00 -0.85 -29.25
N LEU B 273 31.47 -0.82 -30.48
CA LEU B 273 32.21 -1.95 -31.04
C LEU B 273 33.62 -2.11 -30.47
N PRO B 274 34.35 -0.99 -30.27
CA PRO B 274 35.62 -1.14 -29.56
C PRO B 274 35.43 -1.52 -28.09
N LEU B 275 34.29 -1.13 -27.51
CA LEU B 275 33.99 -1.47 -26.13
C LEU B 275 33.78 -2.98 -25.96
N ARG B 276 33.18 -3.60 -26.98
CA ARG B 276 32.97 -5.04 -26.97
C ARG B 276 34.29 -5.80 -27.12
N ALA B 277 35.22 -5.19 -27.83
CA ALA B 277 36.55 -5.77 -28.03
C ALA B 277 37.35 -5.74 -26.74
N GLN B 278 37.11 -4.70 -25.94
CA GLN B 278 37.86 -4.46 -24.72
C GLN B 278 37.38 -5.32 -23.56
N VAL B 279 36.07 -5.43 -23.41
CA VAL B 279 35.49 -6.25 -22.34
C VAL B 279 35.85 -7.71 -22.55
N ALA B 280 35.81 -8.15 -23.81
CA ALA B 280 36.12 -9.54 -24.16
C ALA B 280 37.58 -9.90 -23.88
N LYS B 281 38.48 -8.97 -24.16
CA LYS B 281 39.91 -9.23 -23.91
C LYS B 281 40.21 -9.26 -22.41
N LEU B 282 39.45 -8.51 -21.63
CA LEU B 282 39.57 -8.55 -20.18
C LEU B 282 39.09 -9.90 -19.66
N LEU B 283 38.12 -10.48 -20.36
CA LEU B 283 37.56 -11.76 -19.96
C LEU B 283 38.34 -12.93 -20.58
N GLY B 284 39.36 -12.60 -21.37
CA GLY B 284 40.22 -13.62 -21.94
C GLY B 284 39.87 -14.09 -23.35
N TYR B 285 39.15 -13.26 -24.09
CA TYR B 285 38.78 -13.59 -25.47
C TYR B 285 39.39 -12.63 -26.48
N ASN B 286 39.80 -13.16 -27.62
CA ASN B 286 40.46 -12.37 -28.66
C ASN B 286 39.56 -11.28 -29.25
N THR B 287 38.35 -11.67 -29.62
CA THR B 287 37.37 -10.74 -30.16
C THR B 287 36.05 -10.95 -29.44
N HIS B 288 35.09 -10.06 -29.68
CA HIS B 288 33.76 -10.22 -29.11
C HIS B 288 33.04 -11.38 -29.78
N ALA B 289 33.36 -11.63 -31.04
CA ALA B 289 32.76 -12.74 -31.78
C ALA B 289 33.18 -14.08 -31.19
N ASP B 290 34.42 -14.16 -30.73
CA ASP B 290 34.90 -15.37 -30.06
C ASP B 290 34.20 -15.58 -28.73
N PHE B 291 33.90 -14.47 -28.05
CA PHE B 291 33.21 -14.51 -26.77
C PHE B 291 31.81 -15.07 -26.92
N VAL B 292 31.17 -14.66 -27.99
CA VAL B 292 29.82 -15.07 -28.26
C VAL B 292 29.76 -16.54 -28.72
N LEU B 293 30.66 -16.87 -29.63
CA LEU B 293 30.65 -18.17 -30.30
C LEU B 293 30.98 -19.38 -29.41
N GLU B 294 31.53 -19.12 -28.23
CA GLU B 294 31.92 -20.19 -27.33
C GLU B 294 30.70 -20.98 -26.84
N LEU B 295 29.57 -20.29 -26.71
CA LEU B 295 28.32 -20.93 -26.31
C LEU B 295 27.53 -21.40 -27.52
N ASN B 296 28.12 -21.28 -28.71
CA ASN B 296 27.47 -21.71 -29.95
C ASN B 296 28.04 -23.03 -30.47
N THR B 297 27.37 -23.61 -31.46
CA THR B 297 27.81 -24.87 -32.06
C THR B 297 28.83 -24.62 -33.18
N ALA B 298 29.06 -23.36 -33.50
CA ALA B 298 30.05 -23.02 -34.52
C ALA B 298 31.40 -22.70 -33.89
N LYS B 299 31.43 -22.70 -32.56
CA LYS B 299 32.68 -22.68 -31.78
C LYS B 299 33.57 -21.44 -31.96
N SER B 300 34.06 -21.25 -33.18
CA SER B 300 35.10 -20.25 -33.45
C SER B 300 34.72 -19.28 -34.56
N THR B 301 35.49 -18.21 -34.69
CA THR B 301 35.26 -17.21 -35.73
C THR B 301 35.71 -17.71 -37.09
N SER B 302 36.75 -18.55 -37.10
CA SER B 302 37.28 -19.10 -38.34
C SER B 302 36.35 -20.16 -38.92
N ARG B 303 35.64 -20.85 -38.04
CA ARG B 303 34.63 -21.82 -38.46
C ARG B 303 33.47 -21.09 -39.14
N VAL B 304 33.05 -19.98 -38.55
CA VAL B 304 31.99 -19.17 -39.14
C VAL B 304 32.44 -18.52 -40.44
N ALA B 305 33.66 -17.99 -40.42
CA ALA B 305 34.23 -17.30 -41.57
C ALA B 305 34.35 -18.20 -42.80
N ALA B 306 34.89 -19.40 -42.62
CA ALA B 306 35.01 -20.34 -43.73
C ALA B 306 33.64 -20.80 -44.20
N PHE B 307 32.72 -20.99 -43.26
CA PHE B 307 31.35 -21.36 -43.58
C PHE B 307 30.68 -20.32 -44.48
N LEU B 308 30.85 -19.05 -44.13
CA LEU B 308 30.27 -17.96 -44.91
C LEU B 308 31.00 -17.72 -46.23
N ASP B 309 32.31 -17.90 -46.22
CA ASP B 309 33.13 -17.67 -47.42
C ASP B 309 32.98 -18.77 -48.45
N ASP B 310 32.93 -20.02 -48.00
CA ASP B 310 32.82 -21.16 -48.91
C ASP B 310 31.39 -21.41 -49.36
N LEU B 311 30.49 -20.53 -48.97
CA LEU B 311 29.10 -20.62 -49.38
C LEU B 311 28.79 -19.58 -50.46
N SER B 312 29.58 -18.49 -50.48
CA SER B 312 29.46 -17.47 -51.50
C SER B 312 30.17 -17.92 -52.77
N GLN B 313 31.23 -18.71 -52.61
CA GLN B 313 31.90 -19.32 -53.75
C GLN B 313 30.98 -20.35 -54.38
N LYS B 314 30.16 -20.98 -53.55
CA LYS B 314 29.14 -21.92 -54.01
C LYS B 314 28.02 -21.20 -54.75
N LEU B 315 27.56 -20.09 -54.19
CA LEU B 315 26.41 -19.37 -54.70
C LEU B 315 26.74 -18.40 -55.84
N LYS B 316 28.02 -18.29 -56.18
CA LYS B 316 28.48 -17.26 -57.10
C LYS B 316 27.88 -17.28 -58.53
N PRO B 317 27.93 -18.43 -59.23
CA PRO B 317 27.40 -18.38 -60.61
C PRO B 317 25.87 -18.28 -60.62
N LEU B 318 25.23 -18.72 -59.56
CA LEU B 318 23.78 -18.59 -59.44
C LEU B 318 23.39 -17.13 -59.29
N GLY B 319 24.23 -16.36 -58.59
CA GLY B 319 24.04 -14.93 -58.43
C GLY B 319 24.48 -14.20 -59.69
N GLU B 320 25.43 -14.79 -60.40
CA GLU B 320 25.87 -14.25 -61.68
C GLU B 320 24.75 -14.39 -62.70
N ALA B 321 24.00 -15.49 -62.58
CA ALA B 321 22.87 -15.75 -63.46
C ALA B 321 21.69 -14.83 -63.16
N GLU B 322 21.46 -14.57 -61.88
CA GLU B 322 20.33 -13.75 -61.46
C GLU B 322 20.55 -12.26 -61.74
N ARG B 323 21.80 -11.80 -61.60
CA ARG B 323 22.13 -10.43 -61.94
C ARG B 323 21.98 -10.22 -63.43
N GLU B 324 22.32 -11.25 -64.20
CA GLU B 324 22.27 -11.19 -65.64
C GLU B 324 20.83 -11.09 -66.13
N PHE B 325 19.93 -11.78 -65.44
CA PHE B 325 18.52 -11.82 -65.83
C PHE B 325 17.77 -10.56 -65.40
N ILE B 326 18.07 -10.09 -64.19
CA ILE B 326 17.46 -8.88 -63.67
C ILE B 326 17.85 -7.67 -64.50
N LEU B 327 19.10 -7.65 -64.94
CA LEU B 327 19.62 -6.57 -65.75
C LEU B 327 18.89 -6.48 -67.09
N SER B 328 18.60 -7.64 -67.69
CA SER B 328 17.90 -7.68 -68.96
C SER B 328 16.42 -7.28 -68.80
N LEU B 329 15.89 -7.43 -67.59
CA LEU B 329 14.55 -6.96 -67.30
C LEU B 329 14.54 -5.43 -67.31
N LYS B 330 15.64 -4.85 -66.83
CA LYS B 330 15.77 -3.41 -66.70
C LYS B 330 16.02 -2.74 -68.05
N LYS B 331 16.74 -3.44 -68.94
CA LYS B 331 16.97 -2.94 -70.29
C LYS B 331 15.65 -2.94 -71.04
N LYS B 332 14.87 -4.00 -70.84
CA LYS B 332 13.53 -4.09 -71.41
C LYS B 332 12.64 -2.97 -70.89
N GLU B 333 12.59 -2.83 -69.57
CA GLU B 333 11.69 -1.87 -68.93
C GLU B 333 12.01 -0.42 -69.26
N CYS B 334 13.28 -0.06 -69.23
CA CYS B 334 13.69 1.32 -69.52
C CYS B 334 13.43 1.68 -70.98
N GLU B 335 13.47 0.69 -71.84
CA GLU B 335 13.21 0.88 -73.26
C GLU B 335 11.75 1.22 -73.46
N GLU B 336 10.89 0.43 -72.83
CA GLU B 336 9.45 0.56 -72.93
C GLU B 336 8.96 1.85 -72.29
N ARG B 337 9.32 2.06 -71.02
CA ARG B 337 8.77 3.18 -70.23
C ARG B 337 9.35 4.54 -70.61
N GLY B 338 10.42 4.53 -71.40
CA GLY B 338 11.06 5.76 -71.84
C GLY B 338 12.12 6.25 -70.89
N PHE B 339 12.86 5.32 -70.30
CA PHE B 339 13.87 5.65 -69.30
C PHE B 339 15.28 5.49 -69.84
N GLU B 340 16.23 6.14 -69.17
CA GLU B 340 17.65 5.93 -69.46
C GLU B 340 18.11 4.66 -68.75
N TYR B 341 19.14 4.04 -69.30
CA TYR B 341 19.60 2.74 -68.79
C TYR B 341 21.08 2.80 -68.42
N ASP B 342 21.37 2.83 -67.12
CA ASP B 342 22.74 2.98 -66.65
C ASP B 342 23.58 1.70 -66.79
N GLY B 343 22.92 0.55 -66.85
CA GLY B 343 23.61 -0.72 -67.04
C GLY B 343 24.09 -1.36 -65.75
N LYS B 344 23.65 -0.83 -64.61
CA LYS B 344 23.91 -1.48 -63.34
C LYS B 344 22.60 -1.84 -62.65
N ILE B 345 22.68 -2.78 -61.72
CA ILE B 345 21.61 -2.92 -60.75
C ILE B 345 22.02 -2.09 -59.55
N ASN B 346 21.32 -0.99 -59.31
CA ASN B 346 21.61 -0.17 -58.15
C ASN B 346 20.91 -0.75 -56.93
N ALA B 347 21.15 -0.16 -55.77
CA ALA B 347 20.56 -0.65 -54.53
C ALA B 347 19.06 -0.38 -54.47
N TRP B 348 18.60 0.60 -55.24
CA TRP B 348 17.20 0.96 -55.25
C TRP B 348 16.46 0.29 -56.40
N ASP B 349 17.11 -0.69 -57.01
CA ASP B 349 16.60 -1.37 -58.20
C ASP B 349 16.32 -2.86 -57.95
N LEU B 350 16.78 -3.36 -56.81
CA LEU B 350 16.86 -4.80 -56.57
C LEU B 350 15.54 -5.45 -56.14
N HIS B 351 14.85 -4.85 -55.17
CA HIS B 351 13.59 -5.40 -54.70
C HIS B 351 12.51 -5.29 -55.76
N TYR B 352 12.69 -4.33 -56.67
CA TYR B 352 11.76 -4.13 -57.76
C TYR B 352 11.79 -5.32 -58.73
N TYR B 353 12.96 -5.57 -59.31
CA TYR B 353 13.10 -6.60 -60.34
C TYR B 353 13.16 -8.02 -59.79
N MET B 354 13.27 -8.16 -58.48
CA MET B 354 13.14 -9.46 -57.84
C MET B 354 11.65 -9.80 -57.74
N THR B 355 10.84 -8.76 -57.54
CA THR B 355 9.40 -8.92 -57.46
C THR B 355 8.82 -9.14 -58.86
N GLN B 356 9.52 -8.64 -59.87
CA GLN B 356 9.17 -8.90 -61.26
C GLN B 356 9.48 -10.36 -61.59
N THR B 357 10.68 -10.79 -61.20
CA THR B 357 11.12 -12.19 -61.37
C THR B 357 10.10 -13.15 -60.77
N GLU B 358 9.55 -12.79 -59.61
CA GLU B 358 8.53 -13.61 -58.94
C GLU B 358 7.22 -13.66 -59.72
N GLU B 359 6.98 -12.64 -60.54
CA GLU B 359 5.71 -12.52 -61.25
C GLU B 359 5.84 -12.71 -62.76
N LEU B 360 6.95 -13.33 -63.17
CA LEU B 360 7.29 -13.43 -64.58
C LEU B 360 7.73 -14.87 -64.88
N LYS B 361 8.49 -15.43 -63.95
CA LYS B 361 9.02 -16.77 -64.09
C LYS B 361 8.05 -17.82 -63.54
N TYR B 362 7.37 -17.43 -62.47
CA TYR B 362 6.74 -18.39 -61.59
C TYR B 362 5.25 -18.12 -61.33
N SER B 363 4.86 -16.87 -61.56
CA SER B 363 3.48 -16.51 -61.84
C SER B 363 2.44 -16.98 -60.82
N VAL B 364 2.82 -17.12 -59.55
CA VAL B 364 1.85 -17.46 -58.52
C VAL B 364 1.11 -16.22 -58.05
N ASP B 365 -0.19 -16.15 -58.32
CA ASP B 365 -1.02 -15.13 -57.72
C ASP B 365 -1.10 -15.46 -56.24
N GLN B 366 -0.46 -14.63 -55.41
CA GLN B 366 -0.38 -14.92 -53.98
C GLN B 366 -1.62 -14.46 -53.23
N GLU B 367 -2.70 -14.24 -53.97
CA GLU B 367 -3.95 -13.73 -53.41
C GLU B 367 -5.13 -14.63 -53.79
N SER B 368 -5.08 -15.22 -54.98
CA SER B 368 -6.05 -16.23 -55.35
C SER B 368 -5.61 -17.55 -54.71
N LEU B 369 -4.37 -17.56 -54.24
CA LEU B 369 -3.84 -18.69 -53.49
C LEU B 369 -4.26 -18.57 -52.03
N LYS B 370 -4.39 -17.34 -51.55
CA LYS B 370 -4.76 -17.09 -50.15
C LYS B 370 -6.24 -17.39 -49.91
N GLU B 371 -7.01 -17.53 -50.98
CA GLU B 371 -8.41 -17.90 -50.90
C GLU B 371 -8.54 -19.38 -50.56
N TYR B 372 -7.45 -20.11 -50.72
CA TYR B 372 -7.44 -21.56 -50.48
C TYR B 372 -7.01 -21.89 -49.05
N PHE B 373 -6.56 -20.90 -48.30
CA PHE B 373 -6.13 -21.13 -46.93
C PHE B 373 -6.96 -20.37 -45.89
N PRO B 374 -8.15 -20.89 -45.55
CA PRO B 374 -8.90 -20.31 -44.44
C PRO B 374 -8.37 -20.88 -43.14
N ILE B 375 -8.56 -20.13 -42.06
CA ILE B 375 -7.78 -20.30 -40.85
C ILE B 375 -8.29 -21.41 -39.90
N GLU B 376 -9.56 -21.81 -40.03
CA GLU B 376 -10.06 -22.98 -39.32
C GLU B 376 -9.33 -24.18 -39.87
N VAL B 377 -9.18 -24.20 -41.19
CA VAL B 377 -8.65 -25.34 -41.92
C VAL B 377 -7.14 -25.48 -41.76
N VAL B 378 -6.42 -24.36 -41.78
CA VAL B 378 -4.98 -24.38 -41.61
C VAL B 378 -4.62 -24.84 -40.19
N THR B 379 -5.38 -24.34 -39.22
CA THR B 379 -5.18 -24.70 -37.83
C THR B 379 -5.40 -26.21 -37.61
N GLU B 380 -6.53 -26.70 -38.11
CA GLU B 380 -6.94 -28.08 -37.87
C GLU B 380 -6.00 -29.10 -38.51
N GLY B 381 -5.44 -28.75 -39.67
CA GLY B 381 -4.59 -29.66 -40.42
C GLY B 381 -3.11 -29.51 -40.10
N LEU B 382 -2.77 -28.46 -39.34
CA LEU B 382 -1.43 -28.32 -38.81
C LEU B 382 -1.36 -29.11 -37.51
N LEU B 383 -2.46 -29.07 -36.76
CA LEU B 383 -2.60 -29.88 -35.55
C LEU B 383 -2.69 -31.36 -35.90
N SER B 384 -3.17 -31.64 -37.11
CA SER B 384 -3.30 -33.02 -37.55
C SER B 384 -1.94 -33.62 -37.90
N ILE B 385 -1.12 -32.85 -38.60
CA ILE B 385 0.20 -33.29 -39.04
C ILE B 385 1.13 -33.63 -37.86
N TYR B 386 1.20 -32.72 -36.90
CA TYR B 386 2.14 -32.87 -35.79
C TYR B 386 1.71 -33.98 -34.82
N GLN B 387 0.40 -34.15 -34.66
CA GLN B 387 -0.13 -35.24 -33.83
C GLN B 387 0.25 -36.59 -34.42
N GLU B 388 0.14 -36.70 -35.74
CA GLU B 388 0.43 -37.92 -36.45
C GLU B 388 1.93 -38.18 -36.51
N LEU B 389 2.70 -37.11 -36.68
CA LEU B 389 4.16 -37.21 -36.85
C LEU B 389 4.86 -37.55 -35.54
N LEU B 390 4.53 -36.80 -34.48
CA LEU B 390 5.26 -36.89 -33.22
C LEU B 390 4.60 -37.81 -32.19
N GLY B 391 3.40 -38.31 -32.51
CA GLY B 391 2.69 -39.21 -31.62
C GLY B 391 2.00 -38.50 -30.46
N LEU B 392 1.33 -37.40 -30.78
CA LEU B 392 0.71 -36.56 -29.74
C LEU B 392 -0.81 -36.47 -29.88
N SER B 393 -1.45 -35.98 -28.82
CA SER B 393 -2.90 -35.77 -28.83
C SER B 393 -3.23 -34.41 -28.24
N PHE B 394 -3.68 -33.48 -29.08
CA PHE B 394 -4.05 -32.14 -28.62
C PHE B 394 -5.53 -32.11 -28.26
N GLU B 395 -5.89 -31.29 -27.27
CA GLU B 395 -7.26 -31.18 -26.84
C GLU B 395 -7.54 -29.80 -26.24
N GLN B 396 -8.48 -29.07 -26.84
CA GLN B 396 -8.77 -27.71 -26.43
C GLN B 396 -9.38 -27.64 -25.03
N VAL B 397 -8.89 -26.70 -24.22
CA VAL B 397 -9.43 -26.46 -22.89
C VAL B 397 -10.66 -25.55 -22.94
N PRO B 398 -11.80 -26.04 -22.42
CA PRO B 398 -13.09 -25.34 -22.46
C PRO B 398 -13.10 -23.97 -21.76
N ASP B 399 -13.41 -23.96 -20.47
CA ASP B 399 -13.58 -22.72 -19.71
C ASP B 399 -12.23 -22.15 -19.30
N ALA B 400 -11.46 -21.72 -20.29
CA ALA B 400 -10.02 -21.42 -20.12
C ALA B 400 -9.71 -19.99 -19.67
N HIS B 401 -8.82 -19.89 -18.69
CA HIS B 401 -8.25 -18.61 -18.29
C HIS B 401 -7.31 -18.14 -19.38
N VAL B 402 -7.55 -16.93 -19.88
CA VAL B 402 -6.77 -16.37 -20.99
C VAL B 402 -6.57 -14.87 -20.80
N TRP B 403 -5.56 -14.32 -21.47
CA TRP B 403 -5.29 -12.89 -21.39
C TRP B 403 -6.14 -12.12 -22.41
N ASN B 404 -6.83 -12.85 -23.28
CA ASN B 404 -7.68 -12.24 -24.28
C ASN B 404 -8.78 -13.21 -24.73
N LYS B 405 -9.89 -12.65 -25.19
CA LYS B 405 -11.06 -13.44 -25.56
C LYS B 405 -10.79 -14.33 -26.77
N SER B 406 -9.91 -13.87 -27.66
CA SER B 406 -9.65 -14.55 -28.92
C SER B 406 -8.61 -15.67 -28.80
N VAL B 407 -8.13 -15.91 -27.59
CA VAL B 407 -7.03 -16.87 -27.37
C VAL B 407 -7.52 -18.25 -26.93
N SER B 408 -7.01 -19.28 -27.59
CA SER B 408 -7.39 -20.67 -27.28
C SER B 408 -6.32 -21.33 -26.42
N LEU B 409 -6.68 -22.48 -25.82
CA LEU B 409 -5.75 -23.25 -24.99
C LEU B 409 -5.89 -24.73 -25.27
N TYR B 410 -4.78 -25.37 -25.61
CA TYR B 410 -4.77 -26.81 -25.91
C TYR B 410 -3.89 -27.56 -24.92
N THR B 411 -4.35 -28.73 -24.47
CA THR B 411 -3.53 -29.60 -23.63
C THR B 411 -2.87 -30.69 -24.49
N VAL B 412 -1.58 -30.90 -24.26
CA VAL B 412 -0.80 -31.79 -25.12
C VAL B 412 -0.49 -33.12 -24.42
N LYS B 413 -0.90 -34.22 -25.06
CA LYS B 413 -0.66 -35.55 -24.51
C LYS B 413 0.22 -36.40 -25.42
N ASP B 414 0.87 -37.40 -24.84
CA ASP B 414 1.53 -38.43 -25.61
C ASP B 414 0.53 -39.56 -25.89
N LYS B 415 0.44 -39.97 -27.15
CA LYS B 415 -0.57 -40.94 -27.58
C LYS B 415 -0.46 -42.30 -26.89
N ALA B 416 0.77 -42.79 -26.74
CA ALA B 416 1.00 -44.10 -26.15
C ALA B 416 0.65 -44.14 -24.66
N THR B 417 1.27 -43.25 -23.90
CA THR B 417 1.19 -43.28 -22.44
C THR B 417 0.05 -42.43 -21.86
N GLY B 418 -0.22 -41.30 -22.49
CA GLY B 418 -1.21 -40.36 -21.97
C GLY B 418 -0.53 -39.37 -21.04
N GLU B 419 0.79 -39.27 -21.14
CA GLU B 419 1.54 -38.31 -20.37
C GLU B 419 1.18 -36.91 -20.86
N VAL B 420 0.75 -36.05 -19.94
CA VAL B 420 0.53 -34.65 -20.26
C VAL B 420 1.88 -33.95 -20.28
N LEU B 421 2.34 -33.59 -21.46
CA LEU B 421 3.61 -32.91 -21.64
C LEU B 421 3.49 -31.40 -21.38
N GLY B 422 2.42 -30.79 -21.87
CA GLY B 422 2.25 -29.37 -21.69
C GLY B 422 1.00 -28.79 -22.31
N GLN B 423 1.08 -27.48 -22.59
CA GLN B 423 -0.05 -26.74 -23.10
C GLN B 423 0.46 -25.63 -23.99
N PHE B 424 -0.28 -25.31 -25.06
CA PHE B 424 0.04 -24.12 -25.84
C PHE B 424 -1.19 -23.24 -26.03
N TYR B 425 -0.99 -21.93 -25.97
CA TYR B 425 -2.04 -21.00 -26.34
C TYR B 425 -1.80 -20.61 -27.78
N LEU B 426 -2.88 -20.27 -28.48
CA LEU B 426 -2.75 -19.75 -29.84
C LEU B 426 -3.27 -18.32 -29.87
N ASP B 427 -2.37 -17.36 -30.01
CA ASP B 427 -2.75 -15.96 -30.13
C ASP B 427 -2.53 -15.52 -31.59
N LEU B 428 -3.62 -15.45 -32.35
CA LEU B 428 -3.55 -15.39 -33.80
C LEU B 428 -3.78 -14.02 -34.47
N TYR B 429 -4.61 -13.18 -33.87
CA TYR B 429 -5.08 -11.98 -34.54
C TYR B 429 -4.53 -10.70 -33.90
N PRO B 430 -4.31 -9.67 -34.73
CA PRO B 430 -3.72 -8.41 -34.23
C PRO B 430 -4.73 -7.53 -33.50
N ARG B 431 -4.28 -6.95 -32.41
CA ARG B 431 -5.03 -5.93 -31.69
C ARG B 431 -4.05 -4.90 -31.19
N GLU B 432 -4.55 -3.85 -30.55
CA GLU B 432 -3.68 -2.81 -30.01
C GLU B 432 -2.94 -3.29 -28.76
N GLY B 433 -1.64 -3.05 -28.75
CA GLY B 433 -0.81 -3.38 -27.59
C GLY B 433 -0.06 -4.70 -27.77
N LYS B 434 -0.37 -5.39 -28.87
CA LYS B 434 0.09 -6.75 -29.08
C LYS B 434 1.44 -6.82 -29.82
N TYR B 435 2.22 -7.86 -29.52
CA TYR B 435 3.47 -8.14 -30.21
C TYR B 435 3.20 -8.29 -31.70
N ASN B 436 3.82 -7.43 -32.51
CA ASN B 436 3.58 -7.42 -33.95
C ASN B 436 4.62 -8.18 -34.78
N HIS B 437 5.28 -9.14 -34.13
CA HIS B 437 6.11 -10.10 -34.84
C HIS B 437 5.61 -11.50 -34.49
N ALA B 438 6.09 -12.50 -35.20
CA ALA B 438 5.74 -13.88 -34.87
C ALA B 438 6.69 -14.42 -33.81
N ALA B 439 6.17 -15.15 -32.84
CA ALA B 439 6.99 -15.61 -31.73
C ALA B 439 6.38 -16.81 -31.01
N CYS B 440 7.25 -17.61 -30.41
CA CYS B 440 6.83 -18.60 -29.43
C CYS B 440 7.39 -18.19 -28.08
N PHE B 441 6.50 -17.86 -27.15
CA PHE B 441 6.91 -17.54 -25.80
C PHE B 441 6.82 -18.80 -24.94
N GLY B 442 7.90 -19.14 -24.25
CA GLY B 442 7.85 -20.18 -23.25
C GLY B 442 7.34 -19.55 -21.98
N LEU B 443 6.30 -20.12 -21.37
CA LEU B 443 5.73 -19.54 -20.17
C LEU B 443 6.01 -20.40 -18.95
N GLN B 444 6.11 -21.71 -19.16
CA GLN B 444 6.52 -22.65 -18.12
C GLN B 444 7.51 -23.66 -18.68
N PRO B 445 8.61 -23.90 -17.95
CA PRO B 445 9.60 -24.89 -18.36
C PRO B 445 9.16 -26.31 -17.98
N GLY B 446 9.51 -27.29 -18.80
CA GLY B 446 9.20 -28.68 -18.50
C GLY B 446 10.32 -29.31 -17.70
N CYS B 447 10.59 -28.77 -16.53
CA CYS B 447 11.68 -29.25 -15.68
C CYS B 447 11.15 -29.94 -14.43
N LEU B 448 12.06 -30.31 -13.55
CA LEU B 448 11.68 -30.86 -12.26
C LEU B 448 11.33 -29.73 -11.29
N LEU B 449 10.43 -30.03 -10.36
CA LEU B 449 10.11 -29.09 -9.29
C LEU B 449 10.85 -29.53 -8.03
N PRO B 450 11.06 -28.60 -7.07
CA PRO B 450 11.77 -28.89 -5.83
C PRO B 450 11.22 -30.09 -5.04
N ASP B 451 9.92 -30.34 -5.13
CA ASP B 451 9.30 -31.43 -4.37
C ASP B 451 9.40 -32.77 -5.09
N GLY B 452 10.34 -32.87 -6.02
CA GLY B 452 10.58 -34.10 -6.76
C GLY B 452 9.74 -34.20 -8.03
N SER B 453 8.72 -33.36 -8.12
CA SER B 453 7.72 -33.48 -9.18
C SER B 453 8.14 -32.84 -10.51
N ARG B 454 7.32 -33.05 -11.54
CA ARG B 454 7.57 -32.52 -12.87
C ARG B 454 6.61 -31.39 -13.22
N MET B 455 7.14 -30.34 -13.83
CA MET B 455 6.31 -29.21 -14.23
C MET B 455 5.79 -29.41 -15.64
N MET B 456 4.55 -28.99 -15.87
CA MET B 456 3.95 -29.06 -17.19
C MET B 456 4.50 -27.91 -18.03
N SER B 457 4.85 -28.19 -19.27
CA SER B 457 5.38 -27.16 -20.17
C SER B 457 4.24 -26.24 -20.60
N VAL B 458 4.50 -24.95 -20.73
CA VAL B 458 3.49 -24.03 -21.26
C VAL B 458 4.11 -23.07 -22.26
N ALA B 459 3.59 -23.09 -23.48
CA ALA B 459 4.06 -22.20 -24.53
C ALA B 459 2.93 -21.31 -25.02
N ALA B 460 3.29 -20.23 -25.72
CA ALA B 460 2.31 -19.36 -26.33
C ALA B 460 2.74 -19.03 -27.75
N LEU B 461 1.89 -19.36 -28.71
CA LEU B 461 2.15 -19.00 -30.10
C LEU B 461 1.49 -17.64 -30.36
N VAL B 462 2.32 -16.63 -30.59
CA VAL B 462 1.82 -15.27 -30.75
C VAL B 462 2.16 -14.70 -32.13
N VAL B 463 1.15 -14.63 -32.99
CA VAL B 463 1.32 -14.11 -34.34
C VAL B 463 0.23 -13.11 -34.70
N ASN B 464 0.37 -12.48 -35.86
CA ASN B 464 -0.61 -11.50 -36.31
C ASN B 464 -1.10 -11.78 -37.73
N PHE B 465 -1.83 -12.87 -37.89
CA PHE B 465 -2.44 -13.19 -39.18
C PHE B 465 -3.63 -12.27 -39.41
N SER B 466 -3.98 -12.03 -40.67
CA SER B 466 -4.95 -10.98 -41.01
C SER B 466 -6.31 -11.07 -40.30
N GLN B 467 -6.65 -9.97 -39.64
CA GLN B 467 -7.86 -9.85 -38.80
C GLN B 467 -9.16 -10.18 -39.54
N PRO B 468 -9.95 -11.10 -38.96
CA PRO B 468 -11.23 -11.51 -39.54
C PRO B 468 -12.20 -10.35 -39.65
N VAL B 469 -12.77 -10.16 -40.84
CA VAL B 469 -13.77 -9.12 -41.05
C VAL B 469 -15.09 -9.78 -41.47
N ALA B 470 -16.19 -9.23 -40.97
CA ALA B 470 -17.51 -9.86 -41.07
C ALA B 470 -17.96 -10.28 -42.47
N GLY B 471 -17.23 -9.85 -43.50
CA GLY B 471 -17.47 -10.34 -44.84
C GLY B 471 -17.16 -11.82 -44.92
N ARG B 472 -15.90 -12.14 -45.21
CA ARG B 472 -15.47 -13.53 -45.36
C ARG B 472 -14.82 -14.08 -44.10
N PRO B 473 -14.49 -15.39 -44.13
CA PRO B 473 -13.46 -15.97 -43.28
C PRO B 473 -12.17 -15.15 -43.33
N SER B 474 -11.43 -15.13 -42.24
CA SER B 474 -10.06 -14.68 -42.25
C SER B 474 -9.29 -15.63 -43.14
N LEU B 475 -8.39 -15.10 -43.97
CA LEU B 475 -7.68 -15.94 -44.94
C LEU B 475 -6.17 -15.71 -44.91
N LEU B 476 -5.41 -16.76 -45.18
CA LEU B 476 -3.95 -16.73 -45.03
C LEU B 476 -3.19 -16.85 -46.35
N ARG B 477 -2.19 -15.99 -46.53
CA ARG B 477 -1.25 -16.14 -47.64
C ARG B 477 -0.34 -17.31 -47.33
N HIS B 478 0.35 -17.83 -48.34
CA HIS B 478 1.22 -18.99 -48.14
C HIS B 478 2.41 -18.66 -47.23
N ASP B 479 2.83 -17.40 -47.22
CA ASP B 479 3.94 -16.97 -46.37
C ASP B 479 3.47 -16.79 -44.93
N GLU B 480 2.16 -16.86 -44.73
CA GLU B 480 1.58 -16.83 -43.39
C GLU B 480 1.45 -18.26 -42.87
N VAL B 481 1.25 -19.20 -43.77
CA VAL B 481 1.23 -20.62 -43.42
C VAL B 481 2.64 -21.07 -43.06
N ARG B 482 3.62 -20.44 -43.70
CA ARG B 482 5.02 -20.74 -43.47
C ARG B 482 5.45 -20.24 -42.10
N THR B 483 4.81 -19.17 -41.65
CA THR B 483 5.09 -18.57 -40.35
C THR B 483 4.39 -19.34 -39.23
N TYR B 484 3.17 -19.79 -39.52
CA TYR B 484 2.40 -20.62 -38.60
C TYR B 484 3.18 -21.88 -38.30
N PHE B 485 3.73 -22.49 -39.35
CA PHE B 485 4.48 -23.74 -39.24
C PHE B 485 5.84 -23.55 -38.56
N HIS B 486 6.49 -22.43 -38.85
CA HIS B 486 7.79 -22.11 -38.25
C HIS B 486 7.63 -21.95 -36.75
N GLU B 487 6.59 -21.23 -36.34
CA GLU B 487 6.39 -20.86 -34.95
C GLU B 487 5.81 -22.00 -34.11
N PHE B 488 5.31 -23.05 -34.77
CA PHE B 488 4.70 -24.16 -34.05
C PHE B 488 5.73 -25.23 -33.73
N GLY B 489 6.84 -25.23 -34.46
CA GLY B 489 7.93 -26.14 -34.19
C GLY B 489 8.74 -25.66 -33.00
N HIS B 490 8.65 -24.37 -32.71
CA HIS B 490 9.21 -23.82 -31.49
C HIS B 490 8.35 -24.28 -30.31
N VAL B 491 7.04 -24.27 -30.54
CA VAL B 491 6.08 -24.71 -29.53
C VAL B 491 6.28 -26.18 -29.19
N MET B 492 6.52 -27.00 -30.21
CA MET B 492 6.76 -28.43 -30.01
C MET B 492 8.12 -28.68 -29.37
N HIS B 493 9.08 -27.80 -29.67
CA HIS B 493 10.41 -27.88 -29.06
C HIS B 493 10.29 -27.59 -27.57
N GLN B 494 9.45 -26.60 -27.25
CA GLN B 494 9.26 -26.17 -25.87
C GLN B 494 8.54 -27.25 -25.05
N ILE B 495 7.52 -27.84 -25.65
CA ILE B 495 6.64 -28.78 -24.95
C ILE B 495 7.21 -30.21 -24.84
N CYS B 496 7.79 -30.70 -25.93
CA CYS B 496 8.37 -32.04 -25.94
C CYS B 496 9.66 -32.14 -25.12
N ALA B 497 10.23 -31.00 -24.76
CA ALA B 497 11.48 -30.98 -24.00
C ALA B 497 11.26 -31.36 -22.55
N GLN B 498 12.10 -32.26 -22.03
CA GLN B 498 12.01 -32.70 -20.64
C GLN B 498 13.40 -32.79 -20.01
N THR B 499 13.71 -31.85 -19.12
CA THR B 499 15.00 -31.80 -18.47
C THR B 499 14.88 -31.78 -16.95
N ASP B 500 16.01 -31.91 -16.26
CA ASP B 500 16.03 -31.91 -14.80
C ASP B 500 16.15 -30.49 -14.25
N PHE B 501 16.88 -29.64 -14.96
CA PHE B 501 17.07 -28.25 -14.54
C PHE B 501 16.38 -27.27 -15.49
N ALA B 502 15.90 -26.16 -14.94
CA ALA B 502 15.15 -25.18 -15.72
C ALA B 502 16.02 -24.47 -16.76
N ARG B 503 17.33 -24.43 -16.54
CA ARG B 503 18.24 -23.72 -17.43
C ARG B 503 18.38 -24.44 -18.77
N PHE B 504 18.09 -25.74 -18.77
CA PHE B 504 18.23 -26.55 -19.97
C PHE B 504 16.86 -26.90 -20.57
N SER B 505 15.81 -26.43 -19.92
CA SER B 505 14.44 -26.75 -20.32
C SER B 505 13.95 -25.98 -21.54
N GLY B 506 13.19 -26.68 -22.39
CA GLY B 506 12.55 -26.05 -23.53
C GLY B 506 13.51 -25.65 -24.64
N THR B 507 13.34 -24.42 -25.12
CA THR B 507 14.09 -23.92 -26.26
C THR B 507 15.47 -23.39 -25.89
N ASN B 508 15.86 -23.60 -24.63
CA ASN B 508 17.15 -23.08 -24.13
C ASN B 508 18.37 -23.85 -24.65
N VAL B 509 18.49 -23.93 -25.97
CA VAL B 509 19.66 -24.51 -26.61
C VAL B 509 20.54 -23.38 -27.15
N GLU B 510 21.56 -23.73 -27.93
CA GLU B 510 22.44 -22.73 -28.53
C GLU B 510 21.66 -21.84 -29.50
N THR B 511 22.15 -20.63 -29.69
CA THR B 511 21.43 -19.64 -30.48
C THR B 511 21.58 -19.87 -31.99
N ASP B 512 22.56 -20.66 -32.38
CA ASP B 512 22.69 -21.06 -33.78
C ASP B 512 22.02 -22.42 -33.96
N PHE B 513 21.22 -22.81 -32.98
CA PHE B 513 20.52 -24.09 -33.01
C PHE B 513 19.03 -23.95 -32.71
N VAL B 514 18.64 -22.82 -32.11
CA VAL B 514 17.25 -22.57 -31.72
C VAL B 514 16.28 -22.61 -32.91
N GLU B 515 16.81 -22.31 -34.10
CA GLU B 515 15.98 -22.16 -35.28
C GLU B 515 15.99 -23.39 -36.19
N VAL B 516 16.61 -24.47 -35.73
CA VAL B 516 16.56 -25.75 -36.43
C VAL B 516 15.19 -26.44 -36.34
N PRO B 517 14.63 -26.57 -35.12
CA PRO B 517 13.30 -27.21 -35.04
C PRO B 517 12.20 -26.37 -35.67
N SER B 518 12.48 -25.09 -35.89
CA SER B 518 11.50 -24.20 -36.51
C SER B 518 11.58 -24.25 -38.03
N GLN B 519 12.79 -24.17 -38.56
CA GLN B 519 13.01 -24.15 -40.00
C GLN B 519 12.73 -25.49 -40.67
N MET B 520 12.88 -26.57 -39.92
CA MET B 520 12.77 -27.90 -40.49
C MET B 520 11.34 -28.21 -40.86
N LEU B 521 10.40 -27.62 -40.13
CA LEU B 521 8.99 -27.91 -40.34
C LEU B 521 8.36 -26.92 -41.32
N GLU B 522 9.14 -25.94 -41.75
CA GLU B 522 8.72 -25.08 -42.85
C GLU B 522 8.74 -25.90 -44.13
N ASN B 523 9.55 -26.95 -44.13
CA ASN B 523 9.68 -27.84 -45.27
C ASN B 523 8.37 -28.54 -45.65
N TRP B 524 7.47 -28.62 -44.68
CA TRP B 524 6.19 -29.30 -44.89
C TRP B 524 5.22 -28.51 -45.76
N VAL B 525 5.33 -27.18 -45.73
CA VAL B 525 4.44 -26.35 -46.54
C VAL B 525 4.94 -26.23 -47.98
N TRP B 526 6.04 -26.90 -48.27
CA TRP B 526 6.54 -27.01 -49.64
C TRP B 526 6.41 -28.45 -50.12
N ASP B 527 5.53 -29.19 -49.46
CA ASP B 527 5.23 -30.57 -49.87
C ASP B 527 3.82 -30.64 -50.46
N VAL B 528 3.68 -31.39 -51.54
CA VAL B 528 2.42 -31.47 -52.28
C VAL B 528 1.29 -32.09 -51.45
N ASP B 529 1.51 -33.30 -50.95
CA ASP B 529 0.53 -34.03 -50.17
C ASP B 529 0.10 -33.26 -48.92
N SER B 530 1.08 -32.64 -48.27
CA SER B 530 0.84 -31.93 -47.01
C SER B 530 0.05 -30.64 -47.22
N LEU B 531 0.25 -29.97 -48.36
CA LEU B 531 -0.45 -28.73 -48.67
C LEU B 531 -1.94 -28.98 -48.87
N ARG B 532 -2.28 -30.21 -49.25
CA ARG B 532 -3.66 -30.63 -49.45
C ARG B 532 -4.38 -30.79 -48.12
N LYS B 533 -3.60 -31.04 -47.06
CA LYS B 533 -4.15 -31.17 -45.72
C LYS B 533 -4.48 -29.80 -45.13
N LEU B 534 -4.00 -28.76 -45.79
CA LEU B 534 -4.17 -27.40 -45.30
C LEU B 534 -5.09 -26.58 -46.19
N SER B 535 -5.14 -26.94 -47.46
CA SER B 535 -5.85 -26.12 -48.45
C SER B 535 -7.27 -26.62 -48.71
N LYS B 536 -8.23 -25.70 -48.61
CA LYS B 536 -9.62 -26.01 -48.84
C LYS B 536 -10.36 -24.71 -49.13
N HIS B 537 -10.79 -24.54 -50.38
CA HIS B 537 -11.43 -23.29 -50.78
C HIS B 537 -12.65 -22.97 -49.92
N TYR B 538 -12.69 -21.74 -49.42
CA TYR B 538 -13.68 -21.32 -48.43
C TYR B 538 -15.09 -21.14 -48.98
N LYS B 539 -15.30 -21.52 -50.24
CA LYS B 539 -16.59 -21.31 -50.88
C LYS B 539 -17.31 -22.62 -51.23
N ASP B 540 -16.57 -23.63 -51.65
CA ASP B 540 -17.09 -24.99 -51.72
C ASP B 540 -16.24 -25.88 -50.82
N GLY B 541 -14.96 -25.98 -51.15
CA GLY B 541 -14.05 -26.88 -50.48
C GLY B 541 -13.38 -27.74 -51.52
N HIS B 542 -13.23 -27.18 -52.71
CA HIS B 542 -12.44 -27.83 -53.74
C HIS B 542 -10.99 -27.43 -53.54
N PRO B 543 -10.06 -28.38 -53.68
CA PRO B 543 -8.65 -28.12 -53.45
C PRO B 543 -8.04 -27.13 -54.43
N ILE B 544 -6.80 -26.75 -54.16
CA ILE B 544 -5.97 -26.08 -55.15
C ILE B 544 -5.78 -27.08 -56.27
N THR B 545 -5.77 -26.61 -57.51
CA THR B 545 -5.55 -27.52 -58.63
C THR B 545 -4.09 -27.97 -58.69
N ASP B 546 -3.78 -28.82 -59.66
CA ASP B 546 -2.46 -29.42 -59.77
C ASP B 546 -1.43 -28.46 -60.40
N GLU B 547 -1.91 -27.58 -61.28
CA GLU B 547 -1.05 -26.62 -61.98
C GLU B 547 -0.62 -25.54 -61.00
N LEU B 548 -1.53 -25.20 -60.08
CA LEU B 548 -1.27 -24.14 -59.11
C LEU B 548 -0.40 -24.65 -57.96
N LEU B 549 -0.59 -25.91 -57.59
CA LEU B 549 0.21 -26.54 -56.54
C LEU B 549 1.64 -26.70 -57.00
N GLU B 550 1.81 -26.86 -58.30
CA GLU B 550 3.13 -27.08 -58.88
C GLU B 550 3.84 -25.76 -59.17
N LYS B 551 3.07 -24.73 -59.51
CA LYS B 551 3.62 -23.38 -59.63
C LYS B 551 4.15 -22.96 -58.26
N LEU B 552 3.46 -23.40 -57.23
CA LEU B 552 3.80 -23.05 -55.84
C LEU B 552 5.17 -23.59 -55.45
N VAL B 553 5.30 -24.91 -55.39
CA VAL B 553 6.51 -25.55 -54.89
C VAL B 553 7.71 -25.41 -55.84
N ALA B 554 7.49 -24.85 -57.03
CA ALA B 554 8.59 -24.55 -57.93
C ALA B 554 9.14 -23.17 -57.60
N SER B 555 8.37 -22.41 -56.83
CA SER B 555 8.75 -21.06 -56.47
C SER B 555 9.48 -21.01 -55.11
N ARG B 556 9.97 -22.16 -54.67
CA ARG B 556 10.71 -22.22 -53.42
C ARG B 556 12.05 -21.52 -53.58
N LEU B 557 12.58 -21.57 -54.80
CA LEU B 557 13.90 -21.03 -55.08
C LEU B 557 13.88 -19.93 -56.13
N VAL B 558 12.88 -19.04 -56.04
CA VAL B 558 12.94 -17.81 -56.82
C VAL B 558 13.93 -16.92 -56.10
N ASN B 559 14.83 -16.29 -56.86
CA ASN B 559 15.75 -15.31 -56.29
C ASN B 559 16.60 -15.82 -55.11
N THR B 560 16.82 -17.14 -55.03
CA THR B 560 17.56 -17.73 -53.90
C THR B 560 18.98 -17.20 -53.78
N GLY B 561 19.71 -17.18 -54.89
CA GLY B 561 21.09 -16.73 -54.91
C GLY B 561 21.27 -15.34 -54.32
N LEU B 562 20.58 -14.36 -54.90
CA LEU B 562 20.69 -12.98 -54.46
C LEU B 562 20.03 -12.71 -53.10
N LEU B 563 19.17 -13.61 -52.66
CA LEU B 563 18.57 -13.50 -51.34
C LEU B 563 19.45 -14.14 -50.27
N THR B 564 20.21 -15.15 -50.67
CA THR B 564 21.09 -15.85 -49.75
C THR B 564 22.45 -15.18 -49.69
N LEU B 565 22.86 -14.55 -50.80
CA LEU B 565 24.11 -13.80 -50.83
C LEU B 565 24.00 -12.53 -50.00
N ARG B 566 22.77 -12.06 -49.82
CA ARG B 566 22.52 -10.83 -49.05
C ARG B 566 22.43 -11.12 -47.55
N GLN B 567 22.17 -12.38 -47.21
CA GLN B 567 22.19 -12.80 -45.81
C GLN B 567 23.63 -13.01 -45.37
N ILE B 568 24.47 -13.39 -46.32
CA ILE B 568 25.89 -13.58 -46.07
C ILE B 568 26.61 -12.24 -45.92
N VAL B 569 26.17 -11.25 -46.70
CA VAL B 569 26.69 -9.89 -46.60
C VAL B 569 26.48 -9.36 -45.18
N LEU B 570 25.26 -9.52 -44.68
CA LEU B 570 24.92 -9.07 -43.33
C LEU B 570 25.63 -9.91 -42.27
N SER B 571 25.89 -11.18 -42.59
CA SER B 571 26.61 -12.06 -41.68
C SER B 571 28.10 -11.72 -41.65
N LYS B 572 28.67 -11.42 -42.82
CA LYS B 572 30.07 -11.01 -42.90
C LYS B 572 30.26 -9.65 -42.24
N VAL B 573 29.22 -8.83 -42.29
CA VAL B 573 29.24 -7.51 -41.65
C VAL B 573 29.21 -7.62 -40.13
N ASP B 574 28.29 -8.43 -39.62
CA ASP B 574 28.14 -8.65 -38.18
C ASP B 574 29.38 -9.32 -37.61
N GLN B 575 29.99 -10.20 -38.40
CA GLN B 575 31.21 -10.89 -37.97
C GLN B 575 32.43 -9.98 -38.00
N SER B 576 32.43 -9.02 -38.92
CA SER B 576 33.59 -8.14 -39.12
C SER B 576 33.69 -7.08 -38.03
N LEU B 577 32.56 -6.48 -37.67
CA LEU B 577 32.55 -5.42 -36.67
C LEU B 577 32.82 -5.97 -35.26
N HIS B 578 32.73 -7.29 -35.10
CA HIS B 578 33.03 -7.92 -33.83
C HIS B 578 34.30 -8.78 -33.91
N THR B 579 35.15 -8.46 -34.88
CA THR B 579 36.44 -9.10 -35.02
C THR B 579 37.54 -8.05 -35.14
N ASN B 580 37.31 -7.06 -35.99
CA ASN B 580 38.18 -5.91 -36.12
C ASN B 580 37.38 -4.63 -35.95
N ALA B 581 37.37 -4.10 -34.73
CA ALA B 581 36.54 -2.94 -34.37
C ALA B 581 37.14 -1.60 -34.82
N THR B 582 38.21 -1.66 -35.61
CA THR B 582 38.89 -0.46 -36.07
C THR B 582 38.51 -0.11 -37.50
N LEU B 583 37.54 -0.83 -38.05
CA LEU B 583 37.11 -0.64 -39.43
C LEU B 583 35.85 0.20 -39.52
N ASP B 584 35.76 1.01 -40.57
CA ASP B 584 34.54 1.73 -40.89
C ASP B 584 33.44 0.69 -41.17
N ALA B 585 32.31 0.81 -40.49
CA ALA B 585 31.23 -0.15 -40.65
C ALA B 585 30.63 -0.03 -42.05
N ALA B 586 30.55 1.20 -42.54
CA ALA B 586 29.96 1.48 -43.84
C ALA B 586 30.86 1.03 -44.98
N SER B 587 32.17 1.06 -44.76
CA SER B 587 33.12 0.68 -45.79
C SER B 587 33.31 -0.83 -45.86
N GLU B 588 32.93 -1.52 -44.78
CA GLU B 588 32.91 -2.98 -44.79
C GLU B 588 31.65 -3.47 -45.50
N TYR B 589 30.54 -2.81 -45.20
CA TYR B 589 29.26 -3.13 -45.86
C TYR B 589 29.36 -2.90 -47.36
N ALA B 590 30.05 -1.82 -47.73
CA ALA B 590 30.30 -1.53 -49.14
C ALA B 590 31.15 -2.63 -49.77
N LYS B 591 32.17 -3.06 -49.05
CA LYS B 591 33.11 -4.05 -49.55
C LYS B 591 32.45 -5.42 -49.81
N TYR B 592 31.54 -5.81 -48.94
CA TYR B 592 30.86 -7.10 -49.08
C TYR B 592 29.74 -7.05 -50.11
N CYS B 593 29.10 -5.88 -50.23
CA CYS B 593 28.01 -5.70 -51.18
C CYS B 593 28.47 -5.87 -52.63
N THR B 594 29.73 -5.54 -52.91
CA THR B 594 30.27 -5.62 -54.25
C THR B 594 31.02 -6.92 -54.50
N GLU B 595 31.61 -7.49 -53.44
CA GLU B 595 32.39 -8.71 -53.58
C GLU B 595 31.53 -9.97 -53.48
N ILE B 596 30.44 -9.89 -52.73
CA ILE B 596 29.57 -11.05 -52.54
C ILE B 596 28.25 -10.92 -53.28
N LEU B 597 27.59 -9.78 -53.12
CA LEU B 597 26.26 -9.58 -53.68
C LEU B 597 26.29 -9.16 -55.15
N GLY B 598 27.28 -8.34 -55.52
CA GLY B 598 27.38 -7.83 -56.87
C GLY B 598 26.48 -6.62 -57.09
N VAL B 599 25.83 -6.19 -56.02
CA VAL B 599 25.00 -4.99 -56.07
C VAL B 599 25.56 -3.96 -55.09
N ALA B 600 26.07 -2.86 -55.64
CA ALA B 600 26.86 -1.89 -54.86
C ALA B 600 26.07 -1.09 -53.82
N ALA B 601 26.69 -0.90 -52.66
CA ALA B 601 26.15 0.01 -51.65
C ALA B 601 26.19 1.43 -52.19
N THR B 602 25.14 2.19 -51.92
CA THR B 602 25.00 3.54 -52.48
C THR B 602 25.91 4.56 -51.78
N PRO B 603 26.67 5.33 -52.57
CA PRO B 603 27.52 6.40 -52.05
C PRO B 603 26.74 7.39 -51.18
N GLY B 604 27.18 7.57 -49.95
CA GLY B 604 26.54 8.51 -49.04
C GLY B 604 25.68 7.84 -47.97
N THR B 605 25.51 6.52 -48.07
CA THR B 605 24.65 5.77 -47.16
C THR B 605 25.43 5.13 -46.00
N ASN B 606 24.70 4.79 -44.95
CA ASN B 606 25.27 4.03 -43.84
C ASN B 606 24.27 3.00 -43.31
N MET B 607 24.24 1.85 -43.98
CA MET B 607 23.34 0.76 -43.61
C MET B 607 23.56 0.22 -42.17
N PRO B 608 24.83 -0.01 -41.77
CA PRO B 608 25.02 -0.47 -40.38
C PRO B 608 24.54 0.51 -39.32
N ALA B 609 24.31 1.77 -39.68
CA ALA B 609 23.79 2.74 -38.72
C ALA B 609 22.27 2.59 -38.55
N THR B 610 21.69 1.70 -39.36
CA THR B 610 20.28 1.38 -39.28
C THR B 610 20.09 -0.07 -38.86
N PHE B 611 21.18 -0.82 -38.88
CA PHE B 611 21.17 -2.24 -38.53
C PHE B 611 20.86 -2.42 -37.03
N GLY B 612 19.59 -2.68 -36.72
CA GLY B 612 19.17 -2.79 -35.34
C GLY B 612 19.59 -4.06 -34.62
N HIS B 613 20.10 -5.03 -35.37
CA HIS B 613 20.53 -6.30 -34.80
C HIS B 613 21.82 -6.13 -33.99
N LEU B 614 22.63 -5.16 -34.38
CA LEU B 614 23.90 -4.89 -33.72
C LEU B 614 23.69 -4.34 -32.32
N ALA B 615 22.55 -3.71 -32.09
CA ALA B 615 22.21 -3.19 -30.77
C ALA B 615 20.99 -3.91 -30.19
N GLY B 616 20.52 -4.92 -30.92
CA GLY B 616 19.61 -5.90 -30.38
C GLY B 616 20.47 -6.89 -29.59
N GLY B 617 19.87 -7.97 -29.12
CA GLY B 617 20.63 -8.90 -28.29
C GLY B 617 21.50 -9.91 -29.03
N TYR B 618 21.46 -9.88 -30.36
CA TYR B 618 22.12 -10.94 -31.14
C TYR B 618 23.24 -10.44 -32.06
N ASP B 619 24.10 -9.58 -31.50
CA ASP B 619 25.33 -9.20 -32.15
C ASP B 619 26.26 -10.41 -32.21
N GLY B 620 27.03 -10.52 -33.29
CA GLY B 620 27.97 -11.63 -33.47
C GLY B 620 27.28 -12.96 -33.74
N GLN B 621 25.99 -12.90 -34.08
CA GLN B 621 25.15 -14.10 -34.14
C GLN B 621 24.30 -14.21 -35.39
N TYR B 622 24.51 -13.33 -36.37
CA TYR B 622 23.65 -13.27 -37.55
C TYR B 622 23.86 -14.46 -38.49
N TYR B 623 25.02 -15.08 -38.39
CA TYR B 623 25.35 -16.26 -39.19
C TYR B 623 24.39 -17.42 -38.89
N GLY B 624 23.85 -17.42 -37.68
CA GLY B 624 23.14 -18.57 -37.15
C GLY B 624 21.78 -18.93 -37.72
N TYR B 625 21.34 -18.20 -38.75
CA TYR B 625 20.07 -18.54 -39.39
C TYR B 625 20.33 -19.28 -40.68
N LEU B 626 21.51 -19.10 -41.25
CA LEU B 626 21.98 -19.89 -42.38
C LEU B 626 22.67 -21.13 -41.85
N TRP B 627 23.24 -21.01 -40.66
CA TRP B 627 23.86 -22.14 -39.98
C TRP B 627 22.81 -23.19 -39.69
N SER B 628 21.67 -22.73 -39.17
CA SER B 628 20.58 -23.61 -38.76
C SER B 628 19.80 -24.22 -39.93
N GLU B 629 19.84 -23.57 -41.08
CA GLU B 629 19.11 -24.08 -42.25
C GLU B 629 19.78 -25.32 -42.80
N VAL B 630 21.11 -25.31 -42.81
CA VAL B 630 21.90 -26.44 -43.29
C VAL B 630 21.57 -27.72 -42.52
N PHE B 631 21.45 -27.60 -41.20
CA PHE B 631 21.18 -28.74 -40.33
C PHE B 631 19.77 -29.30 -40.55
N SER B 632 18.81 -28.40 -40.76
CA SER B 632 17.42 -28.80 -40.96
C SER B 632 17.20 -29.34 -42.36
N MET B 633 18.02 -28.90 -43.31
CA MET B 633 17.97 -29.42 -44.67
C MET B 633 18.53 -30.83 -44.72
N ASP B 634 19.53 -31.08 -43.87
CA ASP B 634 20.15 -32.40 -43.80
C ASP B 634 19.18 -33.38 -43.17
N MET B 635 18.58 -32.98 -42.06
CA MET B 635 17.65 -33.85 -41.33
C MET B 635 16.36 -34.13 -42.12
N PHE B 636 16.03 -33.26 -43.06
CA PHE B 636 14.82 -33.41 -43.86
C PHE B 636 15.05 -34.31 -45.09
N HIS B 637 16.09 -34.01 -45.85
CA HIS B 637 16.40 -34.73 -47.08
C HIS B 637 16.96 -36.13 -46.82
N SER B 638 17.86 -36.24 -45.85
CA SER B 638 18.57 -37.50 -45.61
C SER B 638 17.82 -38.46 -44.68
N CYS B 639 16.79 -37.95 -44.00
CA CYS B 639 16.11 -38.74 -42.98
C CYS B 639 14.58 -38.78 -43.14
N PHE B 640 13.99 -37.65 -43.50
CA PHE B 640 12.54 -37.56 -43.62
C PHE B 640 12.05 -37.79 -45.04
N LYS B 641 12.69 -37.12 -46.00
CA LYS B 641 12.33 -37.28 -47.41
C LYS B 641 12.63 -38.71 -47.84
N LYS B 642 13.68 -39.28 -47.26
CA LYS B 642 14.09 -40.65 -47.56
C LYS B 642 13.07 -41.64 -47.00
N GLU B 643 12.86 -41.61 -45.69
CA GLU B 643 12.06 -42.61 -45.01
C GLU B 643 10.54 -42.33 -44.95
N GLY B 644 10.08 -41.33 -45.69
CA GLY B 644 8.69 -40.92 -45.60
C GLY B 644 8.52 -39.79 -44.59
N ILE B 645 8.01 -38.66 -45.06
CA ILE B 645 7.98 -37.45 -44.23
C ILE B 645 6.84 -37.44 -43.21
N MET B 646 5.98 -38.44 -43.25
CA MET B 646 4.92 -38.56 -42.26
C MET B 646 5.12 -39.82 -41.43
N ASN B 647 6.29 -40.45 -41.61
CA ASN B 647 6.63 -41.67 -40.88
C ASN B 647 6.84 -41.42 -39.40
N PRO B 648 6.06 -42.11 -38.55
CA PRO B 648 6.06 -41.90 -37.10
C PRO B 648 7.17 -42.69 -36.40
N GLU B 649 8.22 -43.03 -37.13
CA GLU B 649 9.39 -43.66 -36.53
C GLU B 649 10.59 -42.73 -36.67
N VAL B 650 10.60 -41.98 -37.77
CA VAL B 650 11.55 -40.89 -37.91
C VAL B 650 11.00 -39.76 -37.05
N GLY B 651 9.68 -39.69 -36.95
CA GLY B 651 8.99 -38.65 -36.23
C GLY B 651 9.16 -38.72 -34.72
N MET B 652 9.29 -39.95 -34.20
CA MET B 652 9.51 -40.16 -32.78
C MET B 652 10.99 -40.02 -32.44
N LYS B 653 11.84 -40.38 -33.39
CA LYS B 653 13.29 -40.24 -33.24
C LYS B 653 13.68 -38.77 -33.30
N TYR B 654 12.90 -37.98 -34.02
CA TYR B 654 13.10 -36.54 -34.07
C TYR B 654 12.60 -35.90 -32.79
N ARG B 655 11.53 -36.48 -32.22
CA ARG B 655 10.96 -35.99 -30.97
C ARG B 655 11.89 -36.27 -29.79
N ASN B 656 12.57 -37.42 -29.85
CA ASN B 656 13.35 -37.91 -28.70
C ASN B 656 14.82 -37.46 -28.67
N LEU B 657 15.43 -37.26 -29.83
CA LEU B 657 16.86 -36.99 -29.90
C LEU B 657 17.18 -35.55 -30.33
N ILE B 658 16.15 -34.76 -30.57
CA ILE B 658 16.32 -33.35 -30.92
C ILE B 658 15.54 -32.46 -29.96
N LEU B 659 14.28 -32.78 -29.75
CA LEU B 659 13.38 -31.93 -28.99
C LEU B 659 13.39 -32.22 -27.49
N LYS B 660 13.33 -33.50 -27.13
CA LYS B 660 13.20 -33.91 -25.74
C LYS B 660 14.35 -33.51 -24.80
N PRO B 661 15.63 -33.74 -25.20
CA PRO B 661 16.71 -33.42 -24.24
C PRO B 661 16.90 -31.93 -23.98
N GLY B 662 16.26 -31.07 -24.77
CA GLY B 662 16.36 -29.63 -24.59
C GLY B 662 17.78 -29.13 -24.76
N GLY B 663 18.25 -28.33 -23.81
CA GLY B 663 19.61 -27.84 -23.83
C GLY B 663 20.50 -28.61 -22.88
N SER B 664 20.07 -29.80 -22.49
CA SER B 664 20.83 -30.62 -21.57
C SER B 664 21.89 -31.47 -22.29
N LEU B 665 21.87 -31.42 -23.61
CA LEU B 665 22.92 -32.02 -24.44
C LEU B 665 23.40 -30.97 -25.44
N ASP B 666 24.56 -31.18 -26.03
CA ASP B 666 25.05 -30.24 -27.04
C ASP B 666 24.33 -30.43 -28.37
N GLY B 667 24.27 -29.35 -29.16
CA GLY B 667 23.54 -29.35 -30.41
C GLY B 667 24.05 -30.32 -31.47
N MET B 668 25.37 -30.47 -31.55
CA MET B 668 25.98 -31.32 -32.56
C MET B 668 26.00 -32.78 -32.11
N ASP B 669 25.75 -33.01 -30.82
CA ASP B 669 25.62 -34.37 -30.30
C ASP B 669 24.21 -34.89 -30.58
N MET B 670 23.22 -34.04 -30.30
CA MET B 670 21.84 -34.35 -30.60
C MET B 670 21.67 -34.58 -32.11
N LEU B 671 22.46 -33.84 -32.88
CA LEU B 671 22.47 -33.99 -34.33
C LEU B 671 22.98 -35.36 -34.74
N GLN B 672 24.12 -35.75 -34.20
CA GLN B 672 24.78 -36.99 -34.59
C GLN B 672 24.12 -38.24 -34.00
N ASN B 673 23.27 -38.06 -33.00
CA ASN B 673 22.48 -39.17 -32.47
C ASN B 673 21.33 -39.49 -33.39
N PHE B 674 21.10 -38.61 -34.36
CA PHE B 674 19.94 -38.70 -35.23
C PHE B 674 20.32 -39.05 -36.67
N LEU B 675 21.27 -38.31 -37.22
CA LEU B 675 21.78 -38.59 -38.56
C LEU B 675 22.72 -39.78 -38.52
N GLN B 676 23.20 -40.09 -37.31
CA GLN B 676 24.19 -41.15 -37.07
C GLN B 676 25.52 -40.84 -37.75
N ARG B 677 25.76 -39.55 -37.99
CA ARG B 677 26.99 -39.08 -38.61
C ARG B 677 27.10 -37.57 -38.49
N GLU B 678 28.29 -37.03 -38.76
CA GLU B 678 28.46 -35.59 -38.81
C GLU B 678 27.69 -35.05 -40.00
N PRO B 679 26.95 -33.95 -39.81
CA PRO B 679 26.15 -33.35 -40.88
C PRO B 679 27.01 -32.69 -41.94
N ASN B 680 26.45 -32.52 -43.13
CA ASN B 680 27.13 -31.81 -44.21
C ASN B 680 26.20 -30.83 -44.93
N GLN B 681 26.77 -30.04 -45.82
CA GLN B 681 26.04 -28.99 -46.52
C GLN B 681 25.42 -29.49 -47.83
N LYS B 682 25.50 -30.80 -48.05
CA LYS B 682 25.08 -31.38 -49.32
C LYS B 682 23.60 -31.20 -49.62
N ALA B 683 22.75 -31.48 -48.63
CA ALA B 683 21.32 -31.31 -48.80
C ALA B 683 20.94 -29.83 -48.85
N PHE B 684 21.82 -28.98 -48.31
CA PHE B 684 21.60 -27.55 -48.33
C PHE B 684 21.90 -26.99 -49.72
N LEU B 685 22.96 -27.50 -50.34
CA LEU B 685 23.34 -27.09 -51.68
C LEU B 685 22.37 -27.65 -52.71
N MET B 686 21.74 -28.77 -52.36
CA MET B 686 20.80 -29.42 -53.24
C MET B 686 19.41 -28.83 -53.00
N SER B 687 19.25 -28.14 -51.88
CA SER B 687 18.06 -27.36 -51.65
C SER B 687 18.03 -26.22 -52.66
N ARG B 688 19.03 -25.34 -52.60
CA ARG B 688 19.15 -24.22 -53.53
C ARG B 688 19.36 -24.67 -54.98
N GLY B 689 19.85 -25.89 -55.15
CA GLY B 689 20.09 -26.41 -56.49
C GLY B 689 21.47 -26.12 -57.03
N LEU B 690 22.49 -26.54 -56.27
CA LEU B 690 23.88 -26.44 -56.73
C LEU B 690 24.56 -27.80 -56.55
#